data_4P3N
#
_entry.id   4P3N
#
_cell.length_a   63.870
_cell.length_b   78.000
_cell.length_c   118.050
_cell.angle_alpha   86.990
_cell.angle_beta   83.320
_cell.angle_gamma   84.390
#
_symmetry.space_group_name_H-M   'P 1'
#
loop_
_entity.id
_entity.type
_entity.pdbx_description
1 polymer 'Threonine--tRNA ligase, cytoplasmic'
2 non-polymer '(1R,2R)-2-[(2S,4E,6E,8R,9S,11R,13S,15S,16S)-7-cyano-8,16-dihydroxy-9,11,13,15-tetramethyl-18-oxooxacyclooctadeca-4,6-dien-2-yl]cyclopentanecarboxylic acid'
3 non-polymer 'ZINC ION'
4 water water
#
_entity_poly.entity_id   1
_entity_poly.type   'polypeptide(L)'
_entity_poly.pdbx_seq_one_letter_code
;MGSSHHHHHHSSGDHRKIGRDQELYFFHELSPGSCFFLPKGAYIYNALIEFIRSEYRKRGFQEVVTPNIFNSRLWMTSGH
WQHYSENMFSFEVEKELFALKPMNCPGHCLMFDHRPRSWRELPLRLADFGVLHRNELSGALTGLTRVRRFQQDDAHIFCA
MEQIEDEIKGCLDFLRTVYSVFGFSFKLNLSTRPEKFLGDIEVWDQAEKQLENSLNEFGEKWELNSGDGAFYGPKIDIQI
KDAIGRYHQCATIQLDFQLPIRFNLTYVSHDGDDKKRPVIVHRAILGSVERMIAILTENYGGKWPFWLSPRQVMVVPVGP
TCDEYAQKVRQQFHDAKFMADIDLDPGCTLNKKIRNAQLAQYNFILVVGEKEKISGTVNIRTRDNKVHGERTISETIERL
QQLKEFRSKQAEEEF
;
_entity_poly.pdbx_strand_id   A,B,C,D
#
loop_
_chem_comp.id
_chem_comp.type
_chem_comp.name
_chem_comp.formula
2CR non-polymer '(1R,2R)-2-[(2S,4E,6E,8R,9S,11R,13S,15S,16S)-7-cyano-8,16-dihydroxy-9,11,13,15-tetramethyl-18-oxooxacyclooctadeca-4,6-dien-2-yl]cyclopentanecarboxylic acid' 'C28 H43 N O6'
ZN non-polymer 'ZINC ION' 'Zn 2'
#
# COMPACT_ATOMS: atom_id res chain seq x y z
N ASP A 14 -1.88 16.52 20.87
CA ASP A 14 -1.21 15.28 20.52
C ASP A 14 0.06 15.54 19.70
N HIS A 15 0.06 16.63 18.94
CA HIS A 15 1.22 16.97 18.11
C HIS A 15 2.42 17.33 18.99
N ARG A 16 2.14 17.84 20.18
CA ARG A 16 3.17 18.10 21.19
C ARG A 16 3.71 16.77 21.71
N LYS A 17 2.80 15.89 22.14
CA LYS A 17 3.16 14.58 22.63
C LYS A 17 3.92 13.77 21.58
N ILE A 18 3.49 13.86 20.32
CA ILE A 18 4.18 13.15 19.25
C ILE A 18 5.54 13.78 18.96
N GLY A 19 5.61 15.11 19.02
CA GLY A 19 6.87 15.81 18.85
C GLY A 19 7.90 15.39 19.88
N ARG A 20 7.47 15.25 21.14
CA ARG A 20 8.35 14.79 22.21
C ARG A 20 8.69 13.31 22.09
N ASP A 21 7.67 12.48 21.91
CA ASP A 21 7.83 11.03 21.82
C ASP A 21 8.65 10.59 20.59
N GLN A 22 8.59 11.39 19.52
CA GLN A 22 9.36 11.09 18.32
C GLN A 22 10.67 11.88 18.29
N GLU A 23 10.87 12.69 19.31
CA GLU A 23 12.06 13.50 19.44
C GLU A 23 12.20 14.45 18.27
N LEU A 24 11.13 15.19 18.03
CA LEU A 24 11.05 16.13 16.93
C LEU A 24 11.37 17.57 17.37
N TYR A 25 10.54 18.10 18.26
CA TYR A 25 10.70 19.47 18.73
C TYR A 25 10.33 19.62 20.20
N PHE A 26 10.78 20.71 20.82
CA PHE A 26 10.36 21.03 22.17
C PHE A 26 10.25 22.54 22.40
N PHE A 27 9.82 22.91 23.60
CA PHE A 27 9.65 24.31 23.95
C PHE A 27 10.33 24.59 25.27
N HIS A 28 10.72 25.84 25.47
CA HIS A 28 11.42 26.22 26.69
C HIS A 28 10.83 27.52 27.23
N GLU A 29 10.92 27.67 28.53
CA GLU A 29 10.32 28.79 29.17
C GLU A 29 11.05 30.07 28.88
N LEU A 30 12.26 29.98 28.38
CA LEU A 30 13.11 31.13 28.07
C LEU A 30 12.78 31.75 26.72
N SER A 31 12.05 31.02 25.88
CA SER A 31 11.58 31.56 24.61
C SER A 31 10.17 31.05 24.29
N PRO A 32 9.14 31.61 24.94
CA PRO A 32 7.75 31.20 24.73
C PRO A 32 7.28 31.59 23.34
N GLY A 33 6.58 30.69 22.65
CA GLY A 33 6.08 30.98 21.32
C GLY A 33 7.10 30.74 20.23
N SER A 34 8.31 30.37 20.63
CA SER A 34 9.35 30.00 19.68
C SER A 34 9.67 28.52 19.88
N CYS A 35 10.01 27.83 18.80
CA CYS A 35 10.21 26.39 18.88
C CYS A 35 11.66 25.97 18.73
N PHE A 36 12.01 24.89 19.42
CA PHE A 36 13.30 24.24 19.25
C PHE A 36 13.12 22.99 18.42
N PHE A 37 13.69 22.97 17.22
CA PHE A 37 13.60 21.78 16.38
C PHE A 37 14.84 20.90 16.48
N LEU A 38 14.67 19.71 17.05
CA LEU A 38 15.71 18.68 17.09
C LEU A 38 15.99 18.23 15.65
N PRO A 39 17.13 17.56 15.41
CA PRO A 39 17.53 17.15 14.05
C PRO A 39 16.43 16.51 13.19
N LYS A 40 15.56 15.69 13.79
CA LYS A 40 14.47 15.05 13.07
C LYS A 40 13.41 16.08 12.63
N GLY A 41 12.96 16.89 13.59
CA GLY A 41 12.03 17.96 13.28
C GLY A 41 12.63 18.94 12.29
N ALA A 42 13.93 19.20 12.43
CA ALA A 42 14.65 20.06 11.50
C ALA A 42 14.62 19.46 10.10
N TYR A 43 14.75 18.14 10.02
CA TYR A 43 14.64 17.45 8.74
C TYR A 43 13.26 17.68 8.13
N ILE A 44 12.21 17.53 8.94
CA ILE A 44 10.85 17.77 8.47
C ILE A 44 10.70 19.21 7.93
N TYR A 45 11.20 20.16 8.70
CA TYR A 45 11.23 21.58 8.36
C TYR A 45 11.82 21.80 6.96
N ASN A 46 13.10 21.46 6.84
CA ASN A 46 13.83 21.64 5.59
C ASN A 46 13.21 20.87 4.42
N ALA A 47 12.60 19.73 4.71
CA ALA A 47 11.92 18.93 3.68
C ALA A 47 10.71 19.69 3.13
N LEU A 48 9.93 20.28 4.02
CA LEU A 48 8.78 21.09 3.60
C LEU A 48 9.21 22.28 2.76
N ILE A 49 10.18 23.04 3.28
CA ILE A 49 10.72 24.18 2.54
C ILE A 49 11.23 23.78 1.15
N GLU A 50 11.95 22.65 1.10
CA GLU A 50 12.48 22.14 -0.16
C GLU A 50 11.38 21.72 -1.13
N PHE A 51 10.29 21.17 -0.61
CA PHE A 51 9.13 20.83 -1.42
C PHE A 51 8.57 22.09 -2.08
N ILE A 52 8.30 23.09 -1.24
CA ILE A 52 7.78 24.36 -1.74
C ILE A 52 8.71 25.00 -2.79
N ARG A 53 10.01 24.87 -2.58
CA ARG A 53 11.00 25.40 -3.52
C ARG A 53 10.99 24.64 -4.85
N SER A 54 10.86 23.32 -4.75
CA SER A 54 10.80 22.46 -5.93
C SER A 54 9.61 22.87 -6.77
N GLU A 55 8.51 23.24 -6.10
CA GLU A 55 7.35 23.72 -6.85
C GLU A 55 7.50 25.17 -7.34
N TYR A 56 8.31 25.96 -6.64
CA TYR A 56 8.59 27.34 -7.03
C TYR A 56 9.39 27.39 -8.33
N ARG A 57 10.36 26.48 -8.46
CA ARG A 57 11.22 26.44 -9.64
C ARG A 57 10.44 26.14 -10.92
N LYS A 58 9.39 25.34 -10.80
CA LYS A 58 8.57 24.97 -11.95
C LYS A 58 7.57 26.07 -12.32
N ARG A 59 7.11 26.82 -11.33
CA ARG A 59 6.02 27.78 -11.53
C ARG A 59 6.47 29.23 -11.74
N GLY A 60 7.78 29.46 -11.78
CA GLY A 60 8.31 30.78 -12.08
C GLY A 60 8.40 31.71 -10.88
N PHE A 61 8.58 31.14 -9.69
CA PHE A 61 8.78 31.94 -8.49
C PHE A 61 10.27 32.15 -8.23
N GLN A 62 10.63 33.36 -7.84
CA GLN A 62 12.03 33.69 -7.60
C GLN A 62 12.25 34.05 -6.13
N GLU A 63 13.05 33.25 -5.45
CA GLU A 63 13.28 33.42 -4.03
C GLU A 63 14.31 34.53 -3.77
N VAL A 64 14.10 35.28 -2.69
CA VAL A 64 15.00 36.35 -2.30
C VAL A 64 15.34 36.24 -0.82
N VAL A 65 16.35 37.00 -0.39
CA VAL A 65 16.67 37.09 1.04
C VAL A 65 16.53 38.54 1.51
N THR A 66 15.75 38.74 2.57
CA THR A 66 15.44 40.09 3.04
C THR A 66 15.79 40.29 4.52
N PRO A 67 16.03 41.55 4.94
CA PRO A 67 16.31 41.89 6.34
C PRO A 67 15.20 41.49 7.31
N ASN A 68 15.57 41.17 8.54
CA ASN A 68 14.58 40.88 9.59
C ASN A 68 14.17 42.09 10.43
N ILE A 69 14.95 43.17 10.34
CA ILE A 69 14.63 44.39 11.09
C ILE A 69 14.57 45.62 10.20
N PHE A 70 13.62 46.51 10.48
CA PHE A 70 13.46 47.70 9.66
C PHE A 70 13.23 48.95 10.50
N ASN A 71 13.56 50.10 9.91
CA ASN A 71 13.33 51.40 10.52
C ASN A 71 11.83 51.63 10.69
N SER A 72 11.47 52.46 11.68
CA SER A 72 10.07 52.78 11.94
C SER A 72 9.38 53.41 10.71
N ARG A 73 10.16 54.15 9.93
CA ARG A 73 9.66 54.82 8.74
C ARG A 73 9.01 53.86 7.75
N LEU A 74 9.65 52.70 7.55
CA LEU A 74 9.12 51.70 6.63
C LEU A 74 7.74 51.21 7.07
N TRP A 75 7.62 50.89 8.35
CA TRP A 75 6.36 50.39 8.90
C TRP A 75 5.31 51.48 8.94
N MET A 76 5.73 52.72 8.89
CA MET A 76 4.80 53.82 8.85
C MET A 76 4.37 54.03 7.42
N THR A 77 5.19 53.58 6.50
CA THR A 77 4.85 53.63 5.08
C THR A 77 3.89 52.50 4.70
N SER A 78 4.14 51.31 5.23
CA SER A 78 3.35 50.13 4.93
C SER A 78 2.01 50.15 5.67
N GLY A 79 2.01 50.77 6.86
CA GLY A 79 0.80 50.84 7.66
C GLY A 79 0.81 49.95 8.89
N HIS A 80 1.89 49.22 9.11
CA HIS A 80 2.00 48.35 10.27
C HIS A 80 2.07 49.16 11.57
N TRP A 81 2.68 50.33 11.49
CA TRP A 81 2.83 51.21 12.64
C TRP A 81 1.48 51.68 13.15
N GLN A 82 0.56 51.98 12.22
CA GLN A 82 -0.76 52.48 12.56
C GLN A 82 -1.78 51.37 12.81
N HIS A 83 -1.39 50.15 12.49
CA HIS A 83 -2.33 49.03 12.50
C HIS A 83 -1.84 47.84 13.33
N TYR A 84 -0.68 47.29 12.95
CA TYR A 84 -0.16 46.06 13.53
C TYR A 84 0.79 46.23 14.73
N SER A 85 1.01 47.46 15.17
CA SER A 85 2.06 47.78 16.15
C SER A 85 1.99 47.02 17.49
N GLU A 86 0.79 46.63 17.90
CA GLU A 86 0.62 45.88 19.14
C GLU A 86 1.18 44.47 19.00
N ASN A 87 1.28 43.99 17.77
CA ASN A 87 1.83 42.66 17.51
C ASN A 87 3.24 42.68 17.04
N MET A 88 3.89 43.82 17.17
CA MET A 88 5.27 43.95 16.72
C MET A 88 6.26 44.18 17.84
N PHE A 89 7.43 43.55 17.73
CA PHE A 89 8.52 43.79 18.68
C PHE A 89 9.35 44.94 18.14
N SER A 90 9.34 46.05 18.87
CA SER A 90 10.10 47.23 18.47
C SER A 90 11.07 47.63 19.56
N PHE A 91 12.19 48.20 19.13
CA PHE A 91 13.29 48.54 20.03
C PHE A 91 14.05 49.74 19.48
N GLU A 92 14.84 50.38 20.33
CA GLU A 92 15.53 51.60 19.94
C GLU A 92 17.01 51.38 19.63
N VAL A 93 17.43 51.84 18.46
CA VAL A 93 18.85 51.81 18.09
C VAL A 93 19.27 53.19 17.56
N GLU A 94 20.32 53.74 18.18
CA GLU A 94 20.84 55.07 17.87
C GLU A 94 19.74 56.14 17.83
N LYS A 95 18.90 56.14 18.86
CA LYS A 95 17.80 57.08 19.01
C LYS A 95 16.78 57.00 17.87
N GLU A 96 16.70 55.84 17.22
CA GLU A 96 15.72 55.62 16.17
C GLU A 96 14.98 54.30 16.37
N LEU A 97 13.68 54.30 16.12
CA LEU A 97 12.85 53.12 16.33
C LEU A 97 12.98 52.10 15.21
N PHE A 98 13.27 50.86 15.60
CA PHE A 98 13.32 49.74 14.67
C PHE A 98 12.36 48.65 15.13
N ALA A 99 12.02 47.75 14.23
CA ALA A 99 11.13 46.65 14.56
C ALA A 99 11.52 45.39 13.80
N LEU A 100 11.26 44.23 14.43
CA LEU A 100 11.36 42.96 13.72
C LEU A 100 10.16 42.84 12.80
N LYS A 101 10.38 42.27 11.61
CA LYS A 101 9.32 42.18 10.62
C LYS A 101 8.26 41.11 10.94
N PRO A 102 7.00 41.55 11.10
CA PRO A 102 5.86 40.65 11.20
C PRO A 102 5.53 40.03 9.84
N MET A 103 5.84 40.77 8.77
CA MET A 103 5.52 40.36 7.40
C MET A 103 6.66 40.72 6.45
N ASN A 104 6.77 40.00 5.33
CA ASN A 104 7.83 40.25 4.36
C ASN A 104 7.49 41.31 3.31
N CYS A 105 6.21 41.70 3.25
CA CYS A 105 5.69 42.54 2.15
C CYS A 105 6.46 43.83 1.81
N PRO A 106 6.65 44.73 2.80
CA PRO A 106 7.25 46.03 2.46
C PRO A 106 8.66 45.91 1.88
N GLY A 107 9.45 44.98 2.40
CA GLY A 107 10.79 44.74 1.87
C GLY A 107 10.74 44.36 0.40
N HIS A 108 9.78 43.49 0.05
CA HIS A 108 9.58 43.09 -1.34
C HIS A 108 9.14 44.28 -2.19
N CYS A 109 8.33 45.16 -1.62
CA CYS A 109 7.95 46.38 -2.33
C CYS A 109 9.19 47.23 -2.62
N LEU A 110 10.10 47.31 -1.66
CA LEU A 110 11.36 48.01 -1.86
C LEU A 110 12.18 47.34 -2.96
N MET A 111 12.15 46.02 -3.01
CA MET A 111 12.86 45.26 -4.03
C MET A 111 12.28 45.49 -5.43
N PHE A 112 10.96 45.68 -5.50
CA PHE A 112 10.31 46.00 -6.76
C PHE A 112 10.68 47.42 -7.16
N ASP A 113 10.80 48.29 -6.17
CA ASP A 113 11.07 49.70 -6.42
C ASP A 113 12.56 49.99 -6.60
N HIS A 114 13.39 48.97 -6.45
CA HIS A 114 14.84 49.13 -6.54
C HIS A 114 15.30 49.69 -7.89
N ARG A 115 14.68 49.23 -8.98
CA ARG A 115 14.99 49.72 -10.31
C ARG A 115 13.73 49.82 -11.17
N PRO A 116 13.76 50.66 -12.22
CA PRO A 116 12.62 50.76 -13.15
C PRO A 116 12.27 49.40 -13.77
N ARG A 117 10.98 49.11 -13.85
CA ARG A 117 10.52 47.82 -14.37
C ARG A 117 9.50 48.00 -15.48
N SER A 118 9.31 46.95 -16.28
CA SER A 118 8.39 47.02 -17.41
C SER A 118 7.44 45.84 -17.46
N TRP A 119 6.42 45.97 -18.32
CA TRP A 119 5.41 44.93 -18.54
C TRP A 119 6.04 43.59 -18.91
N ARG A 120 7.22 43.64 -19.52
CA ARG A 120 7.96 42.44 -19.89
C ARG A 120 8.35 41.64 -18.65
N GLU A 121 8.58 42.35 -17.55
CA GLU A 121 9.03 41.74 -16.31
C GLU A 121 7.87 41.18 -15.50
N LEU A 122 6.66 41.30 -16.02
CA LEU A 122 5.47 40.95 -15.25
C LEU A 122 4.74 39.75 -15.87
N PRO A 123 4.16 38.89 -15.01
CA PRO A 123 4.17 39.00 -13.54
C PRO A 123 5.53 38.68 -12.91
N LEU A 124 5.87 39.43 -11.86
CA LEU A 124 7.10 39.20 -11.10
C LEU A 124 6.74 38.56 -9.77
N ARG A 125 7.09 37.30 -9.59
CA ARG A 125 6.74 36.57 -8.38
C ARG A 125 7.95 36.41 -7.46
N LEU A 126 7.92 37.08 -6.32
CA LEU A 126 9.03 37.01 -5.37
C LEU A 126 8.65 36.21 -4.12
N ALA A 127 9.40 35.15 -3.86
CA ALA A 127 9.13 34.27 -2.72
C ALA A 127 10.11 34.50 -1.57
N ASP A 128 9.62 34.40 -0.34
CA ASP A 128 10.47 34.63 0.84
C ASP A 128 10.16 33.64 1.96
N PHE A 129 11.20 32.96 2.45
CA PHE A 129 11.09 32.05 3.59
C PHE A 129 11.49 32.70 4.91
N GLY A 130 11.75 34.00 4.89
CA GLY A 130 12.31 34.72 6.02
C GLY A 130 11.57 34.57 7.33
N VAL A 131 12.31 34.71 8.42
CA VAL A 131 11.78 34.54 9.76
C VAL A 131 10.91 35.71 10.19
N LEU A 132 9.69 35.41 10.62
CA LEU A 132 8.75 36.43 11.06
C LEU A 132 8.45 36.27 12.55
N HIS A 133 8.46 37.39 13.26
CA HIS A 133 8.03 37.43 14.64
C HIS A 133 6.79 38.30 14.79
N ARG A 134 5.83 37.80 15.56
CA ARG A 134 4.65 38.57 15.92
C ARG A 134 4.44 38.42 17.40
N ASN A 135 4.00 39.49 18.06
CA ASN A 135 3.92 39.43 19.51
C ASN A 135 2.56 38.90 19.92
N GLU A 136 2.53 37.69 20.44
CA GLU A 136 1.33 37.04 20.87
C GLU A 136 1.37 36.91 22.38
N LEU A 137 0.22 36.96 23.03
CA LEU A 137 0.09 36.85 24.47
C LEU A 137 0.50 35.44 24.93
N SER A 138 1.15 35.36 26.08
CA SER A 138 1.62 34.10 26.63
C SER A 138 0.47 33.10 26.81
N GLY A 139 -0.68 33.61 27.21
CA GLY A 139 -1.85 32.76 27.45
C GLY A 139 -2.42 32.16 26.16
N ALA A 140 -2.28 32.89 25.05
CA ALA A 140 -2.77 32.44 23.76
C ALA A 140 -1.85 31.43 23.09
N LEU A 141 -0.59 31.38 23.55
CA LEU A 141 0.42 30.51 22.95
C LEU A 141 0.13 29.04 23.21
N THR A 142 0.00 28.27 22.13
CA THR A 142 -0.12 26.82 22.23
C THR A 142 0.76 26.15 21.19
N GLY A 143 1.79 25.43 21.65
CA GLY A 143 2.61 24.62 20.77
C GLY A 143 3.08 25.33 19.51
N LEU A 144 2.87 24.67 18.37
CA LEU A 144 3.21 25.24 17.07
C LEU A 144 2.02 25.90 16.37
N THR A 145 0.83 25.81 16.98
CA THR A 145 -0.38 26.35 16.37
C THR A 145 -0.50 27.87 16.60
N ARG A 146 -0.18 28.33 17.80
CA ARG A 146 -0.12 29.77 18.05
C ARG A 146 1.22 30.16 18.59
N VAL A 147 2.01 30.81 17.75
CA VAL A 147 3.43 31.06 18.01
C VAL A 147 3.82 32.53 17.85
N ARG A 148 4.96 32.89 18.43
CA ARG A 148 5.53 34.22 18.21
C ARG A 148 6.57 34.23 17.09
N ARG A 149 6.96 33.04 16.64
CA ARG A 149 8.05 32.91 15.67
C ARG A 149 7.71 31.87 14.63
N PHE A 150 7.79 32.24 13.36
CA PHE A 150 7.50 31.28 12.30
C PHE A 150 8.13 31.64 10.97
N GLN A 151 8.29 30.65 10.10
CA GLN A 151 8.71 30.92 8.73
C GLN A 151 7.57 30.60 7.77
N GLN A 152 7.05 31.67 7.17
CA GLN A 152 5.94 31.59 6.23
C GLN A 152 6.48 31.15 4.88
N ASP A 153 5.70 30.40 4.11
CA ASP A 153 6.06 30.28 2.71
C ASP A 153 5.30 31.42 2.08
N ASP A 154 6.04 32.46 1.71
CA ASP A 154 5.43 33.73 1.40
C ASP A 154 5.82 34.15 0.01
N ALA A 155 4.83 34.46 -0.82
CA ALA A 155 5.16 35.02 -2.12
C ALA A 155 4.28 36.22 -2.45
N HIS A 156 4.86 37.16 -3.17
CA HIS A 156 4.13 38.30 -3.66
C HIS A 156 4.22 38.34 -5.18
N ILE A 157 3.05 38.40 -5.81
CA ILE A 157 2.99 38.49 -7.26
C ILE A 157 2.71 39.92 -7.66
N PHE A 158 3.60 40.49 -8.47
CA PHE A 158 3.40 41.82 -9.02
C PHE A 158 2.95 41.66 -10.46
N CYS A 159 1.68 41.97 -10.72
CA CYS A 159 1.14 41.78 -12.06
C CYS A 159 0.28 42.94 -12.49
N ALA A 160 0.04 43.05 -13.80
CA ALA A 160 -0.91 44.00 -14.32
C ALA A 160 -2.30 43.48 -13.97
N MET A 161 -3.28 44.39 -13.90
CA MET A 161 -4.65 44.04 -13.59
C MET A 161 -5.16 42.93 -14.51
N GLU A 162 -4.97 43.13 -15.79
CA GLU A 162 -5.41 42.20 -16.80
C GLU A 162 -4.84 40.81 -16.68
N GLN A 163 -3.76 40.66 -15.97
CA GLN A 163 -3.12 39.36 -15.77
C GLN A 163 -3.73 38.58 -14.60
N ILE A 164 -4.44 39.29 -13.72
CA ILE A 164 -4.92 38.72 -12.47
C ILE A 164 -5.62 37.37 -12.61
N GLU A 165 -6.65 37.32 -13.45
CA GLU A 165 -7.42 36.10 -13.66
C GLU A 165 -6.54 34.90 -13.97
N ASP A 166 -5.47 35.11 -14.74
CA ASP A 166 -4.60 34.00 -15.09
C ASP A 166 -3.77 33.60 -13.88
N GLU A 167 -3.18 34.59 -13.21
CA GLU A 167 -2.32 34.33 -12.07
C GLU A 167 -3.06 33.54 -10.99
N ILE A 168 -4.25 34.02 -10.65
CA ILE A 168 -5.12 33.34 -9.70
C ILE A 168 -5.30 31.88 -10.10
N LYS A 169 -5.54 31.66 -11.36
CA LYS A 169 -5.68 30.34 -11.85
C LYS A 169 -4.48 29.50 -11.55
N GLY A 170 -3.30 30.01 -11.83
CA GLY A 170 -2.05 29.39 -11.47
C GLY A 170 -1.98 29.14 -9.97
N CYS A 171 -2.34 30.17 -9.20
CA CYS A 171 -2.32 30.05 -7.75
C CYS A 171 -3.13 28.82 -7.31
N LEU A 172 -4.32 28.68 -7.85
CA LEU A 172 -5.16 27.56 -7.49
C LEU A 172 -4.47 26.25 -7.87
N ASP A 173 -3.90 26.21 -9.07
CA ASP A 173 -3.20 25.01 -9.53
C ASP A 173 -2.05 24.68 -8.60
N PHE A 174 -1.46 25.71 -7.99
CA PHE A 174 -0.40 25.50 -7.03
C PHE A 174 -1.03 24.79 -5.82
N LEU A 175 -2.10 25.38 -5.29
CA LEU A 175 -2.80 24.86 -4.13
C LEU A 175 -3.21 23.41 -4.32
N ARG A 176 -3.76 23.12 -5.49
CA ARG A 176 -4.22 21.79 -5.82
C ARG A 176 -3.07 20.78 -5.79
N THR A 177 -1.90 21.18 -6.28
CA THR A 177 -0.79 20.25 -6.38
C THR A 177 -0.24 19.87 -5.00
N VAL A 178 0.18 20.89 -4.24
CA VAL A 178 0.77 20.69 -2.91
C VAL A 178 -0.10 19.82 -2.04
N TYR A 179 -1.36 20.23 -1.87
CA TYR A 179 -2.31 19.51 -1.04
C TYR A 179 -2.52 18.08 -1.53
N SER A 180 -2.55 17.87 -2.82
CA SER A 180 -2.68 16.55 -3.33
C SER A 180 -1.53 15.65 -2.95
N VAL A 181 -0.34 16.19 -2.77
CA VAL A 181 0.79 15.43 -2.26
C VAL A 181 0.50 15.03 -0.80
N PHE A 182 -0.06 15.97 -0.04
CA PHE A 182 -0.43 15.71 1.34
C PHE A 182 -1.65 14.80 1.44
N GLY A 183 -2.43 14.76 0.36
CA GLY A 183 -3.68 14.02 0.36
C GLY A 183 -4.77 14.79 1.07
N PHE A 184 -4.76 16.11 0.91
CA PHE A 184 -5.73 16.99 1.57
C PHE A 184 -6.85 17.43 0.64
N SER A 185 -8.08 17.27 1.08
CA SER A 185 -9.18 17.86 0.39
C SER A 185 -9.35 19.28 0.90
N PHE A 186 -10.02 20.14 0.17
CA PHE A 186 -10.07 21.54 0.54
C PHE A 186 -11.30 22.36 0.11
N LYS A 187 -11.58 23.42 0.87
CA LYS A 187 -12.68 24.34 0.61
C LYS A 187 -12.17 25.72 0.20
N LEU A 188 -12.96 26.41 -0.61
CA LEU A 188 -12.62 27.72 -1.13
C LEU A 188 -13.72 28.74 -0.83
N ASN A 189 -13.33 29.95 -0.43
CA ASN A 189 -14.30 31.02 -0.20
C ASN A 189 -13.80 32.40 -0.66
N LEU A 190 -14.66 33.12 -1.35
CA LEU A 190 -14.33 34.45 -1.85
C LEU A 190 -14.86 35.52 -0.90
N SER A 191 -13.95 36.36 -0.39
CA SER A 191 -14.34 37.51 0.39
C SER A 191 -14.16 38.78 -0.44
N THR A 192 -15.24 39.56 -0.54
CA THR A 192 -15.30 40.71 -1.45
C THR A 192 -15.32 42.03 -0.68
N ARG A 193 -15.46 43.12 -1.42
CA ARG A 193 -15.34 44.47 -0.86
C ARG A 193 -16.25 44.73 0.34
N PRO A 194 -15.63 45.07 1.48
CA PRO A 194 -16.31 45.45 2.73
C PRO A 194 -16.91 46.84 2.63
N GLU A 195 -17.81 47.17 3.56
CA GLU A 195 -18.43 48.50 3.59
C GLU A 195 -17.38 49.60 3.65
N LYS A 196 -16.48 49.50 4.62
CA LYS A 196 -15.38 50.44 4.72
C LYS A 196 -14.23 49.91 3.88
N PHE A 197 -13.88 50.64 2.83
CA PHE A 197 -12.87 50.17 1.89
C PHE A 197 -12.02 51.32 1.37
N LEU A 198 -10.83 50.96 0.87
CA LEU A 198 -9.95 51.93 0.24
C LEU A 198 -9.76 51.54 -1.23
N GLY A 199 -9.38 52.51 -2.05
CA GLY A 199 -9.15 52.27 -3.46
C GLY A 199 -10.36 52.62 -4.31
N ASP A 200 -10.13 52.74 -5.61
CA ASP A 200 -11.20 53.02 -6.57
C ASP A 200 -12.09 51.79 -6.75
N ILE A 201 -13.40 52.00 -6.83
CA ILE A 201 -14.37 50.93 -6.93
C ILE A 201 -14.28 50.15 -8.26
N GLU A 202 -13.88 50.83 -9.33
CA GLU A 202 -13.70 50.18 -10.62
C GLU A 202 -12.62 49.11 -10.58
N VAL A 203 -11.47 49.47 -9.98
CA VAL A 203 -10.37 48.53 -9.76
C VAL A 203 -10.88 47.29 -9.02
N TRP A 204 -11.57 47.52 -7.91
CA TRP A 204 -12.19 46.46 -7.12
C TRP A 204 -13.05 45.55 -7.98
N ASP A 205 -13.88 46.17 -8.82
CA ASP A 205 -14.81 45.43 -9.67
C ASP A 205 -14.10 44.56 -10.70
N GLN A 206 -13.03 45.08 -11.31
CA GLN A 206 -12.24 44.29 -12.25
C GLN A 206 -11.59 43.10 -11.53
N ALA A 207 -11.00 43.38 -10.38
CA ALA A 207 -10.37 42.35 -9.56
C ALA A 207 -11.35 41.23 -9.22
N GLU A 208 -12.46 41.60 -8.58
CA GLU A 208 -13.47 40.62 -8.15
C GLU A 208 -14.09 39.88 -9.33
N LYS A 209 -14.24 40.55 -10.46
CA LYS A 209 -14.72 39.89 -11.67
C LYS A 209 -13.77 38.77 -12.08
N GLN A 210 -12.50 39.12 -12.23
CA GLN A 210 -11.49 38.13 -12.62
C GLN A 210 -11.38 36.99 -11.62
N LEU A 211 -11.49 37.33 -10.34
CA LEU A 211 -11.47 36.32 -9.27
C LEU A 211 -12.61 35.33 -9.45
N GLU A 212 -13.82 35.84 -9.62
CA GLU A 212 -15.00 35.01 -9.86
C GLU A 212 -14.77 34.09 -11.07
N ASN A 213 -14.33 34.69 -12.17
CA ASN A 213 -14.03 33.94 -13.39
C ASN A 213 -13.08 32.76 -13.15
N SER A 214 -11.99 32.97 -12.45
CA SER A 214 -11.05 31.88 -12.26
C SER A 214 -11.56 30.88 -11.28
N LEU A 215 -12.22 31.34 -10.25
CA LEU A 215 -12.84 30.38 -9.33
C LEU A 215 -13.79 29.45 -10.06
N ASN A 216 -14.50 30.00 -11.06
CA ASN A 216 -15.44 29.22 -11.85
C ASN A 216 -14.77 28.28 -12.85
N GLU A 217 -13.67 28.72 -13.44
CA GLU A 217 -12.96 27.88 -14.40
C GLU A 217 -12.10 26.84 -13.70
N PHE A 218 -11.87 27.04 -12.41
CA PHE A 218 -11.14 26.06 -11.60
C PHE A 218 -11.99 24.80 -11.44
N GLY A 219 -13.32 24.97 -11.46
CA GLY A 219 -14.23 23.84 -11.48
C GLY A 219 -14.53 23.23 -10.13
N GLU A 220 -14.27 23.97 -9.05
CA GLU A 220 -14.54 23.47 -7.71
C GLU A 220 -15.56 24.37 -7.00
N LYS A 221 -16.45 23.75 -6.23
CA LYS A 221 -17.46 24.49 -5.48
C LYS A 221 -16.83 25.51 -4.54
N TRP A 222 -17.34 26.73 -4.54
CA TRP A 222 -16.84 27.76 -3.65
C TRP A 222 -17.96 28.58 -3.03
N GLU A 223 -17.67 29.17 -1.87
CA GLU A 223 -18.67 29.94 -1.13
C GLU A 223 -18.42 31.44 -1.27
N LEU A 224 -19.49 32.22 -1.35
CA LEU A 224 -19.38 33.67 -1.43
C LEU A 224 -19.67 34.31 -0.08
N ASN A 225 -18.68 35.00 0.45
CA ASN A 225 -18.86 35.80 1.66
C ASN A 225 -18.74 37.28 1.31
N SER A 226 -19.88 37.98 1.32
CA SER A 226 -19.92 39.37 0.87
C SER A 226 -19.42 40.34 1.94
N GLY A 227 -18.64 41.32 1.51
CA GLY A 227 -18.13 42.35 2.40
C GLY A 227 -17.22 41.85 3.51
N ASP A 228 -16.73 40.63 3.36
CA ASP A 228 -15.85 40.03 4.37
C ASP A 228 -14.37 40.21 4.03
N GLY A 229 -14.08 40.91 2.95
CA GLY A 229 -12.71 41.15 2.53
C GLY A 229 -12.01 42.24 3.32
N ALA A 230 -10.70 42.38 3.08
CA ALA A 230 -9.91 43.42 3.73
C ALA A 230 -10.16 44.79 3.08
N PHE A 231 -9.86 45.86 3.81
CA PHE A 231 -10.07 47.21 3.31
C PHE A 231 -9.18 47.52 2.11
N TYR A 232 -8.06 46.81 2.03
CA TYR A 232 -7.08 47.02 0.96
C TYR A 232 -7.24 46.09 -0.24
N GLY A 233 -8.17 45.15 -0.17
CA GLY A 233 -8.39 44.25 -1.30
C GLY A 233 -9.29 43.05 -1.04
N PRO A 234 -9.76 42.42 -2.13
CA PRO A 234 -10.54 41.18 -2.10
C PRO A 234 -9.62 40.01 -1.83
N LYS A 235 -10.18 38.86 -1.44
CA LYS A 235 -9.32 37.71 -1.17
C LYS A 235 -10.02 36.37 -1.38
N ILE A 236 -9.21 35.32 -1.56
CA ILE A 236 -9.72 33.95 -1.57
C ILE A 236 -9.08 33.21 -0.40
N ASP A 237 -9.91 32.76 0.53
CA ASP A 237 -9.42 31.96 1.65
C ASP A 237 -9.69 30.49 1.37
N ILE A 238 -8.77 29.64 1.81
CA ILE A 238 -8.86 28.23 1.50
C ILE A 238 -8.52 27.37 2.72
N GLN A 239 -9.42 26.44 3.04
CA GLN A 239 -9.25 25.60 4.23
C GLN A 239 -8.96 24.15 3.84
N ILE A 240 -8.09 23.48 4.58
CA ILE A 240 -7.81 22.07 4.30
C ILE A 240 -8.48 21.16 5.32
N LYS A 241 -8.94 19.99 4.87
CA LYS A 241 -9.54 19.02 5.77
C LYS A 241 -8.56 17.88 6.01
N ASP A 242 -8.25 17.61 7.28
CA ASP A 242 -7.37 16.50 7.61
C ASP A 242 -8.11 15.17 7.55
N ALA A 243 -7.40 14.08 7.80
CA ALA A 243 -7.97 12.74 7.70
C ALA A 243 -9.11 12.51 8.68
N ILE A 244 -9.07 13.20 9.81
CA ILE A 244 -10.09 13.06 10.84
C ILE A 244 -11.35 13.88 10.47
N GLY A 245 -11.20 14.82 9.55
CA GLY A 245 -12.31 15.62 9.10
C GLY A 245 -12.34 17.04 9.67
N ARG A 246 -11.24 17.47 10.26
CA ARG A 246 -11.14 18.83 10.81
C ARG A 246 -10.58 19.82 9.79
N TYR A 247 -11.13 21.03 9.78
CA TYR A 247 -10.70 22.06 8.86
C TYR A 247 -9.66 23.00 9.47
N HIS A 248 -8.69 23.41 8.66
CA HIS A 248 -7.65 24.33 9.11
C HIS A 248 -7.44 25.42 8.09
N GLN A 249 -7.27 26.65 8.54
CA GLN A 249 -7.02 27.78 7.65
C GLN A 249 -5.52 27.93 7.47
N CYS A 250 -5.06 27.64 6.26
CA CYS A 250 -3.63 27.68 5.95
C CYS A 250 -3.37 28.61 4.78
N ALA A 251 -3.94 28.26 3.63
CA ALA A 251 -3.69 29.00 2.40
C ALA A 251 -4.47 30.28 2.28
N THR A 252 -3.85 31.28 1.64
CA THR A 252 -4.57 32.50 1.27
C THR A 252 -4.00 33.14 0.01
N ILE A 253 -4.91 33.71 -0.77
CA ILE A 253 -4.62 34.56 -1.92
C ILE A 253 -5.33 35.90 -1.65
N GLN A 254 -4.55 36.97 -1.55
CA GLN A 254 -5.06 38.26 -1.12
C GLN A 254 -4.59 39.39 -2.02
N LEU A 255 -5.52 40.13 -2.60
CA LEU A 255 -5.16 41.25 -3.47
C LEU A 255 -4.95 42.53 -2.67
N ASP A 256 -3.95 43.32 -3.08
CA ASP A 256 -3.60 44.56 -2.41
C ASP A 256 -3.40 45.66 -3.46
N PHE A 257 -4.30 46.66 -3.43
CA PHE A 257 -4.15 47.87 -4.20
C PHE A 257 -3.50 48.98 -3.38
N GLN A 258 -3.45 48.81 -2.07
CA GLN A 258 -3.02 49.87 -1.18
C GLN A 258 -1.50 49.96 -1.11
N LEU A 259 -0.87 48.79 -1.00
CA LEU A 259 0.58 48.69 -0.96
C LEU A 259 1.30 49.34 -2.16
N PRO A 260 0.80 49.13 -3.39
CA PRO A 260 1.44 49.81 -4.52
C PRO A 260 1.35 51.34 -4.45
N ILE A 261 0.23 51.86 -3.95
CA ILE A 261 0.06 53.30 -3.80
C ILE A 261 0.98 53.86 -2.72
N ARG A 262 1.03 53.18 -1.57
CA ARG A 262 1.83 53.64 -0.45
C ARG A 262 3.32 53.68 -0.75
N PHE A 263 3.79 52.69 -1.52
CA PHE A 263 5.20 52.64 -1.89
C PHE A 263 5.49 53.28 -3.24
N ASN A 264 4.44 53.81 -3.88
CA ASN A 264 4.55 54.42 -5.20
C ASN A 264 5.25 53.48 -6.19
N LEU A 265 4.64 52.33 -6.43
CA LEU A 265 5.19 51.35 -7.36
C LEU A 265 4.60 51.58 -8.74
N THR A 266 5.47 51.57 -9.75
CA THR A 266 5.03 51.74 -11.13
C THR A 266 5.83 50.83 -12.05
N TYR A 267 5.25 50.48 -13.18
CA TYR A 267 5.99 49.84 -14.25
C TYR A 267 5.73 50.60 -15.54
N VAL A 268 6.41 50.21 -16.60
CA VAL A 268 6.21 50.85 -17.89
C VAL A 268 5.31 49.94 -18.74
N SER A 269 4.12 50.43 -19.06
CA SER A 269 3.17 49.66 -19.83
C SER A 269 3.64 49.49 -21.27
N HIS A 270 3.10 48.48 -21.95
CA HIS A 270 3.40 48.20 -23.35
C HIS A 270 3.14 49.45 -24.20
N ASP A 271 2.07 50.15 -23.85
CA ASP A 271 1.65 51.37 -24.55
C ASP A 271 2.56 52.56 -24.28
N GLY A 272 3.52 52.39 -23.37
CA GLY A 272 4.50 53.42 -23.09
C GLY A 272 4.18 54.26 -21.88
N ASP A 273 3.03 54.01 -21.26
CA ASP A 273 2.64 54.70 -20.04
C ASP A 273 3.47 54.17 -18.87
N ASP A 274 4.19 55.05 -18.20
CA ASP A 274 5.05 54.66 -17.09
C ASP A 274 4.39 54.89 -15.73
N LYS A 275 3.15 55.35 -15.76
CA LYS A 275 2.44 55.72 -14.52
C LYS A 275 1.54 54.64 -13.93
N LYS A 276 1.41 53.50 -14.61
CA LYS A 276 0.51 52.45 -14.14
C LYS A 276 1.06 51.66 -12.95
N ARG A 277 0.24 51.51 -11.92
CA ARG A 277 0.61 50.72 -10.76
C ARG A 277 0.21 49.26 -10.98
N PRO A 278 1.00 48.34 -10.44
CA PRO A 278 0.63 46.92 -10.53
C PRO A 278 -0.30 46.55 -9.37
N VAL A 279 -0.77 45.31 -9.37
CA VAL A 279 -1.57 44.80 -8.27
C VAL A 279 -0.68 43.87 -7.46
N ILE A 280 -0.75 43.97 -6.13
CA ILE A 280 0.05 43.06 -5.33
C ILE A 280 -0.77 41.84 -4.93
N VAL A 281 -0.20 40.64 -5.05
CA VAL A 281 -0.90 39.44 -4.60
C VAL A 281 -0.09 38.76 -3.50
N HIS A 282 -0.62 38.82 -2.28
CA HIS A 282 -0.07 38.09 -1.16
C HIS A 282 -0.54 36.65 -1.31
N ARG A 283 0.38 35.69 -1.21
CA ARG A 283 -0.01 34.31 -1.27
C ARG A 283 0.82 33.43 -0.33
N ALA A 284 0.12 32.56 0.40
CA ALA A 284 0.81 31.54 1.19
C ALA A 284 0.03 30.22 1.12
N ILE A 285 0.71 29.13 0.75
CA ILE A 285 0.07 27.82 0.72
C ILE A 285 0.04 27.06 2.05
N LEU A 286 1.17 27.06 2.77
CA LEU A 286 1.29 26.29 4.00
C LEU A 286 0.95 27.12 5.24
N GLY A 287 0.70 28.41 5.05
CA GLY A 287 0.72 29.30 6.19
C GLY A 287 2.17 29.33 6.65
N SER A 288 2.43 28.91 7.88
CA SER A 288 3.80 28.79 8.38
C SER A 288 4.24 27.33 8.38
N VAL A 289 5.55 27.11 8.17
CA VAL A 289 6.14 25.78 8.27
C VAL A 289 5.79 25.14 9.61
N GLU A 290 5.86 25.94 10.67
CA GLU A 290 5.51 25.48 12.02
C GLU A 290 4.08 24.92 12.07
N ARG A 291 3.16 25.71 11.58
CA ARG A 291 1.77 25.37 11.59
C ARG A 291 1.49 24.11 10.78
N MET A 292 2.07 24.00 9.60
CA MET A 292 1.95 22.85 8.72
C MET A 292 2.51 21.61 9.40
N ILE A 293 3.61 21.78 10.14
CA ILE A 293 4.22 20.68 10.88
C ILE A 293 3.30 20.18 11.99
N ALA A 294 2.68 21.11 12.72
CA ALA A 294 1.71 20.75 13.75
C ALA A 294 0.56 19.94 13.16
N ILE A 295 -0.03 20.46 12.08
CA ILE A 295 -1.15 19.80 11.42
C ILE A 295 -0.77 18.42 10.86
N LEU A 296 0.40 18.29 10.26
CA LEU A 296 0.83 17.01 9.71
C LEU A 296 1.16 15.99 10.80
N THR A 297 1.73 16.45 11.90
CA THR A 297 2.01 15.61 13.06
C THR A 297 0.69 15.07 13.59
N GLU A 298 -0.31 15.95 13.66
CA GLU A 298 -1.63 15.59 14.13
C GLU A 298 -2.33 14.62 13.18
N ASN A 299 -2.12 14.83 11.88
CA ASN A 299 -2.83 14.11 10.83
C ASN A 299 -2.29 12.69 10.61
N TYR A 300 -0.97 12.57 10.56
CA TYR A 300 -0.33 11.30 10.24
C TYR A 300 -0.25 10.37 11.46
N GLY A 301 -0.44 10.92 12.66
CA GLY A 301 -0.37 10.14 13.88
C GLY A 301 1.03 9.65 14.17
N GLY A 302 2.03 10.29 13.56
CA GLY A 302 3.40 9.89 13.73
C GLY A 302 3.84 8.94 12.64
N LYS A 303 2.93 8.60 11.74
CA LYS A 303 3.26 7.71 10.64
C LYS A 303 3.51 8.61 9.45
N TRP A 304 4.78 8.82 9.14
CA TRP A 304 5.16 9.81 8.15
C TRP A 304 5.32 9.19 6.77
N PRO A 305 4.86 9.90 5.73
CA PRO A 305 5.22 9.46 4.39
C PRO A 305 6.74 9.49 4.24
N PHE A 306 7.27 8.51 3.52
CA PHE A 306 8.71 8.26 3.41
C PHE A 306 9.56 9.50 3.11
N TRP A 307 9.07 10.38 2.25
CA TRP A 307 9.81 11.59 1.87
C TRP A 307 9.87 12.61 3.00
N LEU A 308 8.84 12.61 3.85
CA LEU A 308 8.75 13.53 4.98
C LEU A 308 9.31 12.91 6.25
N SER A 309 9.67 11.64 6.18
CA SER A 309 9.97 10.89 7.38
C SER A 309 11.39 11.09 7.89
N PRO A 310 11.52 11.53 9.15
CA PRO A 310 12.82 11.67 9.81
C PRO A 310 13.45 10.32 10.11
N ARG A 311 12.64 9.26 10.19
CA ARG A 311 13.21 7.93 10.23
C ARG A 311 12.81 7.18 8.96
N GLN A 312 13.73 7.14 8.00
CA GLN A 312 13.50 6.43 6.74
C GLN A 312 13.91 4.96 6.71
N VAL A 313 15.09 4.68 7.27
CA VAL A 313 15.72 3.37 7.16
C VAL A 313 16.31 2.94 8.49
N MET A 314 16.02 1.70 8.89
CA MET A 314 16.62 1.12 10.09
C MET A 314 17.48 -0.07 9.66
N VAL A 315 18.79 0.00 9.90
CA VAL A 315 19.65 -1.11 9.52
C VAL A 315 19.90 -2.04 10.71
N VAL A 316 19.45 -3.29 10.59
CA VAL A 316 19.60 -4.27 11.66
C VAL A 316 20.43 -5.49 11.24
N PRO A 317 21.60 -5.69 11.87
CA PRO A 317 22.40 -6.90 11.67
C PRO A 317 21.84 -8.09 12.44
N VAL A 318 21.93 -9.28 11.86
CA VAL A 318 21.44 -10.49 12.51
C VAL A 318 22.33 -10.86 13.69
N GLY A 319 23.64 -10.76 13.49
CA GLY A 319 24.61 -11.07 14.52
C GLY A 319 25.84 -10.20 14.39
N PRO A 320 26.67 -10.17 15.44
CA PRO A 320 27.88 -9.34 15.52
C PRO A 320 28.79 -9.45 14.29
N THR A 321 28.89 -10.63 13.71
CA THR A 321 29.71 -10.86 12.52
C THR A 321 29.34 -9.91 11.37
N CYS A 322 28.09 -9.49 11.34
CA CYS A 322 27.59 -8.63 10.28
C CYS A 322 27.60 -7.14 10.65
N ASP A 323 27.96 -6.83 11.90
CA ASP A 323 27.93 -5.45 12.41
C ASP A 323 28.71 -4.49 11.50
N GLU A 324 29.66 -5.05 10.76
CA GLU A 324 30.48 -4.29 9.85
C GLU A 324 29.63 -3.93 8.63
N TYR A 325 29.16 -4.96 7.92
CA TYR A 325 28.36 -4.78 6.71
C TYR A 325 27.19 -3.83 6.95
N ALA A 326 26.49 -4.05 8.07
CA ALA A 326 25.37 -3.22 8.47
C ALA A 326 25.72 -1.74 8.50
N GLN A 327 26.92 -1.43 8.98
CA GLN A 327 27.36 -0.04 9.09
C GLN A 327 27.76 0.54 7.73
N LYS A 328 28.17 -0.34 6.80
CA LYS A 328 28.48 0.10 5.45
C LYS A 328 27.18 0.50 4.76
N VAL A 329 26.22 -0.42 4.80
CA VAL A 329 24.86 -0.18 4.32
C VAL A 329 24.34 1.14 4.87
N ARG A 330 24.24 1.22 6.20
CA ARG A 330 23.79 2.40 6.90
C ARG A 330 24.53 3.65 6.43
N GLN A 331 25.80 3.49 6.09
CA GLN A 331 26.59 4.62 5.61
C GLN A 331 26.15 5.02 4.20
N GLN A 332 26.08 4.03 3.31
CA GLN A 332 25.75 4.29 1.91
C GLN A 332 24.42 5.01 1.78
N PHE A 333 23.41 4.48 2.45
CA PHE A 333 22.09 5.08 2.48
C PHE A 333 22.13 6.50 3.02
N HIS A 334 23.01 6.74 3.98
CA HIS A 334 23.13 8.08 4.55
C HIS A 334 23.78 9.02 3.53
N ASP A 335 24.68 8.48 2.71
CA ASP A 335 25.31 9.26 1.65
C ASP A 335 24.29 9.55 0.55
N ALA A 336 23.40 8.58 0.32
CA ALA A 336 22.30 8.70 -0.62
C ALA A 336 21.28 9.77 -0.21
N LYS A 337 21.54 10.37 0.96
CA LYS A 337 20.75 11.47 1.54
C LYS A 337 19.56 11.03 2.40
N PHE A 338 19.36 9.72 2.49
CA PHE A 338 18.31 9.19 3.36
C PHE A 338 18.65 9.34 4.84
N MET A 339 17.62 9.31 5.68
CA MET A 339 17.82 9.29 7.12
C MET A 339 17.86 7.83 7.51
N ALA A 340 19.04 7.35 7.89
CA ALA A 340 19.22 5.94 8.15
C ALA A 340 19.93 5.70 9.48
N ASP A 341 19.21 5.05 10.40
CA ASP A 341 19.78 4.69 11.68
C ASP A 341 20.18 3.22 11.66
N ILE A 342 20.70 2.75 12.79
CA ILE A 342 21.21 1.39 12.89
C ILE A 342 20.98 0.85 14.29
N ASP A 343 20.61 -0.41 14.40
CA ASP A 343 20.43 -1.01 15.73
C ASP A 343 21.47 -2.09 15.95
N LEU A 344 22.47 -1.79 16.78
CA LEU A 344 23.58 -2.72 16.98
C LEU A 344 23.52 -3.58 18.24
N ASP A 345 22.52 -3.34 19.10
CA ASP A 345 22.55 -3.92 20.44
C ASP A 345 22.60 -5.46 20.40
N PRO A 346 23.73 -6.02 20.87
CA PRO A 346 23.94 -7.47 20.83
C PRO A 346 23.04 -8.19 21.82
N GLY A 347 22.52 -7.45 22.79
CA GLY A 347 21.67 -8.02 23.82
C GLY A 347 20.21 -8.12 23.44
N CYS A 348 19.87 -7.68 22.23
CA CYS A 348 18.48 -7.70 21.80
C CYS A 348 18.25 -8.54 20.53
N THR A 349 17.11 -9.22 20.50
CA THR A 349 16.78 -10.12 19.40
C THR A 349 16.37 -9.37 18.13
N LEU A 350 16.48 -10.06 17.00
CA LEU A 350 16.14 -9.50 15.69
C LEU A 350 14.68 -9.02 15.67
N ASN A 351 13.78 -9.88 16.11
CA ASN A 351 12.35 -9.60 16.03
C ASN A 351 11.90 -8.41 16.86
N LYS A 352 12.53 -8.18 18.01
CA LYS A 352 12.18 -7.01 18.82
C LYS A 352 12.86 -5.73 18.35
N LYS A 353 13.98 -5.84 17.64
CA LYS A 353 14.56 -4.69 16.97
C LYS A 353 13.68 -4.26 15.81
N ILE A 354 13.16 -5.26 15.09
CA ILE A 354 12.24 -5.04 13.99
C ILE A 354 10.92 -4.45 14.49
N ARG A 355 10.34 -5.10 15.50
CA ARG A 355 9.09 -4.66 16.10
C ARG A 355 9.20 -3.25 16.68
N ASN A 356 10.33 -2.98 17.34
CA ASN A 356 10.58 -1.65 17.88
C ASN A 356 10.81 -0.60 16.81
N ALA A 357 11.44 -0.99 15.71
CA ALA A 357 11.61 -0.07 14.58
C ALA A 357 10.25 0.25 13.96
N GLN A 358 9.39 -0.76 13.89
CA GLN A 358 8.04 -0.60 13.37
C GLN A 358 7.19 0.27 14.29
N LEU A 359 7.46 0.19 15.59
CA LEU A 359 6.78 1.02 16.57
C LEU A 359 7.31 2.46 16.56
N ALA A 360 8.58 2.60 16.20
CA ALA A 360 9.22 3.90 16.11
C ALA A 360 8.95 4.54 14.74
N GLN A 361 8.17 3.82 13.93
CA GLN A 361 7.71 4.30 12.63
C GLN A 361 8.77 4.48 11.54
N TYR A 362 9.83 3.67 11.57
CA TYR A 362 10.76 3.63 10.44
C TYR A 362 10.04 3.03 9.24
N ASN A 363 10.10 3.72 8.10
CA ASN A 363 9.42 3.26 6.90
C ASN A 363 9.96 1.93 6.40
N PHE A 364 11.28 1.83 6.34
CA PHE A 364 11.91 0.62 5.85
C PHE A 364 12.91 0.06 6.86
N ILE A 365 12.86 -1.26 7.03
CA ILE A 365 13.81 -1.96 7.89
C ILE A 365 14.64 -2.90 7.03
N LEU A 366 15.95 -2.66 6.99
CA LEU A 366 16.86 -3.49 6.22
C LEU A 366 17.57 -4.45 7.16
N VAL A 367 17.22 -5.73 7.05
CA VAL A 367 17.84 -6.78 7.83
C VAL A 367 19.03 -7.31 7.05
N VAL A 368 20.14 -7.49 7.75
CA VAL A 368 21.41 -7.81 7.14
C VAL A 368 22.08 -8.99 7.85
N GLY A 369 22.24 -10.10 7.12
CA GLY A 369 22.91 -11.27 7.63
C GLY A 369 24.23 -11.56 6.95
N GLU A 370 24.72 -12.79 7.12
CA GLU A 370 25.92 -13.25 6.43
C GLU A 370 25.64 -13.43 4.96
N LYS A 371 24.46 -13.99 4.67
CA LYS A 371 24.00 -14.21 3.30
C LYS A 371 23.96 -12.89 2.52
N GLU A 372 23.52 -11.83 3.19
CA GLU A 372 23.44 -10.52 2.57
C GLU A 372 24.79 -9.83 2.48
N LYS A 373 25.71 -10.20 3.39
CA LYS A 373 27.03 -9.58 3.44
C LYS A 373 27.90 -9.94 2.24
N ILE A 374 27.86 -11.21 1.84
CA ILE A 374 28.61 -11.70 0.69
C ILE A 374 27.92 -11.38 -0.63
N SER A 375 26.59 -11.25 -0.61
CA SER A 375 25.82 -10.99 -1.83
C SER A 375 25.72 -9.50 -2.14
N GLY A 376 26.11 -8.66 -1.17
CA GLY A 376 25.99 -7.23 -1.32
C GLY A 376 24.53 -6.83 -1.43
N THR A 377 23.70 -7.46 -0.60
CA THR A 377 22.26 -7.23 -0.63
C THR A 377 21.71 -6.90 0.75
N VAL A 378 20.39 -6.68 0.79
CA VAL A 378 19.67 -6.43 2.04
C VAL A 378 18.32 -7.11 1.97
N ASN A 379 17.77 -7.46 3.13
CA ASN A 379 16.42 -8.01 3.20
C ASN A 379 15.43 -6.96 3.70
N ILE A 380 14.46 -6.62 2.86
CA ILE A 380 13.61 -5.46 3.09
C ILE A 380 12.28 -5.79 3.75
N ARG A 381 11.98 -5.12 4.85
CA ARG A 381 10.75 -5.26 5.59
C ARG A 381 10.16 -3.86 5.77
N THR A 382 8.85 -3.73 5.78
CA THR A 382 8.24 -2.41 5.90
C THR A 382 7.79 -2.12 7.34
N ARG A 383 7.28 -0.92 7.53
CA ARG A 383 6.74 -0.48 8.82
C ARG A 383 5.46 -1.25 9.13
N ASP A 384 4.78 -1.65 8.06
CA ASP A 384 3.53 -2.39 8.17
C ASP A 384 3.76 -3.89 8.23
N ASN A 385 5.03 -4.26 8.36
CA ASN A 385 5.46 -5.65 8.53
C ASN A 385 5.20 -6.50 7.28
N LYS A 386 5.42 -5.93 6.11
CA LYS A 386 5.38 -6.67 4.86
C LYS A 386 6.75 -6.84 4.30
N VAL A 387 7.01 -7.98 3.69
CA VAL A 387 8.33 -8.33 3.17
C VAL A 387 8.45 -7.99 1.68
N HIS A 388 9.50 -7.27 1.30
CA HIS A 388 9.80 -7.06 -0.11
C HIS A 388 10.93 -7.98 -0.62
N GLY A 389 11.50 -8.77 0.28
CA GLY A 389 12.53 -9.72 -0.09
C GLY A 389 13.91 -9.11 -0.19
N GLU A 390 14.78 -9.78 -0.95
CA GLU A 390 16.19 -9.38 -1.04
C GLU A 390 16.52 -8.53 -2.27
N ARG A 391 17.19 -7.40 -2.05
CA ARG A 391 17.60 -6.54 -3.16
C ARG A 391 19.03 -6.05 -2.94
N THR A 392 19.75 -5.73 -4.02
CA THR A 392 21.07 -5.13 -3.88
C THR A 392 20.94 -3.74 -3.29
N ILE A 393 22.01 -3.23 -2.71
CA ILE A 393 22.02 -1.90 -2.11
C ILE A 393 21.68 -0.83 -3.14
N SER A 394 22.29 -0.95 -4.32
CA SER A 394 22.08 0.01 -5.41
C SER A 394 20.61 0.08 -5.82
N GLU A 395 20.00 -1.10 -6.04
CA GLU A 395 18.60 -1.19 -6.41
C GLU A 395 17.70 -0.51 -5.38
N THR A 396 17.91 -0.87 -4.12
CA THR A 396 17.11 -0.35 -3.01
C THR A 396 17.22 1.17 -2.93
N ILE A 397 18.45 1.67 -3.03
CA ILE A 397 18.70 3.10 -3.03
C ILE A 397 17.98 3.79 -4.18
N GLU A 398 18.01 3.15 -5.35
CA GLU A 398 17.37 3.67 -6.55
C GLU A 398 15.85 3.80 -6.37
N ARG A 399 15.22 2.70 -5.97
CA ARG A 399 13.77 2.67 -5.78
C ARG A 399 13.32 3.62 -4.68
N LEU A 400 14.04 3.60 -3.56
CA LEU A 400 13.75 4.51 -2.46
C LEU A 400 13.90 5.97 -2.89
N GLN A 401 14.86 6.25 -3.75
CA GLN A 401 15.10 7.60 -4.23
C GLN A 401 13.97 8.03 -5.17
N GLN A 402 13.46 7.09 -5.97
CA GLN A 402 12.30 7.35 -6.81
C GLN A 402 11.09 7.68 -5.94
N LEU A 403 10.91 6.90 -4.88
CA LEU A 403 9.80 7.11 -3.95
C LEU A 403 9.93 8.41 -3.18
N LYS A 404 11.17 8.86 -2.99
CA LYS A 404 11.43 10.11 -2.28
C LYS A 404 11.20 11.32 -3.17
N GLU A 405 11.68 11.23 -4.41
CA GLU A 405 11.57 12.33 -5.36
C GLU A 405 10.12 12.59 -5.77
N PHE A 406 9.34 11.52 -5.86
CA PHE A 406 7.94 11.64 -6.29
C PHE A 406 7.02 11.90 -5.10
N ARG A 407 7.61 11.87 -3.91
CA ARG A 407 6.87 12.14 -2.67
C ARG A 407 5.62 11.28 -2.54
N SER A 408 5.77 10.00 -2.81
CA SER A 408 4.68 9.05 -2.76
C SER A 408 4.04 8.96 -1.38
N LYS A 409 2.72 8.88 -1.35
CA LYS A 409 1.98 8.80 -0.08
C LYS A 409 2.11 7.42 0.56
N GLN A 410 2.05 6.36 -0.25
CA GLN A 410 2.40 5.05 0.25
C GLN A 410 3.65 4.56 -0.45
N ALA A 411 4.79 4.63 0.24
CA ALA A 411 6.04 4.12 -0.29
C ALA A 411 6.16 2.64 0.00
N GLU A 412 5.76 2.27 1.22
CA GLU A 412 5.87 0.91 1.70
C GLU A 412 5.13 -0.09 0.80
N GLU A 413 3.93 0.27 0.39
CA GLU A 413 3.12 -0.60 -0.46
C GLU A 413 3.54 -0.57 -1.93
N GLU A 414 4.10 0.55 -2.37
CA GLU A 414 4.41 0.75 -3.78
C GLU A 414 5.83 0.35 -4.18
N PHE A 415 6.63 -0.08 -3.20
CA PHE A 415 8.03 -0.42 -3.44
C PHE A 415 8.20 -1.50 -4.51
N ASP B 14 33.94 47.46 -4.56
CA ASP B 14 34.20 46.35 -5.46
C ASP B 14 33.04 45.35 -5.45
N HIS B 15 32.92 44.58 -4.38
CA HIS B 15 31.87 43.55 -4.30
C HIS B 15 30.48 44.17 -4.31
N ARG B 16 30.37 45.40 -3.82
CA ARG B 16 29.10 46.11 -3.78
C ARG B 16 28.69 46.55 -5.19
N LYS B 17 29.63 47.15 -5.91
CA LYS B 17 29.41 47.58 -7.29
C LYS B 17 29.06 46.39 -8.19
N ILE B 18 29.72 45.26 -7.97
CA ILE B 18 29.41 44.04 -8.70
C ILE B 18 28.02 43.52 -8.28
N GLY B 19 27.72 43.67 -7.00
CA GLY B 19 26.41 43.31 -6.48
C GLY B 19 25.29 44.03 -7.19
N ARG B 20 25.46 45.34 -7.40
CA ARG B 20 24.46 46.15 -8.10
C ARG B 20 24.47 45.90 -9.61
N ASP B 21 25.67 45.76 -10.18
CA ASP B 21 25.84 45.55 -11.61
C ASP B 21 25.28 44.20 -12.07
N GLN B 22 25.55 43.16 -11.29
CA GLN B 22 25.08 41.81 -11.62
C GLN B 22 23.70 41.56 -11.03
N GLU B 23 23.12 42.57 -10.40
CA GLU B 23 21.81 42.47 -9.76
C GLU B 23 21.77 41.32 -8.76
N LEU B 24 22.74 41.31 -7.86
CA LEU B 24 22.85 40.28 -6.83
C LEU B 24 22.18 40.74 -5.55
N TYR B 25 22.70 41.82 -4.98
CA TYR B 25 22.20 42.34 -3.72
C TYR B 25 22.31 43.86 -3.64
N PHE B 26 21.55 44.46 -2.73
CA PHE B 26 21.69 45.88 -2.45
C PHE B 26 21.35 46.21 -1.00
N PHE B 27 21.48 47.48 -0.65
CA PHE B 27 21.24 47.93 0.71
C PHE B 27 20.31 49.13 0.68
N HIS B 28 19.51 49.25 1.73
CA HIS B 28 18.59 50.38 1.86
C HIS B 28 18.83 51.02 3.21
N GLU B 29 18.51 52.31 3.32
CA GLU B 29 18.76 53.05 4.55
C GLU B 29 17.73 52.71 5.64
N LEU B 30 16.66 52.04 5.25
CA LEU B 30 15.61 51.62 6.19
C LEU B 30 16.01 50.39 6.98
N SER B 31 17.06 49.70 6.53
CA SER B 31 17.62 48.57 7.28
C SER B 31 19.14 48.54 7.17
N PRO B 32 19.83 49.45 7.88
CA PRO B 32 21.30 49.53 7.82
C PRO B 32 21.96 48.28 8.40
N GLY B 33 22.98 47.76 7.72
CA GLY B 33 23.69 46.60 8.20
C GLY B 33 23.01 45.30 7.80
N SER B 34 21.89 45.43 7.09
CA SER B 34 21.16 44.28 6.60
C SER B 34 21.17 44.32 5.08
N CYS B 35 20.99 43.17 4.44
CA CYS B 35 21.10 43.09 2.99
C CYS B 35 19.84 42.61 2.29
N PHE B 36 19.63 43.10 1.08
CA PHE B 36 18.55 42.63 0.22
C PHE B 36 19.14 41.79 -0.90
N PHE B 37 18.91 40.48 -0.87
CA PHE B 37 19.39 39.62 -1.93
C PHE B 37 18.35 39.41 -3.02
N LEU B 38 18.62 39.95 -4.20
CA LEU B 38 17.81 39.71 -5.39
C LEU B 38 17.94 38.23 -5.75
N PRO B 39 16.99 37.68 -6.53
CA PRO B 39 16.91 36.23 -6.77
C PRO B 39 18.23 35.54 -7.13
N LYS B 40 19.13 36.25 -7.80
CA LYS B 40 20.43 35.71 -8.17
C LYS B 40 21.38 35.61 -6.97
N GLY B 41 21.51 36.70 -6.22
CA GLY B 41 22.29 36.69 -5.00
C GLY B 41 21.73 35.68 -4.00
N ALA B 42 20.40 35.56 -4.00
CA ALA B 42 19.72 34.59 -3.17
C ALA B 42 20.06 33.16 -3.62
N TYR B 43 20.17 32.98 -4.94
CA TYR B 43 20.60 31.71 -5.49
C TYR B 43 21.98 31.36 -4.95
N ILE B 44 22.87 32.35 -4.94
CA ILE B 44 24.22 32.15 -4.41
C ILE B 44 24.19 31.79 -2.92
N TYR B 45 23.34 32.49 -2.17
CA TYR B 45 23.16 32.29 -0.74
C TYR B 45 22.80 30.83 -0.47
N ASN B 46 21.69 30.41 -1.06
CA ASN B 46 21.19 29.05 -0.92
C ASN B 46 22.18 28.00 -1.43
N ALA B 47 22.92 28.35 -2.47
CA ALA B 47 23.95 27.45 -3.01
C ALA B 47 25.05 27.17 -1.99
N LEU B 48 25.57 28.24 -1.39
CA LEU B 48 26.58 28.10 -0.36
C LEU B 48 26.07 27.27 0.82
N ILE B 49 24.87 27.61 1.28
CA ILE B 49 24.25 26.86 2.38
C ILE B 49 24.10 25.37 2.05
N GLU B 50 23.65 25.07 0.83
CA GLU B 50 23.50 23.69 0.38
C GLU B 50 24.85 22.96 0.30
N PHE B 51 25.90 23.70 -0.05
CA PHE B 51 27.26 23.16 -0.05
C PHE B 51 27.64 22.71 1.36
N ILE B 52 27.54 23.65 2.30
CA ILE B 52 27.85 23.37 3.70
C ILE B 52 27.04 22.17 4.24
N ARG B 53 25.75 22.14 3.92
CA ARG B 53 24.88 21.04 4.32
C ARG B 53 25.31 19.72 3.71
N SER B 54 25.73 19.77 2.45
CA SER B 54 26.17 18.59 1.72
C SER B 54 27.39 18.00 2.40
N GLU B 55 28.23 18.87 2.97
CA GLU B 55 29.35 18.37 3.76
C GLU B 55 28.93 17.89 5.15
N TYR B 56 27.90 18.53 5.73
CA TYR B 56 27.37 18.15 7.04
C TYR B 56 26.84 16.72 7.03
N ARG B 57 26.09 16.39 5.98
CA ARG B 57 25.49 15.06 5.85
C ARG B 57 26.56 13.97 5.78
N LYS B 58 27.71 14.30 5.31
CA LYS B 58 28.80 13.36 5.18
C LYS B 58 29.65 13.31 6.41
N ARG B 59 29.70 14.40 7.15
CA ARG B 59 30.59 14.49 8.31
C ARG B 59 29.96 14.23 9.68
N GLY B 60 28.67 13.88 9.71
CA GLY B 60 28.02 13.55 10.96
C GLY B 60 27.54 14.76 11.73
N PHE B 61 27.18 15.81 11.01
CA PHE B 61 26.62 17.01 11.62
C PHE B 61 25.10 17.00 11.48
N GLN B 62 24.41 17.30 12.59
CA GLN B 62 22.96 17.29 12.59
C GLN B 62 22.39 18.69 12.71
N GLU B 63 21.73 19.16 11.66
CA GLU B 63 21.18 20.51 11.63
C GLU B 63 19.97 20.63 12.54
N VAL B 64 19.83 21.78 13.18
CA VAL B 64 18.70 22.07 14.04
C VAL B 64 18.13 23.44 13.69
N VAL B 65 16.92 23.72 14.18
CA VAL B 65 16.30 25.04 14.01
C VAL B 65 15.94 25.58 15.39
N THR B 66 16.45 26.77 15.71
CA THR B 66 16.27 27.31 17.05
C THR B 66 15.53 28.66 17.02
N PRO B 67 15.18 29.20 18.22
CA PRO B 67 14.57 30.53 18.29
C PRO B 67 15.55 31.67 18.04
N ASN B 68 15.04 32.81 17.57
CA ASN B 68 15.88 34.00 17.35
C ASN B 68 15.87 34.98 18.53
N ILE B 69 14.96 34.79 19.48
CA ILE B 69 14.88 35.70 20.63
C ILE B 69 14.79 34.93 21.95
N PHE B 70 15.37 35.49 23.00
CA PHE B 70 15.36 34.83 24.30
C PHE B 70 15.22 35.80 25.46
N ASN B 71 14.72 35.29 26.58
CA ASN B 71 14.62 36.06 27.81
C ASN B 71 16.01 36.49 28.27
N SER B 72 16.09 37.59 28.99
CA SER B 72 17.36 38.12 29.46
C SER B 72 18.12 37.14 30.36
N ARG B 73 17.39 36.26 31.04
CA ARG B 73 17.98 35.30 31.97
C ARG B 73 18.95 34.33 31.27
N LEU B 74 18.58 33.91 30.07
CA LEU B 74 19.44 33.03 29.27
C LEU B 74 20.76 33.71 28.99
N TRP B 75 20.68 34.98 28.58
CA TRP B 75 21.87 35.77 28.31
C TRP B 75 22.64 36.06 29.59
N MET B 76 21.99 35.92 30.72
CA MET B 76 22.63 36.14 31.99
C MET B 76 23.45 34.94 32.35
N THR B 77 22.92 33.77 32.12
CA THR B 77 23.61 32.52 32.39
C THR B 77 24.73 32.25 31.35
N SER B 78 24.51 32.67 30.10
CA SER B 78 25.51 32.51 29.06
C SER B 78 26.70 33.46 29.24
N GLY B 79 26.42 34.64 29.77
CA GLY B 79 27.47 35.63 30.01
C GLY B 79 27.45 36.76 28.99
N HIS B 80 26.43 36.79 28.13
CA HIS B 80 26.31 37.84 27.12
C HIS B 80 25.86 39.17 27.71
N TRP B 81 24.93 39.10 28.65
CA TRP B 81 24.37 40.28 29.30
C TRP B 81 25.46 41.05 30.04
N GLN B 82 26.50 40.33 30.38
CA GLN B 82 27.64 40.88 31.04
C GLN B 82 28.63 41.41 30.02
N HIS B 83 29.22 40.55 29.21
CA HIS B 83 30.24 40.97 28.24
C HIS B 83 29.85 41.33 26.80
N TYR B 84 28.57 41.35 26.44
CA TYR B 84 28.21 41.58 25.05
C TYR B 84 27.05 42.52 24.98
N SER B 85 26.55 42.87 26.14
CA SER B 85 25.26 43.59 26.25
C SER B 85 25.03 44.75 25.27
N GLU B 86 26.07 45.51 24.95
CA GLU B 86 25.94 46.67 24.07
C GLU B 86 25.77 46.28 22.60
N ASN B 87 26.17 45.06 22.27
CA ASN B 87 26.08 44.56 20.89
C ASN B 87 24.75 43.88 20.63
N MET B 88 23.87 43.89 21.62
CA MET B 88 22.62 43.16 21.54
C MET B 88 21.40 44.07 21.45
N PHE B 89 20.44 43.67 20.60
CA PHE B 89 19.19 44.40 20.49
C PHE B 89 18.25 43.84 21.54
N SER B 90 17.86 44.69 22.49
CA SER B 90 16.99 44.27 23.57
C SER B 90 15.67 45.03 23.51
N PHE B 91 14.63 44.40 24.05
CA PHE B 91 13.31 44.99 24.09
C PHE B 91 12.52 44.30 25.20
N GLU B 92 11.29 44.74 25.44
CA GLU B 92 10.54 44.19 26.57
C GLU B 92 9.23 43.54 26.16
N VAL B 93 9.05 42.30 26.62
CA VAL B 93 7.85 41.52 26.36
C VAL B 93 7.16 41.22 27.68
N GLU B 94 5.97 41.78 27.87
CA GLU B 94 5.19 41.61 29.09
C GLU B 94 6.02 41.88 30.35
N LYS B 95 6.69 43.03 30.36
CA LYS B 95 7.52 43.45 31.49
C LYS B 95 8.68 42.49 31.78
N GLU B 96 9.12 41.76 30.77
CA GLU B 96 10.31 40.92 30.89
C GLU B 96 11.32 41.27 29.80
N LEU B 97 12.61 41.22 30.12
CA LEU B 97 13.63 41.61 29.17
C LEU B 97 13.97 40.48 28.18
N PHE B 98 13.85 40.80 26.90
CA PHE B 98 14.17 39.87 25.82
C PHE B 98 15.20 40.47 24.88
N ALA B 99 15.90 39.61 24.14
CA ALA B 99 16.88 40.06 23.18
C ALA B 99 16.99 39.12 21.99
N LEU B 100 17.31 39.70 20.82
CA LEU B 100 17.63 38.93 19.64
C LEU B 100 18.98 38.26 19.83
N LYS B 101 19.09 37.00 19.40
CA LYS B 101 20.32 36.25 19.62
C LYS B 101 21.50 36.73 18.78
N PRO B 102 22.58 37.17 19.45
CA PRO B 102 23.87 37.45 18.81
C PRO B 102 24.57 36.17 18.39
N MET B 103 24.32 35.09 19.12
CA MET B 103 24.97 33.80 18.89
C MET B 103 23.98 32.64 19.08
N ASN B 104 24.28 31.49 18.51
CA ASN B 104 23.43 30.30 18.62
C ASN B 104 23.77 29.38 19.80
N CYS B 105 24.91 29.63 20.44
CA CYS B 105 25.49 28.69 21.41
C CYS B 105 24.58 28.30 22.61
N PRO B 106 24.05 29.30 23.36
CA PRO B 106 23.25 28.94 24.53
C PRO B 106 21.99 28.15 24.18
N GLY B 107 21.36 28.49 23.06
CA GLY B 107 20.19 27.78 22.58
C GLY B 107 20.51 26.31 22.32
N HIS B 108 21.72 26.06 21.82
CA HIS B 108 22.18 24.70 21.60
C HIS B 108 22.49 23.99 22.91
N CYS B 109 22.98 24.75 23.88
CA CYS B 109 23.22 24.21 25.21
C CYS B 109 21.93 23.71 25.84
N LEU B 110 20.86 24.49 25.69
CA LEU B 110 19.54 24.07 26.15
C LEU B 110 19.11 22.76 25.48
N MET B 111 19.45 22.64 24.20
CA MET B 111 19.11 21.45 23.43
C MET B 111 19.88 20.21 23.92
N PHE B 112 21.15 20.38 24.23
CA PHE B 112 21.94 19.29 24.79
C PHE B 112 21.38 18.91 26.16
N ASP B 113 20.94 19.90 26.92
CA ASP B 113 20.45 19.67 28.27
C ASP B 113 18.98 19.26 28.29
N HIS B 114 18.37 19.17 27.11
CA HIS B 114 16.94 18.83 27.00
C HIS B 114 16.60 17.48 27.61
N ARG B 115 17.48 16.50 27.45
CA ARG B 115 17.27 15.20 28.06
C ARG B 115 18.61 14.62 28.53
N PRO B 116 18.58 13.48 29.25
CA PRO B 116 19.86 12.90 29.64
C PRO B 116 20.61 12.33 28.45
N ARG B 117 21.93 12.50 28.44
CA ARG B 117 22.74 12.02 27.33
C ARG B 117 23.81 11.06 27.83
N SER B 118 24.25 10.16 26.95
CA SER B 118 25.27 9.18 27.32
C SER B 118 26.56 9.47 26.58
N TRP B 119 27.56 8.63 26.82
CA TRP B 119 28.84 8.73 26.17
C TRP B 119 28.77 8.17 24.75
N ARG B 120 27.76 7.33 24.50
CA ARG B 120 27.57 6.74 23.18
C ARG B 120 27.01 7.74 22.17
N GLU B 121 26.46 8.84 22.68
CA GLU B 121 25.95 9.90 21.83
C GLU B 121 27.06 10.82 21.36
N LEU B 122 28.20 10.77 22.06
CA LEU B 122 29.31 11.66 21.79
C LEU B 122 30.28 11.09 20.76
N PRO B 123 30.87 11.96 19.92
CA PRO B 123 30.62 13.40 19.86
C PRO B 123 29.26 13.74 19.24
N LEU B 124 28.56 14.72 19.82
CA LEU B 124 27.29 15.18 19.28
C LEU B 124 27.47 16.54 18.61
N ARG B 125 27.24 16.58 17.30
CA ARG B 125 27.48 17.80 16.53
C ARG B 125 26.17 18.44 16.07
N LEU B 126 25.94 19.67 16.54
CA LEU B 126 24.71 20.39 16.25
C LEU B 126 24.95 21.61 15.38
N ALA B 127 24.37 21.61 14.18
CA ALA B 127 24.58 22.69 13.22
C ALA B 127 23.38 23.61 13.10
N ASP B 128 23.63 24.92 12.97
CA ASP B 128 22.56 25.92 12.87
C ASP B 128 22.90 27.04 11.89
N PHE B 129 21.96 27.31 10.98
CA PHE B 129 22.08 28.41 10.03
C PHE B 129 21.33 29.66 10.50
N GLY B 130 20.84 29.63 11.73
CA GLY B 130 19.94 30.65 12.25
C GLY B 130 20.43 32.08 12.13
N VAL B 131 19.47 33.01 12.09
CA VAL B 131 19.77 34.41 11.86
C VAL B 131 20.31 35.09 13.11
N LEU B 132 21.52 35.64 12.99
CA LEU B 132 22.16 36.34 14.08
C LEU B 132 22.13 37.85 13.84
N HIS B 133 21.85 38.57 14.92
CA HIS B 133 21.89 40.02 14.92
C HIS B 133 22.88 40.52 15.96
N ARG B 134 23.74 41.45 15.55
CA ARG B 134 24.65 42.11 16.46
C ARG B 134 24.64 43.60 16.17
N ASN B 135 24.65 44.42 17.22
CA ASN B 135 24.47 45.84 17.03
C ASN B 135 25.82 46.51 16.80
N GLU B 136 26.02 46.96 15.57
CA GLU B 136 27.24 47.63 15.16
C GLU B 136 26.92 49.10 14.97
N LEU B 137 27.83 49.96 15.36
CA LEU B 137 27.68 51.40 15.16
C LEU B 137 27.43 51.66 13.67
N SER B 138 26.49 52.54 13.38
CA SER B 138 26.06 52.82 12.01
C SER B 138 27.21 53.36 11.15
N GLY B 139 28.13 54.09 11.76
CA GLY B 139 29.24 54.69 11.05
C GLY B 139 30.24 53.67 10.52
N ALA B 140 30.34 52.53 11.20
CA ALA B 140 31.32 51.51 10.85
C ALA B 140 30.78 50.45 9.86
N LEU B 141 29.49 50.53 9.55
CA LEU B 141 28.86 49.56 8.66
C LEU B 141 29.32 49.73 7.21
N THR B 142 29.88 48.68 6.63
CA THR B 142 30.24 48.68 5.21
C THR B 142 29.84 47.38 4.51
N GLY B 143 28.97 47.49 3.50
CA GLY B 143 28.60 46.37 2.66
C GLY B 143 28.19 45.10 3.38
N LEU B 144 28.71 43.98 2.89
CA LEU B 144 28.47 42.68 3.52
C LEU B 144 29.60 42.30 4.48
N THR B 145 30.62 43.17 4.55
CA THR B 145 31.78 42.96 5.42
C THR B 145 31.52 43.29 6.89
N ARG B 146 30.91 44.45 7.13
CA ARG B 146 30.53 44.85 8.48
C ARG B 146 29.02 44.98 8.52
N VAL B 147 28.36 44.05 9.21
CA VAL B 147 26.90 43.94 9.15
C VAL B 147 26.26 43.74 10.51
N ARG B 148 24.98 44.11 10.61
CA ARG B 148 24.20 43.89 11.82
C ARG B 148 23.43 42.58 11.80
N ARG B 149 23.36 41.95 10.64
CA ARG B 149 22.55 40.76 10.47
C ARG B 149 23.25 39.79 9.54
N PHE B 150 23.18 38.51 9.87
CA PHE B 150 23.83 37.49 9.03
C PHE B 150 23.53 36.09 9.50
N GLN B 151 23.75 35.12 8.61
CA GLN B 151 23.62 33.72 8.98
C GLN B 151 25.00 33.09 8.86
N GLN B 152 25.53 32.64 9.98
CA GLN B 152 26.81 31.96 10.01
C GLN B 152 26.65 30.47 9.90
N ASP B 153 27.62 29.77 9.36
CA ASP B 153 27.50 28.34 9.33
C ASP B 153 28.08 27.93 10.67
N ASP B 154 27.21 27.62 11.61
CA ASP B 154 27.53 27.42 12.98
C ASP B 154 27.30 25.99 13.36
N ALA B 155 28.32 25.33 13.86
CA ALA B 155 28.11 24.05 14.50
C ALA B 155 28.85 24.01 15.82
N HIS B 156 28.27 23.28 16.77
CA HIS B 156 28.91 23.04 18.05
C HIS B 156 29.15 21.55 18.23
N ILE B 157 30.33 21.21 18.71
CA ILE B 157 30.66 19.82 18.98
C ILE B 157 30.71 19.58 20.47
N PHE B 158 29.85 18.69 20.96
CA PHE B 158 29.86 18.28 22.34
C PHE B 158 30.61 16.96 22.40
N CYS B 159 31.80 16.96 22.98
CA CYS B 159 32.54 15.71 23.11
C CYS B 159 33.22 15.58 24.47
N ALA B 160 33.81 14.41 24.69
CA ALA B 160 34.66 14.17 25.85
C ALA B 160 36.05 14.72 25.54
N MET B 161 36.79 15.05 26.59
CA MET B 161 38.16 15.53 26.45
C MET B 161 38.99 14.61 25.54
N GLU B 162 38.94 13.32 25.83
CA GLU B 162 39.70 12.31 25.09
C GLU B 162 39.38 12.33 23.59
N GLN B 163 38.21 12.84 23.24
CA GLN B 163 37.78 12.88 21.84
C GLN B 163 38.28 14.12 21.08
N ILE B 164 38.73 15.14 21.83
CA ILE B 164 39.08 16.44 21.24
C ILE B 164 40.01 16.32 20.04
N GLU B 165 41.15 15.67 20.25
CA GLU B 165 42.16 15.51 19.19
C GLU B 165 41.56 14.96 17.90
N ASP B 166 40.61 14.03 18.03
CA ASP B 166 40.04 13.39 16.85
C ASP B 166 39.03 14.31 16.17
N GLU B 167 38.33 15.11 16.97
CA GLU B 167 37.31 16.01 16.43
C GLU B 167 37.95 17.21 15.71
N ILE B 168 39.12 17.62 16.20
CA ILE B 168 39.83 18.75 15.62
C ILE B 168 40.37 18.42 14.23
N LYS B 169 40.97 17.27 14.11
CA LYS B 169 41.51 16.85 12.86
C LYS B 169 40.45 16.73 11.78
N GLY B 170 39.29 16.22 12.15
CA GLY B 170 38.10 16.25 11.32
C GLY B 170 37.76 17.68 10.96
N CYS B 171 37.69 18.54 11.97
CA CYS B 171 37.39 19.96 11.76
C CYS B 171 38.35 20.62 10.78
N LEU B 172 39.58 20.12 10.72
CA LEU B 172 40.54 20.65 9.76
C LEU B 172 40.27 20.07 8.38
N ASP B 173 40.02 18.77 8.33
CA ASP B 173 39.72 18.07 7.08
C ASP B 173 38.55 18.74 6.36
N PHE B 174 37.63 19.26 7.16
CA PHE B 174 36.48 20.00 6.67
C PHE B 174 36.98 21.23 5.91
N LEU B 175 37.74 22.07 6.60
CA LEU B 175 38.23 23.35 6.07
C LEU B 175 38.90 23.14 4.74
N ARG B 176 39.93 22.30 4.77
CA ARG B 176 40.74 22.02 3.61
C ARG B 176 39.88 21.59 2.44
N THR B 177 38.82 20.84 2.72
CA THR B 177 37.91 20.45 1.66
C THR B 177 37.16 21.67 1.11
N VAL B 178 36.45 22.37 1.99
CA VAL B 178 35.62 23.50 1.58
C VAL B 178 36.44 24.52 0.79
N TYR B 179 37.53 24.97 1.40
CA TYR B 179 38.41 25.95 0.77
C TYR B 179 39.00 25.44 -0.53
N SER B 180 39.28 24.13 -0.60
CA SER B 180 39.82 23.58 -1.83
C SER B 180 38.81 23.62 -2.96
N VAL B 181 37.52 23.67 -2.61
CA VAL B 181 36.49 23.86 -3.63
C VAL B 181 36.58 25.29 -4.16
N PHE B 182 36.86 26.22 -3.26
CA PHE B 182 36.96 27.64 -3.60
C PHE B 182 38.29 27.97 -4.28
N GLY B 183 39.31 27.16 -4.02
CA GLY B 183 40.63 27.42 -4.55
C GLY B 183 41.39 28.41 -3.69
N PHE B 184 41.11 28.38 -2.40
CA PHE B 184 41.79 29.24 -1.45
C PHE B 184 42.96 28.51 -0.78
N SER B 185 44.04 29.23 -0.51
CA SER B 185 45.11 28.74 0.36
C SER B 185 44.93 29.44 1.69
N PHE B 186 45.26 28.76 2.78
CA PHE B 186 44.96 29.25 4.11
C PHE B 186 46.11 29.07 5.09
N LYS B 187 46.09 29.85 6.18
CA LYS B 187 47.08 29.69 7.23
C LYS B 187 46.45 29.58 8.62
N LEU B 188 47.13 28.84 9.49
CA LEU B 188 46.58 28.42 10.77
C LEU B 188 47.36 29.02 11.94
N ASN B 189 46.72 29.33 13.02
CA ASN B 189 47.43 29.77 14.19
C ASN B 189 46.76 29.35 15.50
N LEU B 190 47.54 28.92 16.49
CA LEU B 190 47.05 28.41 17.77
C LEU B 190 47.18 29.49 18.84
N SER B 191 46.05 29.85 19.44
CA SER B 191 46.02 30.77 20.56
C SER B 191 45.75 29.99 21.84
N THR B 192 46.73 30.03 22.75
CA THR B 192 46.71 29.22 23.96
C THR B 192 46.35 30.02 25.22
N ARG B 193 46.42 29.35 26.37
CA ARG B 193 45.97 29.91 27.64
C ARG B 193 46.59 31.27 27.98
N PRO B 194 45.73 32.28 28.18
CA PRO B 194 46.12 33.65 28.50
C PRO B 194 46.48 33.81 29.98
N GLU B 195 46.90 35.01 30.36
CA GLU B 195 47.21 35.33 31.76
C GLU B 195 45.99 35.06 32.63
N LYS B 196 44.94 35.85 32.40
CA LYS B 196 43.67 35.62 33.07
C LYS B 196 42.88 34.55 32.31
N PHE B 197 42.59 33.45 33.01
CA PHE B 197 41.86 32.34 32.40
C PHE B 197 40.91 31.70 33.41
N LEU B 198 39.93 30.96 32.89
CA LEU B 198 38.92 30.33 33.74
C LEU B 198 39.07 28.81 33.75
N GLY B 199 38.65 28.19 34.86
CA GLY B 199 38.67 26.74 34.96
C GLY B 199 40.02 26.19 35.37
N ASP B 200 40.07 24.87 35.58
CA ASP B 200 41.30 24.20 35.97
C ASP B 200 42.31 24.14 34.82
N ILE B 201 43.59 24.24 35.15
CA ILE B 201 44.66 24.31 34.16
C ILE B 201 45.01 22.95 33.54
N GLU B 202 44.74 21.86 34.27
CA GLU B 202 44.99 20.52 33.74
C GLU B 202 44.14 20.26 32.49
N VAL B 203 42.88 20.66 32.55
CA VAL B 203 41.97 20.59 31.42
C VAL B 203 42.57 21.33 30.23
N TRP B 204 42.99 22.57 30.48
CA TRP B 204 43.66 23.41 29.50
C TRP B 204 44.82 22.68 28.83
N ASP B 205 45.64 22.03 29.65
CA ASP B 205 46.83 21.34 29.16
C ASP B 205 46.50 20.13 28.29
N GLN B 206 45.56 19.30 28.74
CA GLN B 206 45.10 18.17 27.93
C GLN B 206 44.59 18.66 26.57
N ALA B 207 43.70 19.64 26.62
CA ALA B 207 43.12 20.24 25.43
C ALA B 207 44.18 20.73 24.45
N GLU B 208 45.08 21.58 24.94
CA GLU B 208 46.12 22.18 24.10
C GLU B 208 47.10 21.14 23.54
N LYS B 209 47.39 20.11 24.34
CA LYS B 209 48.22 19.01 23.87
C LYS B 209 47.55 18.33 22.67
N GLN B 210 46.26 18.02 22.81
CA GLN B 210 45.51 17.42 21.71
C GLN B 210 45.45 18.33 20.47
N LEU B 211 45.30 19.63 20.70
CA LEU B 211 45.28 20.61 19.62
C LEU B 211 46.59 20.60 18.84
N GLU B 212 47.70 20.65 19.56
CA GLU B 212 49.02 20.58 18.94
C GLU B 212 49.21 19.30 18.15
N ASN B 213 48.82 18.17 18.74
CA ASN B 213 48.91 16.89 18.07
C ASN B 213 48.13 16.87 16.75
N SER B 214 46.92 17.43 16.77
CA SER B 214 46.10 17.53 15.56
C SER B 214 46.76 18.42 14.50
N LEU B 215 47.19 19.60 14.91
CA LEU B 215 47.85 20.54 14.00
C LEU B 215 49.10 19.96 13.34
N ASN B 216 49.86 19.18 14.10
CA ASN B 216 51.06 18.52 13.58
C ASN B 216 50.73 17.37 12.64
N GLU B 217 49.76 16.54 13.05
CA GLU B 217 49.27 15.43 12.23
C GLU B 217 48.69 15.93 10.90
N PHE B 218 48.18 17.16 10.92
CA PHE B 218 47.56 17.76 9.75
C PHE B 218 48.57 18.07 8.65
N GLY B 219 49.76 18.53 9.04
CA GLY B 219 50.85 18.71 8.11
C GLY B 219 51.20 20.13 7.69
N GLU B 220 50.27 21.05 7.87
CA GLU B 220 50.49 22.46 7.50
C GLU B 220 51.32 23.20 8.53
N LYS B 221 52.20 24.08 8.07
CA LYS B 221 52.93 24.98 8.96
C LYS B 221 51.94 25.86 9.70
N TRP B 222 52.01 25.85 11.03
CA TRP B 222 51.11 26.65 11.85
C TRP B 222 51.87 27.50 12.85
N GLU B 223 51.26 28.62 13.26
CA GLU B 223 51.90 29.52 14.21
C GLU B 223 51.28 29.41 15.60
N LEU B 224 52.10 29.58 16.62
CA LEU B 224 51.61 29.58 18.00
C LEU B 224 51.67 30.98 18.58
N ASN B 225 50.50 31.52 18.93
CA ASN B 225 50.43 32.76 19.67
C ASN B 225 50.12 32.45 21.13
N SER B 226 51.12 32.62 21.98
CA SER B 226 51.02 32.24 23.38
C SER B 226 50.25 33.27 24.20
N GLY B 227 49.30 32.81 25.00
CA GLY B 227 48.52 33.68 25.85
C GLY B 227 47.48 34.52 25.12
N ASP B 228 47.31 34.25 23.83
CA ASP B 228 46.36 35.02 23.02
C ASP B 228 44.98 34.36 22.93
N GLY B 229 44.79 33.25 23.64
CA GLY B 229 43.51 32.59 23.66
C GLY B 229 42.47 33.30 24.50
N ALA B 230 41.21 32.88 24.39
CA ALA B 230 40.14 33.43 25.20
C ALA B 230 40.20 32.85 26.62
N PHE B 231 39.60 33.56 27.57
CA PHE B 231 39.59 33.12 28.96
C PHE B 231 38.80 31.83 29.16
N TYR B 232 37.87 31.55 28.25
CA TYR B 232 37.04 30.36 28.35
C TYR B 232 37.58 29.13 27.59
N GLY B 233 38.61 29.34 26.78
CA GLY B 233 39.22 28.22 26.06
C GLY B 233 40.28 28.58 25.04
N PRO B 234 41.10 27.59 24.65
CA PRO B 234 42.11 27.74 23.60
C PRO B 234 41.43 27.74 22.24
N LYS B 235 42.12 28.18 21.20
CA LYS B 235 41.52 28.31 19.90
C LYS B 235 42.42 28.14 18.69
N ILE B 236 41.88 27.67 17.59
CA ILE B 236 42.63 27.66 16.33
C ILE B 236 41.96 28.64 15.37
N ASP B 237 42.72 29.61 14.87
CA ASP B 237 42.17 30.55 13.90
C ASP B 237 42.70 30.27 12.49
N ILE B 238 41.85 30.51 11.49
CA ILE B 238 42.19 30.27 10.11
C ILE B 238 41.95 31.49 9.22
N GLN B 239 43.00 31.87 8.50
CA GLN B 239 42.90 32.97 7.54
C GLN B 239 42.98 32.46 6.11
N ILE B 240 42.12 33.04 5.25
CA ILE B 240 42.00 32.66 3.86
C ILE B 240 42.71 33.66 2.96
N LYS B 241 43.42 33.16 1.96
CA LYS B 241 44.10 34.03 0.99
C LYS B 241 43.41 34.08 -0.35
N ASP B 242 42.94 35.25 -0.74
CA ASP B 242 42.24 35.39 -2.02
C ASP B 242 43.19 35.34 -3.21
N ALA B 243 42.64 35.47 -4.42
CA ALA B 243 43.44 35.40 -5.64
C ALA B 243 44.50 36.49 -5.72
N ILE B 244 44.20 37.67 -5.16
CA ILE B 244 45.12 38.79 -5.21
C ILE B 244 46.13 38.76 -4.04
N GLY B 245 45.87 37.89 -3.07
CA GLY B 245 46.81 37.67 -1.99
C GLY B 245 46.47 38.27 -0.63
N ARG B 246 45.28 38.83 -0.49
CA ARG B 246 44.85 39.37 0.79
C ARG B 246 44.37 38.27 1.74
N TYR B 247 44.47 38.53 3.04
CA TYR B 247 44.07 37.56 4.06
C TYR B 247 42.79 37.97 4.80
N HIS B 248 41.88 37.02 4.97
CA HIS B 248 40.64 37.26 5.68
C HIS B 248 40.44 36.22 6.78
N GLN B 249 40.22 36.67 8.01
CA GLN B 249 39.97 35.76 9.11
C GLN B 249 38.56 35.21 8.92
N CYS B 250 38.42 33.91 8.77
CA CYS B 250 37.15 33.31 8.44
C CYS B 250 36.77 32.18 9.38
N ALA B 251 37.48 31.09 9.26
CA ALA B 251 37.22 29.92 10.06
C ALA B 251 37.75 30.10 11.47
N THR B 252 37.11 29.42 12.42
CA THR B 252 37.69 29.31 13.75
C THR B 252 37.26 28.03 14.44
N ILE B 253 38.13 27.51 15.31
CA ILE B 253 37.80 26.36 16.13
C ILE B 253 38.08 26.76 17.57
N GLN B 254 37.02 26.85 18.38
CA GLN B 254 37.10 27.47 19.69
C GLN B 254 36.59 26.55 20.80
N LEU B 255 37.46 26.18 21.73
CA LEU B 255 37.04 25.34 22.86
C LEU B 255 36.40 26.20 23.95
N ASP B 256 35.37 25.65 24.59
CA ASP B 256 34.66 26.31 25.67
C ASP B 256 34.48 25.31 26.82
N PHE B 257 35.14 25.59 27.94
CA PHE B 257 34.92 24.88 29.19
C PHE B 257 33.95 25.61 30.11
N GLN B 258 33.66 26.87 29.81
CA GLN B 258 32.82 27.69 30.66
C GLN B 258 31.34 27.37 30.46
N LEU B 259 30.94 27.35 29.20
CA LEU B 259 29.57 27.05 28.79
C LEU B 259 28.95 25.80 29.44
N PRO B 260 29.69 24.67 29.46
CA PRO B 260 29.10 23.47 30.10
C PRO B 260 28.89 23.65 31.60
N ILE B 261 29.72 24.45 32.26
CA ILE B 261 29.60 24.70 33.69
C ILE B 261 28.44 25.63 34.00
N ARG B 262 28.27 26.66 33.17
CA ARG B 262 27.23 27.66 33.40
C ARG B 262 25.83 27.14 33.07
N PHE B 263 25.74 26.23 32.11
CA PHE B 263 24.47 25.58 31.81
C PHE B 263 24.34 24.23 32.53
N ASN B 264 25.35 23.90 33.32
CA ASN B 264 25.41 22.65 34.06
C ASN B 264 25.14 21.47 33.14
N LEU B 265 26.03 21.28 32.17
CA LEU B 265 25.87 20.25 31.15
C LEU B 265 26.59 18.97 31.58
N THR B 266 25.99 17.84 31.27
CA THR B 266 26.49 16.56 31.77
C THR B 266 26.17 15.40 30.83
N TYR B 267 27.10 14.45 30.71
CA TYR B 267 26.78 13.17 30.11
C TYR B 267 27.07 12.04 31.09
N VAL B 268 26.74 10.82 30.69
CA VAL B 268 27.02 9.63 31.49
C VAL B 268 28.24 8.96 30.88
N SER B 269 29.31 8.87 31.65
CA SER B 269 30.56 8.34 31.13
C SER B 269 30.47 6.84 30.91
N HIS B 270 31.54 6.28 30.38
CA HIS B 270 31.60 4.87 30.13
C HIS B 270 31.52 4.14 31.45
N ASP B 271 32.00 4.80 32.49
CA ASP B 271 32.25 4.22 33.78
C ASP B 271 31.04 3.62 34.48
N GLY B 272 29.88 4.25 34.45
CA GLY B 272 29.76 5.61 34.04
C GLY B 272 29.32 6.46 35.21
N ASP B 273 30.21 7.38 35.57
CA ASP B 273 29.91 8.48 36.44
C ASP B 273 29.02 9.43 35.64
N ASP B 274 28.08 10.07 36.28
CA ASP B 274 27.10 10.87 35.60
C ASP B 274 27.27 12.32 35.89
N LYS B 275 28.42 12.69 36.41
CA LYS B 275 28.72 14.07 36.73
C LYS B 275 29.78 14.69 35.83
N LYS B 276 30.18 13.99 34.78
CA LYS B 276 31.14 14.52 33.83
C LYS B 276 30.57 15.50 32.81
N ARG B 277 31.17 16.68 32.72
CA ARG B 277 30.78 17.71 31.76
C ARG B 277 31.54 17.55 30.46
N PRO B 278 30.87 17.83 29.33
CA PRO B 278 31.56 17.74 28.03
C PRO B 278 32.35 19.01 27.74
N VAL B 279 33.09 19.00 26.63
CA VAL B 279 33.80 20.17 26.16
C VAL B 279 33.03 20.72 24.98
N ILE B 280 32.85 22.04 24.91
CA ILE B 280 32.11 22.58 23.77
C ILE B 280 33.07 23.08 22.70
N VAL B 281 32.78 22.79 21.43
CA VAL B 281 33.61 23.33 20.36
C VAL B 281 32.77 24.17 19.40
N HIS B 282 33.02 25.48 19.43
CA HIS B 282 32.41 26.40 18.48
C HIS B 282 33.18 26.30 17.19
N ARG B 283 32.50 26.02 16.09
CA ARG B 283 33.15 26.12 14.79
C ARG B 283 32.29 26.71 13.67
N ALA B 284 32.92 27.56 12.89
CA ALA B 284 32.42 28.08 11.61
C ALA B 284 33.50 28.05 10.56
N ILE B 285 33.12 27.82 9.32
CA ILE B 285 34.04 27.74 8.20
C ILE B 285 33.90 28.89 7.23
N LEU B 286 32.71 29.15 6.76
CA LEU B 286 32.44 30.28 5.90
C LEU B 286 32.49 31.56 6.66
N GLY B 287 32.37 31.51 7.95
CA GLY B 287 32.21 32.71 8.70
C GLY B 287 30.76 33.02 8.81
N SER B 288 30.28 33.81 7.87
CA SER B 288 28.88 34.00 7.67
C SER B 288 28.72 33.88 6.20
N VAL B 289 27.52 33.60 5.74
CA VAL B 289 27.23 33.51 4.34
C VAL B 289 27.49 34.84 3.67
N GLU B 290 27.11 35.90 4.35
CA GLU B 290 27.22 37.23 3.84
C GLU B 290 28.65 37.58 3.60
N ARG B 291 29.48 37.29 4.57
CA ARG B 291 30.89 37.58 4.50
C ARG B 291 31.57 36.80 3.41
N MET B 292 31.22 35.54 3.30
CA MET B 292 31.75 34.71 2.25
C MET B 292 31.32 35.23 0.89
N ILE B 293 30.11 35.75 0.79
CA ILE B 293 29.60 36.28 -0.47
C ILE B 293 30.38 37.51 -0.92
N ALA B 294 30.61 38.44 0.00
CA ALA B 294 31.41 39.62 -0.31
C ALA B 294 32.80 39.25 -0.81
N ILE B 295 33.51 38.45 0.00
CA ILE B 295 34.86 38.01 -0.33
C ILE B 295 34.93 37.28 -1.68
N LEU B 296 33.96 36.41 -1.93
CA LEU B 296 33.90 35.68 -3.20
C LEU B 296 33.59 36.59 -4.37
N THR B 297 32.76 37.61 -4.14
CA THR B 297 32.39 38.55 -5.17
C THR B 297 33.61 39.35 -5.61
N GLU B 298 34.43 39.74 -4.64
CA GLU B 298 35.68 40.45 -4.98
C GLU B 298 36.75 39.53 -5.56
N ASN B 299 36.82 38.30 -5.06
CA ASN B 299 37.84 37.34 -5.48
C ASN B 299 37.63 36.84 -6.91
N TYR B 300 36.38 36.56 -7.24
CA TYR B 300 36.03 36.02 -8.54
C TYR B 300 35.96 37.11 -9.62
N GLY B 301 35.91 38.36 -9.19
CA GLY B 301 35.87 39.49 -10.11
C GLY B 301 34.65 39.43 -11.01
N GLY B 302 33.54 38.93 -10.47
CA GLY B 302 32.33 38.80 -11.24
C GLY B 302 32.19 37.46 -11.93
N LYS B 303 33.30 36.75 -12.10
CA LYS B 303 33.24 35.49 -12.81
C LYS B 303 32.98 34.39 -11.78
N TRP B 304 31.77 33.86 -11.80
CA TRP B 304 31.36 32.88 -10.80
C TRP B 304 31.61 31.49 -11.33
N PRO B 305 32.14 30.61 -10.48
CA PRO B 305 32.22 29.21 -10.88
C PRO B 305 30.81 28.69 -11.15
N PHE B 306 30.72 27.74 -12.08
CA PHE B 306 29.45 27.24 -12.61
C PHE B 306 28.40 26.86 -11.57
N TRP B 307 28.83 26.18 -10.50
CA TRP B 307 27.91 25.70 -9.48
C TRP B 307 27.37 26.84 -8.61
N LEU B 308 28.15 27.91 -8.49
CA LEU B 308 27.75 29.08 -7.72
C LEU B 308 27.04 30.12 -8.58
N SER B 309 27.07 29.92 -9.88
CA SER B 309 26.68 30.97 -10.82
C SER B 309 25.18 31.16 -10.97
N PRO B 310 24.72 32.42 -10.80
CA PRO B 310 23.32 32.78 -10.99
C PRO B 310 22.95 32.73 -12.46
N ARG B 311 23.91 32.98 -13.34
CA ARG B 311 23.67 32.80 -14.77
C ARG B 311 24.55 31.67 -15.28
N GLN B 312 23.96 30.49 -15.43
CA GLN B 312 24.66 29.32 -15.95
C GLN B 312 24.64 29.17 -17.46
N VAL B 313 23.47 29.41 -18.04
CA VAL B 313 23.21 29.11 -19.45
C VAL B 313 22.51 30.27 -20.15
N MET B 314 22.96 30.60 -21.36
CA MET B 314 22.29 31.58 -22.19
C MET B 314 21.96 30.92 -23.53
N VAL B 315 20.68 30.70 -23.81
CA VAL B 315 20.31 30.12 -25.09
C VAL B 315 20.04 31.23 -26.09
N VAL B 316 20.76 31.22 -27.21
CA VAL B 316 20.51 32.20 -28.25
C VAL B 316 20.23 31.49 -29.57
N PRO B 317 19.17 31.92 -30.27
CA PRO B 317 18.87 31.46 -31.63
C PRO B 317 19.69 32.23 -32.66
N VAL B 318 19.96 31.61 -33.81
CA VAL B 318 20.64 32.29 -34.90
C VAL B 318 19.65 33.25 -35.57
N GLY B 319 18.41 32.80 -35.69
CA GLY B 319 17.34 33.58 -36.28
C GLY B 319 16.00 33.27 -35.66
N PRO B 320 14.99 34.10 -35.93
CA PRO B 320 13.63 33.94 -35.38
C PRO B 320 13.03 32.59 -35.74
N THR B 321 13.44 32.04 -36.88
CA THR B 321 13.03 30.71 -37.31
C THR B 321 13.30 29.65 -36.25
N CYS B 322 14.34 29.87 -35.45
CA CYS B 322 14.73 28.92 -34.41
C CYS B 322 14.21 29.30 -33.02
N ASP B 323 13.49 30.43 -32.94
CA ASP B 323 13.00 30.96 -31.66
C ASP B 323 12.28 29.94 -30.81
N GLU B 324 11.53 29.05 -31.46
CA GLU B 324 10.79 28.00 -30.77
C GLU B 324 11.72 26.95 -30.16
N TYR B 325 12.69 26.50 -30.97
CA TYR B 325 13.65 25.47 -30.56
C TYR B 325 14.43 25.93 -29.35
N ALA B 326 14.93 27.16 -29.45
CA ALA B 326 15.66 27.79 -28.35
C ALA B 326 14.80 27.83 -27.10
N GLN B 327 13.52 28.01 -27.24
CA GLN B 327 12.63 27.93 -26.11
C GLN B 327 12.51 26.54 -25.51
N LYS B 328 12.45 25.54 -26.35
CA LYS B 328 12.45 24.16 -25.89
C LYS B 328 13.73 23.85 -25.12
N VAL B 329 14.86 24.06 -25.77
CA VAL B 329 16.18 23.77 -25.21
C VAL B 329 16.33 24.37 -23.82
N ARG B 330 16.13 25.68 -23.72
CA ARG B 330 16.22 26.38 -22.44
C ARG B 330 15.38 25.68 -21.41
N GLN B 331 14.12 25.42 -21.77
CA GLN B 331 13.18 24.80 -20.85
C GLN B 331 13.78 23.51 -20.31
N GLN B 332 14.31 22.70 -21.20
CA GLN B 332 14.92 21.46 -20.81
C GLN B 332 16.11 21.61 -19.92
N PHE B 333 16.92 22.58 -20.16
CA PHE B 333 18.02 22.89 -19.25
C PHE B 333 17.46 23.41 -17.93
N HIS B 334 16.40 24.19 -18.01
CA HIS B 334 15.75 24.71 -16.81
C HIS B 334 15.15 23.56 -16.00
N ASP B 335 14.72 22.51 -16.69
CA ASP B 335 14.13 21.36 -16.02
C ASP B 335 15.23 20.43 -15.49
N ALA B 336 16.47 20.75 -15.84
CA ALA B 336 17.63 20.02 -15.34
C ALA B 336 18.19 20.71 -14.08
N LYS B 337 17.46 21.72 -13.60
CA LYS B 337 17.84 22.55 -12.45
C LYS B 337 19.06 23.44 -12.71
N PHE B 338 19.16 23.95 -13.93
CA PHE B 338 20.18 24.93 -14.28
C PHE B 338 19.52 26.29 -14.36
N MET B 339 20.29 27.34 -14.09
CA MET B 339 19.77 28.67 -14.24
C MET B 339 20.06 29.01 -15.69
N ALA B 340 18.99 29.05 -16.48
CA ALA B 340 19.13 29.13 -17.93
C ALA B 340 18.19 30.19 -18.49
N ASP B 341 18.79 31.21 -19.08
CA ASP B 341 18.02 32.28 -19.72
C ASP B 341 18.08 32.14 -21.22
N ILE B 342 17.44 33.08 -21.92
CA ILE B 342 17.36 33.04 -23.37
C ILE B 342 17.35 34.46 -23.93
N ASP B 343 17.97 34.66 -25.08
CA ASP B 343 17.94 35.97 -25.72
C ASP B 343 17.17 35.87 -27.04
N LEU B 344 15.95 36.38 -27.06
CA LEU B 344 15.10 36.30 -28.24
C LEU B 344 15.04 37.55 -29.11
N ASP B 345 15.67 38.64 -28.67
CA ASP B 345 15.50 39.93 -29.33
C ASP B 345 15.90 39.84 -30.80
N PRO B 346 14.93 40.00 -31.71
CA PRO B 346 15.16 39.85 -33.14
C PRO B 346 16.00 40.99 -33.70
N GLY B 347 16.02 42.11 -32.99
CA GLY B 347 16.71 43.31 -33.46
C GLY B 347 18.19 43.32 -33.13
N CYS B 348 18.71 42.22 -32.61
CA CYS B 348 20.12 42.15 -32.24
C CYS B 348 20.83 40.96 -32.89
N THR B 349 22.10 41.15 -33.24
CA THR B 349 22.88 40.11 -33.91
C THR B 349 23.34 39.01 -32.96
N LEU B 350 23.62 37.84 -33.53
CA LEU B 350 24.17 36.71 -32.81
C LEU B 350 25.39 37.09 -31.98
N ASN B 351 26.43 37.56 -32.67
CA ASN B 351 27.68 37.98 -32.03
C ASN B 351 27.50 38.95 -30.88
N LYS B 352 26.56 39.89 -31.02
CA LYS B 352 26.29 40.86 -29.96
C LYS B 352 25.66 40.18 -28.74
N LYS B 353 24.77 39.22 -28.98
CA LYS B 353 24.13 38.49 -27.90
C LYS B 353 25.13 37.62 -27.16
N ILE B 354 26.00 36.94 -27.91
CA ILE B 354 27.06 36.13 -27.35
C ILE B 354 27.99 36.99 -26.49
N ARG B 355 28.42 38.12 -27.06
CA ARG B 355 29.32 39.05 -26.40
C ARG B 355 28.70 39.62 -25.11
N ASN B 356 27.45 40.05 -25.21
CA ASN B 356 26.73 40.58 -24.06
C ASN B 356 26.52 39.54 -22.98
N ALA B 357 26.28 38.30 -23.38
CA ALA B 357 26.15 37.19 -22.45
C ALA B 357 27.46 36.98 -21.72
N GLN B 358 28.56 37.16 -22.46
CA GLN B 358 29.90 37.03 -21.87
C GLN B 358 30.21 38.16 -20.89
N LEU B 359 29.80 39.38 -21.22
CA LEU B 359 29.96 40.53 -20.33
C LEU B 359 29.06 40.39 -19.10
N ALA B 360 27.95 39.70 -19.27
CA ALA B 360 27.02 39.44 -18.18
C ALA B 360 27.48 38.23 -17.37
N GLN B 361 28.60 37.66 -17.79
CA GLN B 361 29.26 36.55 -17.10
C GLN B 361 28.48 35.22 -17.06
N TYR B 362 27.81 34.90 -18.16
CA TYR B 362 27.20 33.57 -18.31
C TYR B 362 28.28 32.53 -18.59
N ASN B 363 28.28 31.43 -17.84
CA ASN B 363 29.27 30.38 -18.01
C ASN B 363 29.21 29.74 -19.38
N PHE B 364 28.00 29.37 -19.79
CA PHE B 364 27.82 28.69 -21.07
C PHE B 364 26.79 29.40 -21.95
N ILE B 365 27.16 29.58 -23.22
CA ILE B 365 26.26 30.15 -24.22
C ILE B 365 25.94 29.07 -25.25
N LEU B 366 24.67 28.67 -25.32
CA LEU B 366 24.24 27.65 -26.26
C LEU B 366 23.58 28.32 -27.45
N VAL B 367 24.24 28.23 -28.61
CA VAL B 367 23.72 28.83 -29.84
C VAL B 367 23.03 27.78 -30.69
N VAL B 368 21.80 28.08 -31.10
CA VAL B 368 21.01 27.14 -31.88
C VAL B 368 20.57 27.72 -33.21
N GLY B 369 20.55 26.87 -34.24
CA GLY B 369 20.24 27.28 -35.59
C GLY B 369 19.59 26.10 -36.28
N GLU B 370 19.32 26.23 -37.58
CA GLU B 370 18.65 25.18 -38.35
C GLU B 370 19.33 23.83 -38.18
N LYS B 371 20.65 23.82 -38.36
CA LYS B 371 21.48 22.63 -38.21
C LYS B 371 21.27 21.98 -36.84
N GLU B 372 21.21 22.81 -35.79
CA GLU B 372 21.03 22.33 -34.43
C GLU B 372 19.59 21.89 -34.15
N LYS B 373 18.62 22.56 -34.77
CA LYS B 373 17.21 22.22 -34.64
C LYS B 373 16.92 20.84 -35.25
N ILE B 374 17.56 20.55 -36.37
CA ILE B 374 17.36 19.27 -37.05
C ILE B 374 18.01 18.10 -36.31
N SER B 375 19.22 18.32 -35.79
CA SER B 375 19.99 17.27 -35.13
C SER B 375 19.71 17.17 -33.62
N GLY B 376 18.87 18.07 -33.12
CA GLY B 376 18.60 18.11 -31.70
C GLY B 376 19.87 18.39 -30.92
N THR B 377 20.62 19.38 -31.38
CA THR B 377 21.90 19.70 -30.77
C THR B 377 22.00 21.17 -30.37
N VAL B 378 23.14 21.53 -29.79
CA VAL B 378 23.45 22.91 -29.46
C VAL B 378 24.91 23.18 -29.83
N ASN B 379 25.21 24.42 -30.16
CA ASN B 379 26.56 24.80 -30.39
C ASN B 379 27.07 25.47 -29.15
N ILE B 380 28.06 24.87 -28.53
CA ILE B 380 28.51 25.28 -27.21
C ILE B 380 29.64 26.31 -27.25
N ARG B 381 29.36 27.47 -26.66
CA ARG B 381 30.34 28.54 -26.51
C ARG B 381 30.53 28.76 -25.02
N THR B 382 31.71 29.20 -24.62
CA THR B 382 31.95 29.52 -23.22
C THR B 382 31.98 31.02 -22.98
N ARG B 383 32.27 31.39 -21.76
CA ARG B 383 32.40 32.78 -21.35
C ARG B 383 33.76 33.34 -21.79
N ASP B 384 34.65 32.47 -22.22
CA ASP B 384 36.04 32.77 -22.34
C ASP B 384 36.75 33.13 -23.63
N ASN B 385 36.10 33.19 -24.79
CA ASN B 385 34.93 32.49 -25.13
C ASN B 385 35.41 31.46 -26.11
N LYS B 386 35.31 30.21 -25.72
CA LYS B 386 35.92 29.14 -26.46
C LYS B 386 34.87 28.23 -26.98
N VAL B 387 35.21 27.41 -27.94
CA VAL B 387 34.25 26.64 -28.66
C VAL B 387 34.31 25.22 -28.23
N HIS B 388 33.18 24.63 -27.88
CA HIS B 388 33.20 23.25 -27.49
C HIS B 388 32.44 22.37 -28.44
N GLY B 389 32.05 22.96 -29.55
CA GLY B 389 31.47 22.26 -30.68
C GLY B 389 29.99 22.01 -30.55
N GLU B 390 29.47 21.19 -31.46
CA GLU B 390 28.05 20.91 -31.53
C GLU B 390 27.73 19.56 -30.88
N ARG B 391 26.96 19.57 -29.81
CA ARG B 391 26.66 18.34 -29.09
C ARG B 391 25.18 18.20 -28.82
N THR B 392 24.71 16.97 -28.59
CA THR B 392 23.31 16.76 -28.25
C THR B 392 23.01 17.45 -26.94
N ILE B 393 21.76 17.83 -26.74
CA ILE B 393 21.35 18.53 -25.53
C ILE B 393 21.45 17.64 -24.29
N SER B 394 21.33 16.33 -24.49
CA SER B 394 21.42 15.36 -23.41
C SER B 394 22.86 15.19 -22.92
N GLU B 395 23.80 15.04 -23.87
CA GLU B 395 25.22 15.00 -23.58
C GLU B 395 25.62 16.23 -22.77
N THR B 396 25.19 17.39 -23.26
CA THR B 396 25.52 18.67 -22.67
C THR B 396 24.96 18.78 -21.25
N ILE B 397 23.71 18.37 -21.08
CA ILE B 397 23.08 18.36 -19.76
C ILE B 397 23.84 17.46 -18.78
N GLU B 398 24.19 16.25 -19.22
CA GLU B 398 24.92 15.31 -18.39
C GLU B 398 26.28 15.86 -17.94
N ARG B 399 27.02 16.42 -18.91
CA ARG B 399 28.34 16.97 -18.63
C ARG B 399 28.25 18.15 -17.66
N LEU B 400 27.31 19.06 -17.92
CA LEU B 400 27.07 20.19 -17.03
C LEU B 400 26.67 19.72 -15.63
N GLN B 401 25.92 18.63 -15.57
CA GLN B 401 25.48 18.08 -14.29
C GLN B 401 26.69 17.58 -13.51
N GLN B 402 27.62 16.93 -14.16
CA GLN B 402 28.85 16.55 -13.51
C GLN B 402 29.65 17.71 -13.05
N LEU B 403 29.75 18.72 -13.89
CA LEU B 403 30.48 19.93 -13.49
C LEU B 403 29.84 20.64 -12.29
N LYS B 404 28.53 20.52 -12.16
CA LYS B 404 27.82 21.15 -11.05
C LYS B 404 27.93 20.34 -9.76
N GLU B 405 27.80 19.04 -9.86
CA GLU B 405 27.85 18.19 -8.71
C GLU B 405 29.20 18.20 -8.03
N PHE B 406 30.26 18.22 -8.81
CA PHE B 406 31.58 18.20 -8.23
C PHE B 406 32.13 19.56 -7.95
N ARG B 407 31.35 20.58 -8.26
CA ARG B 407 31.70 21.99 -8.00
C ARG B 407 33.04 22.39 -8.62
N SER B 408 33.22 22.06 -9.89
CA SER B 408 34.42 22.42 -10.63
C SER B 408 34.63 23.93 -10.67
N LYS B 409 35.83 24.38 -10.32
CA LYS B 409 36.13 25.82 -10.33
C LYS B 409 36.44 26.37 -11.72
N GLN B 410 37.03 25.55 -12.59
CA GLN B 410 37.00 25.89 -14.00
C GLN B 410 36.14 24.85 -14.70
N ALA B 411 34.89 25.21 -14.98
CA ALA B 411 33.97 24.33 -15.66
C ALA B 411 34.14 24.43 -17.17
N GLU B 412 34.38 25.66 -17.61
CA GLU B 412 34.49 25.98 -19.03
C GLU B 412 35.68 25.27 -19.68
N GLU B 413 36.79 25.20 -18.94
CA GLU B 413 38.00 24.56 -19.45
C GLU B 413 37.95 23.04 -19.34
N GLU B 414 37.25 22.54 -18.33
CA GLU B 414 37.16 21.11 -18.08
C GLU B 414 36.03 20.44 -18.84
N PHE B 415 35.25 21.23 -19.57
CA PHE B 415 34.11 20.70 -20.32
C PHE B 415 34.57 19.66 -21.33
N ASP C 14 -32.70 -19.21 -25.23
CA ASP C 14 -32.47 -17.92 -24.56
C ASP C 14 -31.25 -18.02 -23.64
N HIS C 15 -31.26 -19.01 -22.75
CA HIS C 15 -30.23 -19.13 -21.72
C HIS C 15 -28.81 -19.24 -22.28
N ARG C 16 -28.68 -19.81 -23.47
CA ARG C 16 -27.40 -19.89 -24.15
C ARG C 16 -26.95 -18.51 -24.61
N LYS C 17 -27.90 -17.76 -25.16
CA LYS C 17 -27.64 -16.41 -25.63
C LYS C 17 -27.31 -15.45 -24.48
N ILE C 18 -28.01 -15.61 -23.37
CA ILE C 18 -27.78 -14.79 -22.19
C ILE C 18 -26.49 -15.24 -21.50
N GLY C 19 -26.13 -16.50 -21.70
CA GLY C 19 -24.87 -17.01 -21.18
C GLY C 19 -23.69 -16.48 -21.97
N ARG C 20 -23.92 -16.24 -23.27
CA ARG C 20 -22.89 -15.66 -24.13
C ARG C 20 -22.77 -14.15 -23.94
N ASP C 21 -23.90 -13.45 -23.88
CA ASP C 21 -23.93 -12.00 -23.71
C ASP C 21 -23.36 -11.57 -22.36
N GLN C 22 -23.63 -12.38 -21.36
CA GLN C 22 -23.15 -12.16 -20.02
C GLN C 22 -21.87 -12.85 -19.69
N GLU C 23 -21.30 -13.58 -20.63
CA GLU C 23 -20.08 -14.28 -20.39
C GLU C 23 -20.21 -15.26 -19.26
N LEU C 24 -21.24 -16.08 -19.27
CA LEU C 24 -21.45 -17.04 -18.20
C LEU C 24 -21.00 -18.45 -18.50
N TYR C 25 -21.47 -18.99 -19.60
CA TYR C 25 -21.06 -20.31 -20.02
C TYR C 25 -21.07 -20.45 -21.54
N PHE C 26 -20.28 -21.38 -22.05
CA PHE C 26 -20.29 -21.70 -23.47
C PHE C 26 -20.12 -23.19 -23.68
N PHE C 27 -20.40 -23.65 -24.89
CA PHE C 27 -20.25 -25.06 -25.23
C PHE C 27 -19.20 -25.23 -26.31
N HIS C 28 -18.69 -26.44 -26.44
CA HIS C 28 -17.67 -26.66 -27.43
C HIS C 28 -17.78 -28.04 -28.05
N GLU C 29 -17.25 -28.16 -29.23
CA GLU C 29 -17.41 -29.32 -30.08
C GLU C 29 -16.82 -30.51 -29.44
N LEU C 30 -15.72 -30.27 -28.76
CA LEU C 30 -14.92 -31.35 -28.19
C LEU C 30 -15.54 -32.05 -26.98
N SER C 31 -16.54 -31.41 -26.39
CA SER C 31 -17.25 -32.01 -25.26
C SER C 31 -18.76 -31.73 -25.30
N PRO C 32 -19.48 -32.44 -26.18
CA PRO C 32 -20.93 -32.27 -26.29
C PRO C 32 -21.64 -32.80 -25.05
N GLY C 33 -22.61 -32.04 -24.54
CA GLY C 33 -23.34 -32.46 -23.35
C GLY C 33 -22.67 -32.03 -22.06
N SER C 34 -21.44 -31.54 -22.17
CA SER C 34 -20.76 -30.97 -21.02
C SER C 34 -20.80 -29.45 -21.16
N CYS C 35 -20.30 -28.73 -20.18
CA CYS C 35 -20.38 -27.27 -20.22
C CYS C 35 -19.14 -26.57 -19.67
N PHE C 36 -18.82 -25.43 -20.27
CA PHE C 36 -17.70 -24.60 -19.83
C PHE C 36 -18.25 -23.40 -19.07
N PHE C 37 -17.99 -23.33 -17.77
CA PHE C 37 -18.40 -22.16 -17.00
C PHE C 37 -17.25 -21.17 -16.82
N LEU C 38 -17.43 -19.98 -17.40
CA LEU C 38 -16.51 -18.87 -17.25
C LEU C 38 -16.64 -18.37 -15.81
N PRO C 39 -15.70 -17.52 -15.34
CA PRO C 39 -15.71 -17.10 -13.94
C PRO C 39 -17.07 -16.64 -13.41
N LYS C 40 -17.79 -15.86 -14.21
CA LYS C 40 -19.09 -15.31 -13.78
C LYS C 40 -20.19 -16.37 -13.67
N GLY C 41 -20.14 -17.38 -14.54
CA GLY C 41 -21.06 -18.51 -14.43
C GLY C 41 -20.66 -19.40 -13.28
N ALA C 42 -19.35 -19.57 -13.11
CA ALA C 42 -18.81 -20.37 -12.01
C ALA C 42 -19.25 -19.81 -10.66
N TYR C 43 -19.30 -18.48 -10.57
CA TYR C 43 -19.79 -17.84 -9.36
C TYR C 43 -21.20 -18.28 -9.02
N ILE C 44 -22.07 -18.28 -10.02
CA ILE C 44 -23.46 -18.70 -9.86
C ILE C 44 -23.54 -20.17 -9.43
N TYR C 45 -22.74 -21.00 -10.09
CA TYR C 45 -22.64 -22.42 -9.79
C TYR C 45 -22.36 -22.63 -8.29
N ASN C 46 -21.26 -22.05 -7.85
CA ASN C 46 -20.81 -22.18 -6.46
C ASN C 46 -21.79 -21.55 -5.48
N ALA C 47 -22.46 -20.49 -5.90
CA ALA C 47 -23.45 -19.81 -5.05
C ALA C 47 -24.66 -20.71 -4.81
N LEU C 48 -25.09 -21.41 -5.86
CA LEU C 48 -26.19 -22.37 -5.73
C LEU C 48 -25.81 -23.54 -4.82
N ILE C 49 -24.64 -24.12 -5.09
CA ILE C 49 -24.15 -25.21 -4.24
C ILE C 49 -24.05 -24.78 -2.77
N GLU C 50 -23.53 -23.58 -2.54
CA GLU C 50 -23.38 -23.04 -1.20
C GLU C 50 -24.74 -22.76 -0.55
N PHE C 51 -25.73 -22.37 -1.35
CA PHE C 51 -27.09 -22.19 -0.85
C PHE C 51 -27.61 -23.51 -0.29
N ILE C 52 -27.54 -24.55 -1.14
CA ILE C 52 -27.96 -25.88 -0.74
C ILE C 52 -27.23 -26.37 0.53
N ARG C 53 -25.92 -26.13 0.58
CA ARG C 53 -25.12 -26.51 1.74
C ARG C 53 -25.57 -25.77 3.00
N SER C 54 -25.83 -24.47 2.84
CA SER C 54 -26.26 -23.63 3.94
C SER C 54 -27.56 -24.15 4.52
N GLU C 55 -28.42 -24.68 3.66
CA GLU C 55 -29.65 -25.30 4.17
C GLU C 55 -29.38 -26.69 4.78
N TYR C 56 -28.40 -27.40 4.21
CA TYR C 56 -28.01 -28.72 4.69
C TYR C 56 -27.55 -28.68 6.14
N ARG C 57 -26.79 -27.64 6.48
CA ARG C 57 -26.29 -27.47 7.84
C ARG C 57 -27.43 -27.26 8.84
N LYS C 58 -28.48 -26.59 8.37
CA LYS C 58 -29.65 -26.34 9.21
C LYS C 58 -30.52 -27.60 9.35
N ARG C 59 -30.57 -28.41 8.30
CA ARG C 59 -31.53 -29.52 8.25
C ARG C 59 -30.99 -30.90 8.65
N GLY C 60 -29.73 -30.96 9.06
CA GLY C 60 -29.15 -32.22 9.52
C GLY C 60 -28.70 -33.13 8.39
N PHE C 61 -28.26 -32.52 7.30
CA PHE C 61 -27.69 -33.27 6.19
C PHE C 61 -26.16 -33.27 6.27
N GLN C 62 -25.56 -34.43 6.00
CA GLN C 62 -24.11 -34.56 6.11
C GLN C 62 -23.49 -34.88 4.76
N GLU C 63 -22.72 -33.93 4.24
CA GLU C 63 -22.12 -34.07 2.92
C GLU C 63 -20.96 -35.05 2.92
N VAL C 64 -20.82 -35.79 1.82
CA VAL C 64 -19.73 -36.74 1.64
C VAL C 64 -19.09 -36.52 0.27
N VAL C 65 -17.90 -37.09 0.09
CA VAL C 65 -17.24 -37.07 -1.22
C VAL C 65 -16.99 -38.52 -1.67
N THR C 66 -17.49 -38.86 -2.85
CA THR C 66 -17.46 -40.25 -3.32
C THR C 66 -16.75 -40.39 -4.68
N PRO C 67 -16.27 -41.60 -5.00
CA PRO C 67 -15.59 -41.86 -6.28
C PRO C 67 -16.50 -41.68 -7.50
N ASN C 68 -15.91 -41.32 -8.64
CA ASN C 68 -16.65 -41.19 -9.89
C ASN C 68 -16.65 -42.46 -10.76
N ILE C 69 -15.79 -43.42 -10.45
CA ILE C 69 -15.75 -44.66 -11.22
C ILE C 69 -15.85 -45.89 -10.33
N PHE C 70 -16.56 -46.90 -10.81
CA PHE C 70 -16.77 -48.12 -10.03
C PHE C 70 -16.69 -49.37 -10.91
N ASN C 71 -16.42 -50.51 -10.28
CA ASN C 71 -16.35 -51.77 -10.98
C ASN C 71 -17.74 -52.23 -11.43
N SER C 72 -17.77 -53.00 -12.52
CA SER C 72 -19.02 -53.50 -13.09
C SER C 72 -19.88 -54.25 -12.08
N ARG C 73 -19.23 -54.90 -11.11
CA ARG C 73 -19.91 -55.68 -10.09
C ARG C 73 -20.84 -54.82 -9.23
N LEU C 74 -20.41 -53.61 -8.92
CA LEU C 74 -21.23 -52.68 -8.16
C LEU C 74 -22.52 -52.34 -8.90
N TRP C 75 -22.42 -52.13 -10.21
CA TRP C 75 -23.58 -51.79 -11.02
C TRP C 75 -24.45 -53.03 -11.27
N MET C 76 -23.84 -54.20 -11.15
CA MET C 76 -24.58 -55.45 -11.18
C MET C 76 -25.43 -55.57 -9.91
N THR C 77 -24.86 -55.14 -8.79
CA THR C 77 -25.56 -55.16 -7.50
C THR C 77 -26.68 -54.11 -7.45
N SER C 78 -26.36 -52.89 -7.86
CA SER C 78 -27.33 -51.79 -7.85
C SER C 78 -28.47 -52.02 -8.83
N GLY C 79 -28.15 -52.63 -9.97
CA GLY C 79 -29.15 -52.89 -11.00
C GLY C 79 -29.04 -51.95 -12.19
N HIS C 80 -28.00 -51.13 -12.20
CA HIS C 80 -27.76 -50.20 -13.31
C HIS C 80 -27.27 -50.96 -14.54
N TRP C 81 -26.42 -51.93 -14.33
CA TRP C 81 -25.75 -52.58 -15.43
C TRP C 81 -26.80 -53.19 -16.29
N GLN C 82 -27.79 -53.78 -15.67
CA GLN C 82 -28.85 -54.43 -16.40
C GLN C 82 -30.05 -53.55 -16.66
N HIS C 83 -30.12 -52.40 -16.00
CA HIS C 83 -31.24 -51.52 -16.27
C HIS C 83 -30.86 -50.24 -17.01
N TYR C 84 -29.59 -49.87 -16.91
CA TYR C 84 -29.17 -48.56 -17.33
C TYR C 84 -28.04 -48.54 -18.32
N SER C 85 -27.65 -49.69 -18.82
CA SER C 85 -26.35 -49.85 -19.39
C SER C 85 -26.07 -48.88 -20.52
N GLU C 86 -27.06 -48.65 -21.34
CA GLU C 86 -26.88 -47.77 -22.51
C GLU C 86 -26.86 -46.28 -22.15
N ASN C 87 -27.07 -45.97 -20.89
CA ASN C 87 -26.92 -44.63 -20.40
C ASN C 87 -25.65 -44.44 -19.64
N MET C 88 -24.78 -45.41 -19.71
CA MET C 88 -23.52 -45.38 -18.96
C MET C 88 -22.27 -45.44 -19.84
N PHE C 89 -21.23 -44.72 -19.42
CA PHE C 89 -19.93 -44.79 -20.07
C PHE C 89 -19.07 -45.84 -19.38
N SER C 90 -18.67 -46.86 -20.13
CA SER C 90 -17.87 -47.95 -19.57
C SER C 90 -16.52 -48.10 -20.25
N PHE C 91 -15.53 -48.58 -19.51
CA PHE C 91 -14.17 -48.77 -20.00
C PHE C 91 -13.48 -49.87 -19.22
N GLU C 92 -12.45 -50.45 -19.81
CA GLU C 92 -11.77 -51.59 -19.21
C GLU C 92 -10.43 -51.17 -18.62
N VAL C 93 -10.17 -51.63 -17.40
CA VAL C 93 -8.87 -51.44 -16.77
C VAL C 93 -8.40 -52.75 -16.12
N GLU C 94 -7.15 -53.13 -16.40
CA GLU C 94 -6.59 -54.38 -15.89
C GLU C 94 -7.53 -55.57 -16.03
N LYS C 95 -8.13 -55.66 -17.22
CA LYS C 95 -9.00 -56.77 -17.61
C LYS C 95 -10.39 -56.75 -16.96
N GLU C 96 -10.65 -55.75 -16.12
CA GLU C 96 -11.97 -55.66 -15.48
C GLU C 96 -12.78 -54.47 -16.01
N LEU C 97 -14.11 -54.60 -15.97
CA LEU C 97 -14.97 -53.54 -16.49
C LEU C 97 -15.36 -52.51 -15.43
N PHE C 98 -15.25 -51.24 -15.81
CA PHE C 98 -15.57 -50.12 -14.94
C PHE C 98 -16.51 -49.15 -15.63
N ALA C 99 -17.12 -48.27 -14.84
CA ALA C 99 -18.04 -47.27 -15.37
C ALA C 99 -18.02 -45.99 -14.55
N LEU C 100 -18.23 -44.88 -15.25
CA LEU C 100 -18.47 -43.59 -14.61
C LEU C 100 -19.88 -43.61 -14.01
N LYS C 101 -20.02 -43.10 -12.79
CA LYS C 101 -21.29 -43.18 -12.09
C LYS C 101 -22.37 -42.28 -12.68
N PRO C 102 -23.49 -42.88 -13.11
CA PRO C 102 -24.72 -42.15 -13.42
C PRO C 102 -25.39 -41.65 -12.15
N MET C 103 -25.14 -42.36 -11.04
CA MET C 103 -25.77 -42.05 -9.76
C MET C 103 -24.82 -42.20 -8.58
N ASN C 104 -25.06 -41.43 -7.52
CA ASN C 104 -24.29 -41.53 -6.28
C ASN C 104 -24.74 -42.70 -5.39
N CYS C 105 -25.99 -43.12 -5.58
CA CYS C 105 -26.67 -44.04 -4.65
C CYS C 105 -25.90 -45.28 -4.18
N PRO C 106 -25.35 -46.10 -5.12
CA PRO C 106 -24.70 -47.33 -4.67
C PRO C 106 -23.49 -47.07 -3.76
N GLY C 107 -22.71 -46.06 -4.07
CA GLY C 107 -21.57 -45.68 -3.24
C GLY C 107 -22.01 -45.31 -1.84
N HIS C 108 -23.13 -44.60 -1.76
CA HIS C 108 -23.72 -44.23 -0.48
C HIS C 108 -24.19 -45.47 0.28
N CYS C 109 -24.69 -46.47 -0.44
CA CYS C 109 -25.04 -47.73 0.18
C CYS C 109 -23.80 -48.38 0.77
N LEU C 110 -22.69 -48.33 0.05
CA LEU C 110 -21.42 -48.83 0.57
C LEU C 110 -21.00 -48.07 1.82
N MET C 111 -21.25 -46.76 1.84
CA MET C 111 -20.92 -45.93 3.01
C MET C 111 -21.78 -46.29 4.22
N PHE C 112 -23.06 -46.57 3.99
CA PHE C 112 -23.95 -47.02 5.06
C PHE C 112 -23.51 -48.39 5.57
N ASP C 113 -23.05 -49.24 4.66
CA ASP C 113 -22.69 -50.60 5.02
C ASP C 113 -21.23 -50.69 5.45
N HIS C 114 -20.54 -49.56 5.53
CA HIS C 114 -19.14 -49.55 5.93
C HIS C 114 -18.93 -50.11 7.33
N ARG C 115 -19.83 -49.76 8.26
CA ARG C 115 -19.75 -50.28 9.62
C ARG C 115 -21.15 -50.61 10.15
N PRO C 116 -21.23 -51.22 11.36
CA PRO C 116 -22.54 -51.43 11.97
C PRO C 116 -23.20 -50.12 12.39
N ARG C 117 -24.50 -50.01 12.12
CA ARG C 117 -25.23 -48.80 12.46
C ARG C 117 -26.47 -49.13 13.29
N SER C 118 -26.89 -48.18 14.12
CA SER C 118 -27.99 -48.41 15.05
C SER C 118 -29.12 -47.40 14.84
N TRP C 119 -30.27 -47.71 15.42
CA TRP C 119 -31.45 -46.86 15.37
C TRP C 119 -31.16 -45.45 15.88
N ARG C 120 -30.10 -45.31 16.69
CA ARG C 120 -29.71 -44.01 17.24
C ARG C 120 -29.20 -43.06 16.16
N GLU C 121 -28.62 -43.63 15.10
CA GLU C 121 -28.11 -42.81 13.99
C GLU C 121 -29.22 -42.36 13.04
N LEU C 122 -30.32 -43.09 13.03
CA LEU C 122 -31.41 -42.82 12.08
C LEU C 122 -32.35 -41.73 12.60
N PRO C 123 -32.82 -40.86 11.69
CA PRO C 123 -32.50 -40.80 10.25
C PRO C 123 -31.06 -40.36 9.96
N LEU C 124 -30.42 -41.02 9.00
CA LEU C 124 -29.06 -40.72 8.59
C LEU C 124 -29.09 -40.19 7.16
N ARG C 125 -28.79 -38.90 7.00
CA ARG C 125 -28.90 -38.25 5.69
C ARG C 125 -27.52 -37.95 5.10
N LEU C 126 -27.22 -38.57 3.98
CA LEU C 126 -25.94 -38.33 3.30
C LEU C 126 -26.15 -37.55 2.01
N ALA C 127 -25.48 -36.41 1.90
CA ALA C 127 -25.60 -35.56 0.71
C ALA C 127 -24.34 -35.61 -0.15
N ASP C 128 -24.51 -35.58 -1.46
CA ASP C 128 -23.38 -35.64 -2.39
C ASP C 128 -23.58 -34.71 -3.58
N PHE C 129 -22.57 -33.89 -3.86
CA PHE C 129 -22.58 -33.00 -5.03
C PHE C 129 -21.83 -33.62 -6.21
N GLY C 130 -21.42 -34.87 -6.05
CA GLY C 130 -20.50 -35.51 -6.98
C GLY C 130 -20.92 -35.47 -8.45
N VAL C 131 -19.92 -35.51 -9.33
CA VAL C 131 -20.14 -35.37 -10.75
C VAL C 131 -20.74 -36.63 -11.37
N LEU C 132 -21.90 -36.46 -12.01
CA LEU C 132 -22.59 -37.57 -12.65
C LEU C 132 -22.51 -37.45 -14.17
N HIS C 133 -22.21 -38.58 -14.81
CA HIS C 133 -22.14 -38.67 -16.26
C HIS C 133 -23.17 -39.66 -16.78
N ARG C 134 -24.06 -39.19 -17.64
CA ARG C 134 -25.02 -40.08 -18.28
C ARG C 134 -24.88 -39.94 -19.78
N ASN C 135 -24.98 -41.05 -20.48
CA ASN C 135 -24.80 -40.99 -21.93
C ASN C 135 -26.15 -40.76 -22.59
N GLU C 136 -26.34 -39.54 -23.08
CA GLU C 136 -27.49 -39.21 -23.89
C GLU C 136 -26.95 -39.12 -25.31
N LEU C 137 -27.83 -38.90 -26.27
CA LEU C 137 -27.44 -38.90 -27.66
C LEU C 137 -27.17 -37.49 -28.18
N SER C 138 -26.19 -37.37 -29.07
CA SER C 138 -25.84 -36.10 -29.69
C SER C 138 -27.05 -35.42 -30.33
N GLY C 139 -28.02 -36.22 -30.75
CA GLY C 139 -29.27 -35.72 -31.30
C GLY C 139 -30.08 -34.91 -30.28
N ALA C 140 -30.08 -35.38 -29.03
CA ALA C 140 -30.94 -34.80 -28.01
C ALA C 140 -30.28 -33.71 -27.17
N LEU C 141 -29.00 -33.44 -27.44
CA LEU C 141 -28.25 -32.48 -26.63
C LEU C 141 -28.56 -31.03 -27.02
N THR C 142 -29.12 -30.28 -26.07
CA THR C 142 -29.33 -28.85 -26.23
C THR C 142 -28.98 -28.11 -24.96
N GLY C 143 -27.97 -27.25 -25.03
CA GLY C 143 -27.60 -26.39 -23.90
C GLY C 143 -27.43 -27.12 -22.57
N LEU C 144 -27.92 -26.48 -21.51
CA LEU C 144 -27.84 -27.03 -20.16
C LEU C 144 -29.05 -27.88 -19.77
N THR C 145 -30.09 -27.86 -20.60
CA THR C 145 -31.33 -28.57 -20.28
C THR C 145 -31.23 -30.08 -20.50
N ARG C 146 -30.52 -30.47 -21.55
CA ARG C 146 -30.27 -31.88 -21.83
C ARG C 146 -28.76 -32.08 -21.94
N VAL C 147 -28.17 -32.80 -20.99
CA VAL C 147 -26.72 -32.86 -20.86
C VAL C 147 -26.17 -34.26 -20.56
N ARG C 148 -24.91 -34.48 -20.88
CA ARG C 148 -24.23 -35.74 -20.56
C ARG C 148 -23.48 -35.67 -19.23
N ARG C 149 -23.34 -34.46 -18.68
CA ARG C 149 -22.57 -34.27 -17.47
C ARG C 149 -23.25 -33.24 -16.59
N PHE C 150 -23.36 -33.54 -15.30
CA PHE C 150 -23.97 -32.59 -14.38
C PHE C 150 -23.62 -32.87 -12.93
N GLN C 151 -24.07 -32.00 -12.04
CA GLN C 151 -23.95 -32.23 -10.61
C GLN C 151 -25.30 -32.01 -9.94
N GLN C 152 -25.87 -33.09 -9.41
CA GLN C 152 -27.13 -33.02 -8.67
C GLN C 152 -26.88 -32.42 -7.30
N ASP C 153 -27.92 -31.91 -6.67
CA ASP C 153 -27.87 -31.75 -5.23
C ASP C 153 -28.60 -33.00 -4.79
N ASP C 154 -27.83 -33.97 -4.33
CA ASP C 154 -28.36 -35.32 -4.20
C ASP C 154 -28.24 -35.76 -2.77
N ALA C 155 -29.35 -36.15 -2.17
CA ALA C 155 -29.29 -36.64 -0.80
C ALA C 155 -30.06 -37.93 -0.62
N HIS C 156 -29.48 -38.85 0.13
CA HIS C 156 -30.18 -40.07 0.49
C HIS C 156 -30.47 -40.09 1.98
N ILE C 157 -31.68 -40.48 2.33
CA ILE C 157 -32.08 -40.57 3.72
C ILE C 157 -32.23 -42.04 4.10
N PHE C 158 -31.61 -42.42 5.20
CA PHE C 158 -31.69 -43.77 5.72
C PHE C 158 -32.49 -43.73 7.02
N CYS C 159 -33.69 -44.29 7.01
CA CYS C 159 -34.54 -44.21 8.18
C CYS C 159 -35.33 -45.49 8.40
N ALA C 160 -35.83 -45.65 9.62
CA ALA C 160 -36.78 -46.70 9.90
C ALA C 160 -38.08 -46.33 9.20
N MET C 161 -38.86 -47.33 8.83
CA MET C 161 -40.16 -47.11 8.17
C MET C 161 -41.02 -46.10 8.94
N GLU C 162 -41.13 -46.29 10.25
CA GLU C 162 -41.97 -45.44 11.09
C GLU C 162 -41.55 -43.97 11.06
N GLN C 163 -40.32 -43.69 10.62
CA GLN C 163 -39.82 -42.33 10.54
C GLN C 163 -40.25 -41.59 9.26
N ILE C 164 -40.68 -42.36 8.25
CA ILE C 164 -40.92 -41.83 6.91
C ILE C 164 -41.76 -40.55 6.93
N GLU C 165 -42.95 -40.64 7.53
CA GLU C 165 -43.89 -39.53 7.55
C GLU C 165 -43.27 -38.23 8.04
N ASP C 166 -42.44 -38.27 9.05
CA ASP C 166 -41.72 -37.10 9.50
C ASP C 166 -40.61 -36.59 8.59
N GLU C 167 -39.83 -37.50 8.05
CA GLU C 167 -38.76 -37.10 7.13
C GLU C 167 -39.32 -36.44 5.87
N ILE C 168 -40.36 -37.04 5.31
CA ILE C 168 -41.04 -36.48 4.16
C ILE C 168 -41.52 -35.06 4.49
N LYS C 169 -42.09 -34.88 5.69
CA LYS C 169 -42.55 -33.56 6.12
C LYS C 169 -41.39 -32.57 6.05
N GLY C 170 -40.21 -33.03 6.44
CA GLY C 170 -39.01 -32.22 6.35
C GLY C 170 -38.68 -31.93 4.89
N CYS C 171 -38.71 -32.96 4.06
CA CYS C 171 -38.34 -32.83 2.66
C CYS C 171 -39.18 -31.77 1.94
N LEU C 172 -40.44 -31.69 2.32
CA LEU C 172 -41.35 -30.70 1.74
C LEU C 172 -41.06 -29.30 2.25
N ASP C 173 -40.68 -29.19 3.53
CA ASP C 173 -40.34 -27.89 4.09
C ASP C 173 -39.12 -27.35 3.36
N PHE C 174 -38.13 -28.22 3.23
CA PHE C 174 -36.90 -27.93 2.51
C PHE C 174 -37.22 -27.25 1.19
N LEU C 175 -37.89 -28.01 0.31
CA LEU C 175 -38.31 -27.52 -1.00
C LEU C 175 -38.92 -26.14 -0.83
N ARG C 176 -39.89 -26.07 0.08
CA ARG C 176 -40.71 -24.88 0.25
C ARG C 176 -39.85 -23.64 0.45
N THR C 177 -38.85 -23.73 1.29
CA THR C 177 -37.92 -22.64 1.52
C THR C 177 -37.04 -22.27 0.36
N VAL C 178 -36.50 -23.26 -0.31
CA VAL C 178 -35.60 -23.05 -1.44
C VAL C 178 -36.34 -22.32 -2.55
N TYR C 179 -37.46 -22.91 -2.96
CA TYR C 179 -38.31 -22.31 -3.99
C TYR C 179 -38.83 -20.93 -3.57
N SER C 180 -39.14 -20.77 -2.29
CA SER C 180 -39.62 -19.48 -1.80
C SER C 180 -38.55 -18.41 -1.94
N VAL C 181 -37.29 -18.84 -1.92
CA VAL C 181 -36.18 -17.92 -2.12
C VAL C 181 -36.05 -17.57 -3.60
N PHE C 182 -36.39 -18.54 -4.47
CA PHE C 182 -36.36 -18.33 -5.90
C PHE C 182 -37.56 -17.51 -6.38
N GLY C 183 -38.65 -17.60 -5.63
CA GLY C 183 -39.89 -16.95 -6.01
C GLY C 183 -40.71 -17.89 -6.88
N PHE C 184 -40.43 -19.18 -6.74
CA PHE C 184 -41.12 -20.20 -7.52
C PHE C 184 -42.32 -20.78 -6.77
N SER C 185 -43.42 -20.98 -7.51
CA SER C 185 -44.57 -21.70 -6.99
C SER C 185 -44.53 -23.09 -7.62
N PHE C 186 -45.01 -24.08 -6.88
CA PHE C 186 -44.82 -25.47 -7.29
C PHE C 186 -46.07 -26.33 -7.08
N LYS C 187 -46.08 -27.50 -7.69
CA LYS C 187 -47.17 -28.45 -7.53
C LYS C 187 -46.64 -29.86 -7.33
N LEU C 188 -47.36 -30.64 -6.54
CA LEU C 188 -46.90 -31.95 -6.07
C LEU C 188 -47.79 -33.07 -6.58
N ASN C 189 -47.19 -34.19 -6.95
CA ASN C 189 -47.97 -35.37 -7.34
C ASN C 189 -47.41 -36.68 -6.77
N LEU C 190 -48.29 -37.45 -6.16
CA LEU C 190 -47.92 -38.73 -5.56
C LEU C 190 -48.09 -39.84 -6.59
N SER C 191 -47.03 -40.59 -6.83
CA SER C 191 -47.11 -41.76 -7.70
C SER C 191 -46.96 -43.03 -6.87
N THR C 192 -47.92 -43.94 -7.02
CA THR C 192 -48.07 -45.08 -6.13
C THR C 192 -47.74 -46.40 -6.82
N ARG C 193 -47.93 -47.50 -6.07
CA ARG C 193 -47.51 -48.83 -6.51
C ARG C 193 -48.09 -49.23 -7.86
N PRO C 194 -47.21 -49.50 -8.83
CA PRO C 194 -47.57 -49.94 -10.19
C PRO C 194 -48.02 -51.41 -10.18
N GLU C 195 -48.42 -51.92 -11.34
CA GLU C 195 -48.86 -53.31 -11.46
C GLU C 195 -47.73 -54.27 -11.16
N LYS C 196 -46.64 -54.13 -11.92
CA LYS C 196 -45.42 -54.87 -11.64
C LYS C 196 -44.62 -54.07 -10.63
N PHE C 197 -44.06 -54.75 -9.64
CA PHE C 197 -43.39 -54.09 -8.53
C PHE C 197 -42.71 -55.11 -7.64
N LEU C 198 -41.78 -54.65 -6.82
CA LEU C 198 -41.00 -55.53 -5.97
C LEU C 198 -41.34 -55.24 -4.51
N GLY C 199 -40.76 -56.02 -3.61
CA GLY C 199 -41.01 -55.84 -2.18
C GLY C 199 -42.37 -56.36 -1.73
N ASP C 200 -42.53 -56.47 -0.41
CA ASP C 200 -43.78 -56.88 0.20
C ASP C 200 -44.81 -55.75 0.15
N ILE C 201 -46.06 -56.10 -0.17
CA ILE C 201 -47.15 -55.12 -0.33
C ILE C 201 -47.43 -54.32 0.95
N GLU C 202 -47.36 -55.00 2.10
CA GLU C 202 -47.61 -54.38 3.39
C GLU C 202 -46.65 -53.21 3.65
N VAL C 203 -45.39 -53.39 3.24
CA VAL C 203 -44.40 -52.32 3.31
C VAL C 203 -44.85 -51.12 2.48
N TRP C 204 -45.22 -51.41 1.23
CA TRP C 204 -45.74 -50.40 0.29
C TRP C 204 -46.85 -49.59 0.92
N ASP C 205 -47.79 -50.29 1.57
CA ASP C 205 -48.92 -49.65 2.22
C ASP C 205 -48.47 -48.77 3.38
N GLN C 206 -47.57 -49.28 4.21
CA GLN C 206 -47.05 -48.52 5.34
C GLN C 206 -46.27 -47.27 4.90
N ALA C 207 -45.72 -47.31 3.70
CA ALA C 207 -45.05 -46.15 3.12
C ALA C 207 -46.07 -45.14 2.61
N GLU C 208 -46.86 -45.58 1.62
CA GLU C 208 -47.86 -44.74 0.97
C GLU C 208 -48.82 -44.05 1.94
N LYS C 209 -49.23 -44.77 2.99
CA LYS C 209 -50.07 -44.17 4.03
C LYS C 209 -49.42 -42.92 4.61
N GLN C 210 -48.16 -43.06 5.03
CA GLN C 210 -47.42 -41.95 5.62
C GLN C 210 -47.17 -40.82 4.61
N LEU C 211 -46.87 -41.19 3.37
CA LEU C 211 -46.72 -40.20 2.30
C LEU C 211 -47.98 -39.34 2.17
N GLU C 212 -49.14 -40.01 2.12
CA GLU C 212 -50.43 -39.33 2.05
C GLU C 212 -50.67 -38.42 3.25
N ASN C 213 -50.46 -38.95 4.46
CA ASN C 213 -50.59 -38.18 5.69
C ASN C 213 -49.75 -36.90 5.65
N SER C 214 -48.49 -37.02 5.25
CA SER C 214 -47.58 -35.91 5.16
C SER C 214 -47.95 -34.90 4.14
N LEU C 215 -48.32 -35.38 2.97
CA LEU C 215 -48.80 -34.52 1.90
C LEU C 215 -50.00 -33.69 2.39
N ASN C 216 -50.90 -34.36 3.11
CA ASN C 216 -52.07 -33.71 3.69
C ASN C 216 -51.73 -32.62 4.71
N GLU C 217 -50.99 -32.98 5.75
CA GLU C 217 -50.62 -32.04 6.80
C GLU C 217 -49.73 -30.91 6.26
N PHE C 218 -49.13 -31.13 5.11
CA PHE C 218 -48.32 -30.10 4.44
C PHE C 218 -49.22 -28.95 3.98
N GLY C 219 -50.49 -29.26 3.73
CA GLY C 219 -51.50 -28.24 3.49
C GLY C 219 -51.55 -27.64 2.10
N GLU C 220 -50.97 -28.34 1.12
CA GLU C 220 -51.01 -27.88 -0.26
C GLU C 220 -51.77 -28.86 -1.15
N LYS C 221 -52.39 -28.35 -2.20
CA LYS C 221 -53.11 -29.20 -3.15
C LYS C 221 -52.13 -30.09 -3.91
N TRP C 222 -52.43 -31.39 -3.96
CA TRP C 222 -51.56 -32.33 -4.65
C TRP C 222 -52.35 -33.31 -5.50
N GLU C 223 -51.90 -33.53 -6.73
CA GLU C 223 -52.57 -34.46 -7.62
C GLU C 223 -52.23 -35.88 -7.20
N LEU C 224 -52.86 -36.87 -7.83
CA LEU C 224 -52.68 -38.26 -7.46
C LEU C 224 -52.53 -39.11 -8.72
N ASN C 225 -51.38 -39.76 -8.89
CA ASN C 225 -51.19 -40.64 -10.03
C ASN C 225 -51.00 -42.08 -9.58
N SER C 226 -52.02 -42.90 -9.80
CA SER C 226 -52.03 -44.27 -9.30
C SER C 226 -51.34 -45.24 -10.25
N GLY C 227 -50.55 -46.14 -9.69
CA GLY C 227 -49.80 -47.11 -10.47
C GLY C 227 -48.62 -46.53 -11.23
N ASP C 228 -48.35 -45.24 -11.01
CA ASP C 228 -47.27 -44.56 -11.73
C ASP C 228 -45.94 -44.54 -10.98
N GLY C 229 -45.91 -45.09 -9.77
CA GLY C 229 -44.67 -45.18 -9.03
C GLY C 229 -43.73 -46.18 -9.69
N ALA C 230 -42.46 -46.14 -9.32
CA ALA C 230 -41.50 -47.09 -9.86
C ALA C 230 -41.71 -48.45 -9.22
N PHE C 231 -40.94 -49.45 -9.67
CA PHE C 231 -41.10 -50.80 -9.14
C PHE C 231 -40.40 -50.97 -7.80
N TYR C 232 -39.47 -50.08 -7.50
CA TYR C 232 -38.71 -50.14 -6.25
C TYR C 232 -39.26 -49.24 -5.15
N GLY C 233 -40.31 -48.48 -5.44
CA GLY C 233 -40.91 -47.62 -4.44
C GLY C 233 -41.88 -46.57 -4.97
N PRO C 234 -42.67 -45.97 -4.06
CA PRO C 234 -43.56 -44.85 -4.35
C PRO C 234 -42.76 -43.57 -4.46
N LYS C 235 -43.27 -42.53 -5.09
CA LYS C 235 -42.54 -41.27 -5.23
C LYS C 235 -43.41 -40.04 -5.17
N ILE C 236 -42.82 -38.91 -4.86
CA ILE C 236 -43.48 -37.62 -4.92
C ILE C 236 -42.71 -36.71 -5.86
N ASP C 237 -43.40 -36.22 -6.89
CA ASP C 237 -42.77 -35.36 -7.88
C ASP C 237 -43.21 -33.92 -7.69
N ILE C 238 -42.30 -32.98 -7.93
CA ILE C 238 -42.58 -31.57 -7.75
C ILE C 238 -42.21 -30.79 -9.00
N GLN C 239 -43.17 -30.05 -9.54
CA GLN C 239 -42.90 -29.19 -10.68
C GLN C 239 -42.95 -27.72 -10.29
N ILE C 240 -42.00 -26.93 -10.78
CA ILE C 240 -41.93 -25.52 -10.47
C ILE C 240 -42.47 -24.66 -11.60
N LYS C 241 -43.09 -23.54 -11.23
CA LYS C 241 -43.67 -22.61 -12.17
C LYS C 241 -42.78 -21.38 -12.31
N ASP C 242 -42.25 -21.17 -13.52
CA ASP C 242 -41.43 -19.99 -13.77
C ASP C 242 -42.30 -18.74 -13.85
N ALA C 243 -41.67 -17.59 -14.10
CA ALA C 243 -42.37 -16.32 -14.15
C ALA C 243 -43.31 -16.19 -15.35
N ILE C 244 -43.04 -16.93 -16.41
CA ILE C 244 -43.89 -16.91 -17.60
C ILE C 244 -45.05 -17.92 -17.46
N GLY C 245 -44.94 -18.78 -16.47
CA GLY C 245 -46.00 -19.75 -16.20
C GLY C 245 -45.70 -21.15 -16.71
N ARG C 246 -44.50 -21.34 -17.26
CA ARG C 246 -44.09 -22.66 -17.76
C ARG C 246 -43.64 -23.54 -16.59
N TYR C 247 -43.80 -24.85 -16.74
CA TYR C 247 -43.48 -25.79 -15.66
C TYR C 247 -42.22 -26.60 -15.92
N HIS C 248 -41.49 -26.91 -14.85
CA HIS C 248 -40.26 -27.70 -14.95
C HIS C 248 -40.19 -28.75 -13.86
N GLN C 249 -39.82 -29.97 -14.18
CA GLN C 249 -39.72 -30.98 -13.12
C GLN C 249 -38.32 -31.10 -12.53
N CYS C 250 -38.13 -30.53 -11.36
CA CYS C 250 -36.84 -30.57 -10.70
C CYS C 250 -36.73 -31.53 -9.55
N ALA C 251 -37.74 -31.53 -8.71
CA ALA C 251 -37.65 -32.16 -7.42
C ALA C 251 -38.29 -33.50 -7.40
N THR C 252 -37.66 -34.43 -6.72
CA THR C 252 -38.31 -35.68 -6.47
C THR C 252 -37.97 -36.22 -5.08
N ILE C 253 -38.92 -36.87 -4.45
CA ILE C 253 -38.68 -37.70 -3.32
C ILE C 253 -39.02 -39.10 -3.72
N GLN C 254 -38.04 -39.97 -3.75
CA GLN C 254 -38.24 -41.31 -4.21
C GLN C 254 -37.95 -42.32 -3.16
N LEU C 255 -38.90 -43.16 -2.81
CA LEU C 255 -38.69 -44.24 -1.85
C LEU C 255 -38.10 -45.47 -2.57
N ASP C 256 -37.17 -46.15 -1.90
CA ASP C 256 -36.51 -47.33 -2.43
C ASP C 256 -36.47 -48.43 -1.36
N PHE C 257 -37.18 -49.52 -1.64
CA PHE C 257 -37.11 -50.74 -0.84
C PHE C 257 -36.15 -51.78 -1.42
N GLN C 258 -35.73 -51.61 -2.67
CA GLN C 258 -34.93 -52.61 -3.37
C GLN C 258 -33.43 -52.52 -3.06
N LEU C 259 -32.93 -51.29 -3.04
CA LEU C 259 -31.54 -51.01 -2.72
C LEU C 259 -31.07 -51.59 -1.38
N PRO C 260 -31.88 -51.44 -0.31
CA PRO C 260 -31.45 -52.06 0.95
C PRO C 260 -31.36 -53.58 0.89
N ILE C 261 -32.18 -54.21 0.05
CA ILE C 261 -32.10 -55.66 -0.15
C ILE C 261 -30.83 -56.04 -0.91
N ARG C 262 -30.63 -55.40 -2.06
CA ARG C 262 -29.50 -55.70 -2.93
C ARG C 262 -28.15 -55.55 -2.24
N PHE C 263 -28.01 -54.51 -1.43
CA PHE C 263 -26.76 -54.27 -0.71
C PHE C 263 -26.77 -54.84 0.71
N ASN C 264 -27.85 -55.51 1.07
CA ASN C 264 -27.96 -56.13 2.35
C ASN C 264 -27.74 -55.19 3.50
N LEU C 265 -28.26 -53.99 3.40
CA LEU C 265 -28.15 -53.02 4.46
C LEU C 265 -29.05 -53.41 5.61
N THR C 266 -28.56 -53.25 6.83
CA THR C 266 -29.36 -53.51 8.02
C THR C 266 -29.07 -52.46 9.09
N TYR C 267 -29.79 -52.55 10.20
CA TYR C 267 -29.48 -51.75 11.38
C TYR C 267 -30.04 -52.43 12.63
N VAL C 268 -29.47 -52.10 13.78
CA VAL C 268 -29.91 -52.67 15.05
C VAL C 268 -31.01 -51.81 15.65
N SER C 269 -32.17 -52.40 15.88
CA SER C 269 -33.36 -51.67 16.30
C SER C 269 -33.36 -51.30 17.78
N HIS C 270 -34.39 -50.55 18.19
CA HIS C 270 -34.53 -50.10 19.57
C HIS C 270 -34.91 -51.28 20.45
N ASP C 271 -35.72 -52.18 19.91
CA ASP C 271 -36.10 -53.40 20.61
C ASP C 271 -34.93 -54.38 20.64
N GLY C 272 -33.84 -54.03 19.95
CA GLY C 272 -32.63 -54.81 19.99
C GLY C 272 -32.45 -55.77 18.84
N ASP C 273 -33.44 -55.81 17.94
CA ASP C 273 -33.38 -56.73 16.81
C ASP C 273 -32.57 -56.17 15.64
N ASP C 274 -31.64 -56.99 15.13
CA ASP C 274 -30.94 -56.68 13.89
C ASP C 274 -31.70 -57.27 12.72
N LYS C 275 -31.06 -57.29 11.55
CA LYS C 275 -31.69 -57.76 10.31
C LYS C 275 -32.79 -56.82 9.82
N LYS C 276 -33.05 -55.79 10.60
CA LYS C 276 -34.01 -54.81 10.18
C LYS C 276 -33.40 -53.93 9.12
N ARG C 277 -34.07 -53.84 8.00
CA ARG C 277 -33.61 -53.01 6.90
C ARG C 277 -34.18 -51.62 7.02
N PRO C 278 -33.38 -50.61 6.66
CA PRO C 278 -33.94 -49.26 6.59
C PRO C 278 -34.63 -49.07 5.25
N VAL C 279 -35.25 -47.91 5.06
CA VAL C 279 -35.85 -47.56 3.78
C VAL C 279 -34.98 -46.47 3.18
N ILE C 280 -34.65 -46.58 1.90
CA ILE C 280 -33.82 -45.54 1.29
C ILE C 280 -34.70 -44.45 0.70
N VAL C 281 -34.36 -43.19 0.92
CA VAL C 281 -35.07 -42.13 0.22
C VAL C 281 -34.08 -41.33 -0.62
N HIS C 282 -34.15 -41.51 -1.94
CA HIS C 282 -33.41 -40.68 -2.85
C HIS C 282 -34.16 -39.38 -2.87
N ARG C 283 -33.48 -38.25 -2.88
CA ARG C 283 -34.18 -37.00 -3.13
C ARG C 283 -33.29 -35.86 -3.64
N ALA C 284 -33.94 -34.93 -4.33
CA ALA C 284 -33.26 -33.75 -4.88
C ALA C 284 -34.23 -32.59 -5.07
N ILE C 285 -33.69 -31.37 -5.12
CA ILE C 285 -34.48 -30.15 -5.19
C ILE C 285 -34.15 -29.36 -6.45
N LEU C 286 -32.89 -28.93 -6.57
CA LEU C 286 -32.41 -28.24 -7.76
C LEU C 286 -32.42 -29.12 -8.99
N GLY C 287 -32.54 -30.44 -8.80
CA GLY C 287 -32.23 -31.35 -9.87
C GLY C 287 -30.75 -31.24 -10.12
N SER C 288 -30.37 -30.84 -11.32
CA SER C 288 -28.97 -30.54 -11.63
C SER C 288 -28.72 -29.06 -11.38
N VAL C 289 -27.50 -28.73 -10.92
CA VAL C 289 -27.09 -27.33 -10.86
C VAL C 289 -27.15 -26.72 -12.26
N GLU C 290 -26.67 -27.48 -13.24
CA GLU C 290 -26.73 -27.08 -14.65
C GLU C 290 -28.15 -26.72 -15.06
N ARG C 291 -29.07 -27.61 -14.72
CA ARG C 291 -30.48 -27.46 -15.08
C ARG C 291 -31.10 -26.21 -14.47
N MET C 292 -30.91 -26.06 -13.15
CA MET C 292 -31.45 -24.90 -12.43
C MET C 292 -30.86 -23.60 -12.94
N ILE C 293 -29.58 -23.62 -13.32
CA ILE C 293 -28.96 -22.47 -13.95
C ILE C 293 -29.63 -22.15 -15.29
N ALA C 294 -29.88 -23.20 -16.07
CA ALA C 294 -30.56 -23.05 -17.36
C ALA C 294 -31.95 -22.45 -17.20
N ILE C 295 -32.63 -22.80 -16.11
CA ILE C 295 -33.96 -22.31 -15.81
C ILE C 295 -33.96 -20.86 -15.30
N LEU C 296 -33.06 -20.56 -14.37
CA LEU C 296 -32.94 -19.23 -13.78
C LEU C 296 -32.44 -18.19 -14.78
N THR C 297 -31.61 -18.63 -15.73
CA THR C 297 -31.07 -17.75 -16.75
C THR C 297 -32.20 -17.17 -17.60
N GLU C 298 -33.14 -18.03 -17.99
CA GLU C 298 -34.28 -17.62 -18.79
C GLU C 298 -35.35 -16.95 -17.93
N ASN C 299 -35.52 -17.43 -16.71
CA ASN C 299 -36.55 -16.92 -15.81
C ASN C 299 -36.29 -15.48 -15.38
N TYR C 300 -35.04 -15.19 -15.04
CA TYR C 300 -34.65 -13.87 -14.61
C TYR C 300 -34.46 -12.91 -15.79
N GLY C 301 -34.13 -13.46 -16.95
CA GLY C 301 -33.93 -12.67 -18.14
C GLY C 301 -32.55 -12.02 -18.16
N GLY C 302 -31.62 -12.63 -17.46
CA GLY C 302 -30.29 -12.07 -17.33
C GLY C 302 -30.24 -11.07 -16.18
N LYS C 303 -31.38 -10.86 -15.53
CA LYS C 303 -31.42 -9.95 -14.40
C LYS C 303 -31.36 -10.80 -13.15
N TRP C 304 -30.18 -10.84 -12.53
CA TRP C 304 -29.95 -11.75 -11.42
C TRP C 304 -30.22 -11.08 -10.08
N PRO C 305 -30.89 -11.80 -9.16
CA PRO C 305 -31.02 -11.28 -7.81
C PRO C 305 -29.62 -11.09 -7.20
N PHE C 306 -29.50 -10.15 -6.27
CA PHE C 306 -28.21 -9.69 -5.76
C PHE C 306 -27.27 -10.79 -5.26
N TRP C 307 -27.82 -11.79 -4.58
CA TRP C 307 -26.98 -12.86 -4.03
C TRP C 307 -26.44 -13.79 -5.11
N LEU C 308 -27.20 -13.93 -6.21
CA LEU C 308 -26.83 -14.80 -7.32
C LEU C 308 -26.01 -14.07 -8.39
N SER C 309 -25.88 -12.76 -8.25
CA SER C 309 -25.36 -11.94 -9.34
C SER C 309 -23.83 -11.90 -9.41
N PRO C 310 -23.29 -12.24 -10.60
CA PRO C 310 -21.85 -12.17 -10.88
C PRO C 310 -21.39 -10.73 -10.96
N ARG C 311 -22.30 -9.81 -11.30
CA ARG C 311 -21.99 -8.41 -11.20
C ARG C 311 -22.87 -7.78 -10.13
N GLN C 312 -22.28 -7.60 -8.95
CA GLN C 312 -22.97 -6.99 -7.81
C GLN C 312 -22.88 -5.47 -7.73
N VAL C 313 -21.67 -4.95 -7.96
CA VAL C 313 -21.37 -3.55 -7.71
C VAL C 313 -20.54 -2.95 -8.84
N MET C 314 -20.89 -1.74 -9.27
CA MET C 314 -20.10 -1.01 -10.24
C MET C 314 -19.74 0.35 -9.63
N VAL C 315 -18.45 0.62 -9.45
CA VAL C 315 -18.02 1.89 -8.87
C VAL C 315 -17.59 2.87 -9.96
N VAL C 316 -18.35 3.97 -10.07
CA VAL C 316 -18.09 4.99 -11.09
C VAL C 316 -17.74 6.36 -10.50
N PRO C 317 -16.53 6.84 -10.73
CA PRO C 317 -16.13 8.18 -10.32
C PRO C 317 -16.68 9.23 -11.25
N VAL C 318 -17.06 10.37 -10.72
CA VAL C 318 -17.46 11.47 -11.57
C VAL C 318 -16.37 12.09 -12.41
N GLY C 319 -15.25 12.37 -11.76
CA GLY C 319 -14.13 13.04 -12.38
C GLY C 319 -12.85 12.35 -11.98
N PRO C 320 -11.79 12.57 -12.72
CA PRO C 320 -10.54 11.84 -12.50
C PRO C 320 -9.97 12.12 -11.15
N THR C 321 -10.20 13.30 -10.62
CA THR C 321 -9.74 13.61 -9.28
C THR C 321 -10.34 12.66 -8.25
N CYS C 322 -11.43 12.00 -8.63
CA CYS C 322 -12.07 10.99 -7.80
C CYS C 322 -11.69 9.56 -8.17
N ASP C 323 -10.77 9.41 -9.13
CA ASP C 323 -10.31 8.09 -9.56
C ASP C 323 -9.76 7.24 -8.42
N GLU C 324 -9.03 7.88 -7.51
CA GLU C 324 -8.39 7.18 -6.40
C GLU C 324 -9.42 6.68 -5.39
N TYR C 325 -10.26 7.61 -4.93
CA TYR C 325 -11.30 7.29 -3.94
C TYR C 325 -12.19 6.15 -4.43
N ALA C 326 -12.59 6.23 -5.70
CA ALA C 326 -13.34 5.15 -6.32
C ALA C 326 -12.62 3.83 -6.10
N GLN C 327 -11.34 3.79 -6.49
CA GLN C 327 -10.53 2.58 -6.34
C GLN C 327 -10.47 2.11 -4.89
N LYS C 328 -10.53 3.05 -3.95
CA LYS C 328 -10.61 2.67 -2.55
C LYS C 328 -11.92 1.93 -2.31
N VAL C 329 -13.03 2.60 -2.63
CA VAL C 329 -14.37 2.09 -2.35
C VAL C 329 -14.54 0.67 -2.89
N ARG C 330 -14.27 0.50 -4.18
CA ARG C 330 -14.36 -0.79 -4.83
C ARG C 330 -13.61 -1.83 -4.02
N GLN C 331 -12.35 -1.54 -3.71
CA GLN C 331 -11.50 -2.48 -2.98
C GLN C 331 -12.18 -2.90 -1.68
N GLN C 332 -12.75 -1.92 -0.97
CA GLN C 332 -13.41 -2.20 0.29
C GLN C 332 -14.58 -3.14 0.06
N PHE C 333 -15.39 -2.82 -0.95
CA PHE C 333 -16.53 -3.66 -1.30
C PHE C 333 -16.05 -5.03 -1.77
N HIS C 334 -14.84 -5.07 -2.32
CA HIS C 334 -14.27 -6.33 -2.75
C HIS C 334 -13.84 -7.16 -1.54
N ASP C 335 -13.43 -6.46 -0.47
CA ASP C 335 -12.96 -7.13 0.73
C ASP C 335 -14.14 -7.57 1.60
N ALA C 336 -15.33 -7.09 1.27
CA ALA C 336 -16.56 -7.48 1.93
C ALA C 336 -17.19 -8.70 1.23
N LYS C 337 -16.45 -9.25 0.27
CA LYS C 337 -16.82 -10.47 -0.47
C LYS C 337 -17.77 -10.26 -1.65
N PHE C 338 -18.18 -9.02 -1.89
CA PHE C 338 -19.03 -8.72 -3.04
C PHE C 338 -18.26 -8.82 -4.35
N MET C 339 -18.98 -8.98 -5.45
CA MET C 339 -18.35 -8.90 -6.75
C MET C 339 -18.46 -7.44 -7.14
N ALA C 340 -17.32 -6.75 -7.12
CA ALA C 340 -17.31 -5.31 -7.27
C ALA C 340 -16.30 -4.91 -8.33
N ASP C 341 -16.78 -4.21 -9.34
CA ASP C 341 -15.94 -3.74 -10.42
C ASP C 341 -15.93 -2.21 -10.42
N ILE C 342 -15.21 -1.63 -11.36
CA ILE C 342 -15.01 -0.18 -11.38
C ILE C 342 -14.88 0.29 -12.82
N ASP C 343 -15.38 1.49 -13.12
CA ASP C 343 -15.21 2.01 -14.48
C ASP C 343 -14.42 3.31 -14.45
N LEU C 344 -13.16 3.25 -14.88
CA LEU C 344 -12.27 4.41 -14.84
C LEU C 344 -12.05 5.16 -16.17
N ASP C 345 -12.65 4.67 -17.26
CA ASP C 345 -12.34 5.18 -18.59
C ASP C 345 -12.59 6.68 -18.66
N PRO C 346 -11.50 7.46 -18.90
CA PRO C 346 -11.59 8.92 -18.90
C PRO C 346 -12.37 9.44 -20.09
N GLY C 347 -12.49 8.61 -21.12
CA GLY C 347 -13.11 9.03 -22.37
C GLY C 347 -14.63 8.94 -22.39
N CYS C 348 -15.23 8.37 -21.34
CA CYS C 348 -16.68 8.21 -21.32
C CYS C 348 -17.34 8.99 -20.19
N THR C 349 -18.55 9.50 -20.45
CA THR C 349 -19.30 10.30 -19.49
C THR C 349 -19.91 9.48 -18.36
N LEU C 350 -20.25 10.17 -17.27
CA LEU C 350 -20.89 9.57 -16.11
C LEU C 350 -22.11 8.74 -16.48
N ASN C 351 -23.16 9.41 -16.96
CA ASN C 351 -24.43 8.77 -17.28
C ASN C 351 -24.32 7.65 -18.31
N LYS C 352 -23.30 7.73 -19.16
CA LYS C 352 -23.02 6.67 -20.12
C LYS C 352 -22.53 5.42 -19.38
N LYS C 353 -21.66 5.63 -18.40
CA LYS C 353 -21.15 4.54 -17.58
C LYS C 353 -22.25 3.92 -16.74
N ILE C 354 -23.13 4.78 -16.20
CA ILE C 354 -24.27 4.31 -15.42
C ILE C 354 -25.22 3.47 -16.28
N ARG C 355 -25.56 3.97 -17.42
CA ARG C 355 -26.43 3.28 -18.34
C ARG C 355 -25.85 2.00 -18.86
N ASN C 356 -24.58 2.00 -19.19
CA ASN C 356 -23.88 0.79 -19.62
C ASN C 356 -23.78 -0.25 -18.51
N ALA C 357 -23.62 0.23 -17.27
CA ALA C 357 -23.58 -0.67 -16.12
C ALA C 357 -24.95 -1.28 -15.88
N GLN C 358 -26.00 -0.51 -16.17
CA GLN C 358 -27.37 -0.99 -16.05
C GLN C 358 -27.71 -2.00 -17.14
N LEU C 359 -27.12 -1.83 -18.32
CA LEU C 359 -27.27 -2.78 -19.41
C LEU C 359 -26.45 -4.03 -19.12
N ALA C 360 -25.37 -3.87 -18.38
CA ALA C 360 -24.53 -4.98 -17.96
C ALA C 360 -25.20 -5.74 -16.81
N GLN C 361 -26.32 -5.21 -16.34
CA GLN C 361 -27.14 -5.81 -15.28
C GLN C 361 -26.46 -5.83 -13.90
N TYR C 362 -25.71 -4.77 -13.59
CA TYR C 362 -25.17 -4.60 -12.25
C TYR C 362 -26.28 -4.19 -11.29
N ASN C 363 -26.43 -4.92 -10.19
CA ASN C 363 -27.46 -4.60 -9.20
C ASN C 363 -27.30 -3.19 -8.65
N PHE C 364 -26.09 -2.89 -8.16
CA PHE C 364 -25.82 -1.60 -7.56
C PHE C 364 -24.69 -0.84 -8.24
N ILE C 365 -24.88 0.47 -8.34
CA ILE C 365 -23.94 1.37 -8.96
C ILE C 365 -23.64 2.49 -7.97
N LEU C 366 -22.37 2.56 -7.55
CA LEU C 366 -21.94 3.56 -6.59
C LEU C 366 -21.25 4.69 -7.31
N VAL C 367 -21.90 5.86 -7.35
CA VAL C 367 -21.35 7.03 -8.01
C VAL C 367 -20.59 7.85 -6.99
N VAL C 368 -19.40 8.30 -7.39
CA VAL C 368 -18.46 8.93 -6.50
C VAL C 368 -17.99 10.26 -7.07
N GLY C 369 -18.01 11.29 -6.22
CA GLY C 369 -17.64 12.63 -6.62
C GLY C 369 -17.07 13.33 -5.41
N GLU C 370 -16.72 14.61 -5.55
CA GLU C 370 -16.09 15.38 -4.48
C GLU C 370 -16.82 15.25 -3.15
N LYS C 371 -18.14 15.44 -3.18
CA LYS C 371 -18.97 15.30 -1.99
C LYS C 371 -18.78 13.93 -1.32
N GLU C 372 -18.88 12.87 -2.12
CA GLU C 372 -18.73 11.51 -1.63
C GLU C 372 -17.31 11.22 -1.13
N LYS C 373 -16.31 11.68 -1.87
CA LYS C 373 -14.92 11.49 -1.50
C LYS C 373 -14.60 12.16 -0.17
N ILE C 374 -15.21 13.33 0.04
CA ILE C 374 -14.96 14.13 1.22
C ILE C 374 -15.70 13.59 2.45
N SER C 375 -16.96 13.21 2.25
CA SER C 375 -17.78 12.73 3.37
C SER C 375 -17.60 11.24 3.61
N GLY C 376 -16.79 10.58 2.79
CA GLY C 376 -16.59 9.16 2.90
C GLY C 376 -17.88 8.41 2.60
N THR C 377 -18.56 8.84 1.53
CA THR C 377 -19.85 8.28 1.18
C THR C 377 -19.90 7.79 -0.27
N VAL C 378 -21.08 7.34 -0.69
CA VAL C 378 -21.34 6.93 -2.07
C VAL C 378 -22.76 7.35 -2.44
N ASN C 379 -23.01 7.59 -3.70
CA ASN C 379 -24.33 7.88 -4.15
C ASN C 379 -24.84 6.71 -4.89
N ILE C 380 -25.90 6.13 -4.39
CA ILE C 380 -26.37 4.83 -4.86
C ILE C 380 -27.44 4.92 -5.94
N ARG C 381 -27.16 4.27 -7.06
CA ARG C 381 -28.09 4.18 -8.17
C ARG C 381 -28.28 2.70 -8.51
N THR C 382 -29.48 2.32 -8.89
CA THR C 382 -29.84 0.92 -9.00
C THR C 382 -29.72 0.49 -10.46
N ARG C 383 -29.88 -0.81 -10.71
CA ARG C 383 -29.94 -1.38 -12.06
C ARG C 383 -31.20 -0.91 -12.76
N ASP C 384 -32.27 -0.75 -11.98
CA ASP C 384 -33.57 -0.35 -12.49
C ASP C 384 -33.67 1.18 -12.50
N ASN C 385 -32.53 1.83 -12.24
CA ASN C 385 -32.38 3.27 -12.35
C ASN C 385 -33.16 4.07 -11.29
N LYS C 386 -33.15 3.54 -10.07
CA LYS C 386 -33.77 4.21 -8.93
C LYS C 386 -32.70 4.90 -8.09
N VAL C 387 -33.04 6.05 -7.51
CA VAL C 387 -32.10 6.80 -6.68
C VAL C 387 -32.28 6.49 -5.19
N HIS C 388 -31.27 5.86 -4.58
CA HIS C 388 -31.29 5.64 -3.14
C HIS C 388 -30.54 6.73 -2.38
N GLY C 389 -29.85 7.59 -3.13
CA GLY C 389 -29.18 8.73 -2.55
C GLY C 389 -27.85 8.42 -1.89
N GLU C 390 -27.42 9.28 -1.00
CA GLU C 390 -26.08 9.25 -0.45
C GLU C 390 -26.03 8.51 0.86
N ARG C 391 -25.05 7.62 1.01
CA ARG C 391 -24.90 6.83 2.23
C ARG C 391 -23.42 6.57 2.54
N THR C 392 -23.10 6.35 3.81
CA THR C 392 -21.73 6.02 4.18
C THR C 392 -21.38 4.60 3.72
N ILE C 393 -20.11 4.39 3.41
CA ILE C 393 -19.61 3.10 2.90
C ILE C 393 -20.01 1.92 3.77
N SER C 394 -19.81 2.07 5.08
CA SER C 394 -20.03 0.98 6.02
C SER C 394 -21.50 0.55 6.13
N GLU C 395 -22.41 1.51 6.08
CA GLU C 395 -23.83 1.18 6.22
C GLU C 395 -24.42 0.51 4.96
N THR C 396 -23.91 0.94 3.83
CA THR C 396 -24.20 0.36 2.54
C THR C 396 -23.63 -1.03 2.35
N ILE C 397 -22.44 -1.25 2.88
CA ILE C 397 -21.78 -2.56 2.90
C ILE C 397 -22.58 -3.47 3.82
N GLU C 398 -23.03 -2.94 4.95
CA GLU C 398 -23.82 -3.69 5.90
C GLU C 398 -25.17 -4.09 5.31
N ARG C 399 -25.85 -3.14 4.69
CA ARG C 399 -27.12 -3.38 4.09
C ARG C 399 -27.10 -4.33 2.95
N LEU C 400 -26.12 -4.20 2.08
CA LEU C 400 -25.86 -5.15 1.00
C LEU C 400 -25.55 -6.53 1.55
N GLN C 401 -24.79 -6.56 2.64
CA GLN C 401 -24.46 -7.81 3.31
C GLN C 401 -25.74 -8.50 3.79
N GLN C 402 -26.66 -7.71 4.34
CA GLN C 402 -27.94 -8.24 4.80
C GLN C 402 -28.72 -8.85 3.64
N LEU C 403 -28.79 -8.11 2.54
CA LEU C 403 -29.54 -8.53 1.37
C LEU C 403 -28.92 -9.79 0.74
N LYS C 404 -27.61 -9.91 0.81
CA LYS C 404 -26.93 -11.11 0.42
C LYS C 404 -27.14 -12.32 1.33
N GLU C 405 -27.10 -12.12 2.64
CA GLU C 405 -27.31 -13.23 3.57
C GLU C 405 -28.69 -13.81 3.46
N PHE C 406 -29.69 -12.97 3.34
CA PHE C 406 -31.09 -13.38 3.32
C PHE C 406 -31.59 -13.70 1.94
N ARG C 407 -30.72 -13.60 0.95
CA ARG C 407 -31.03 -14.00 -0.40
C ARG C 407 -32.29 -13.34 -0.89
N SER C 408 -32.35 -12.04 -0.75
CA SER C 408 -33.58 -11.30 -0.84
C SER C 408 -34.39 -11.30 -2.13
N LYS C 409 -33.77 -11.14 -3.26
CA LYS C 409 -34.48 -11.42 -4.50
C LYS C 409 -35.20 -10.26 -5.15
N GLN C 410 -35.49 -9.26 -4.34
CA GLN C 410 -35.49 -7.89 -4.81
C GLN C 410 -34.59 -7.14 -3.84
N ALA C 411 -33.35 -6.90 -4.22
CA ALA C 411 -32.40 -6.23 -3.34
C ALA C 411 -32.55 -4.73 -3.46
N GLU C 412 -32.72 -4.33 -4.71
CA GLU C 412 -32.61 -2.95 -5.13
C GLU C 412 -33.82 -2.16 -4.66
N GLU C 413 -34.97 -2.82 -4.65
CA GLU C 413 -36.20 -2.22 -4.17
C GLU C 413 -36.28 -2.27 -2.64
N GLU C 414 -35.71 -3.30 -2.05
CA GLU C 414 -35.77 -3.50 -0.60
C GLU C 414 -34.58 -2.89 0.14
N PHE C 415 -33.67 -2.26 -0.61
CA PHE C 415 -32.46 -1.68 -0.02
C PHE C 415 -32.78 -0.68 1.08
N ASP D 14 -0.89 -45.53 7.83
CA ASP D 14 -0.71 -44.59 8.93
C ASP D 14 -1.79 -43.51 8.91
N HIS D 15 -1.86 -42.75 7.81
CA HIS D 15 -2.95 -41.80 7.62
C HIS D 15 -4.25 -42.57 7.41
N ARG D 16 -4.12 -43.82 6.98
CA ARG D 16 -5.26 -44.71 6.82
C ARG D 16 -5.86 -45.10 8.17
N LYS D 17 -4.99 -45.48 9.10
CA LYS D 17 -5.42 -45.88 10.44
C LYS D 17 -6.12 -44.74 11.17
N ILE D 18 -5.55 -43.54 11.07
CA ILE D 18 -6.14 -42.35 11.69
C ILE D 18 -7.42 -41.94 10.96
N GLY D 19 -7.44 -42.15 9.65
CA GLY D 19 -8.61 -41.86 8.85
C GLY D 19 -9.80 -42.71 9.24
N ARG D 20 -9.56 -44.00 9.43
CA ARG D 20 -10.60 -44.92 9.85
C ARG D 20 -10.99 -44.71 11.31
N ASP D 21 -10.00 -44.49 12.17
CA ASP D 21 -10.24 -44.27 13.59
C ASP D 21 -11.03 -42.99 13.88
N GLN D 22 -10.73 -41.93 13.14
CA GLN D 22 -11.42 -40.65 13.31
C GLN D 22 -12.67 -40.59 12.43
N GLU D 23 -12.97 -41.69 11.76
CA GLU D 23 -14.13 -41.79 10.87
C GLU D 23 -14.06 -40.73 9.77
N LEU D 24 -12.88 -40.59 9.19
CA LEU D 24 -12.65 -39.61 8.14
C LEU D 24 -12.92 -40.20 6.76
N TYR D 25 -12.15 -41.22 6.39
CA TYR D 25 -12.35 -41.86 5.09
C TYR D 25 -12.11 -43.37 5.10
N PHE D 26 -12.38 -44.00 3.97
CA PHE D 26 -12.13 -45.43 3.78
C PHE D 26 -12.03 -45.74 2.29
N PHE D 27 -11.48 -46.90 1.96
CA PHE D 27 -11.36 -47.34 0.58
C PHE D 27 -12.12 -48.65 0.39
N HIS D 28 -12.57 -48.89 -0.84
CA HIS D 28 -13.36 -50.09 -1.13
C HIS D 28 -12.82 -50.80 -2.36
N GLU D 29 -12.86 -52.13 -2.34
CA GLU D 29 -12.35 -52.96 -3.43
C GLU D 29 -12.99 -52.62 -4.77
N LEU D 30 -14.24 -52.16 -4.73
CA LEU D 30 -14.98 -51.83 -5.94
C LEU D 30 -14.51 -50.54 -6.63
N SER D 31 -13.74 -49.73 -5.92
CA SER D 31 -13.18 -48.51 -6.50
C SER D 31 -11.76 -48.25 -6.02
N PRO D 32 -10.79 -49.04 -6.50
CA PRO D 32 -9.38 -48.88 -6.11
C PRO D 32 -8.81 -47.59 -6.66
N GLY D 33 -8.02 -46.88 -5.86
CA GLY D 33 -7.42 -45.63 -6.31
C GLY D 33 -8.30 -44.42 -6.11
N SER D 34 -9.51 -44.65 -5.60
CA SER D 34 -10.44 -43.57 -5.30
C SER D 34 -10.81 -43.64 -3.82
N CYS D 35 -11.32 -42.55 -3.27
CA CYS D 35 -11.58 -42.50 -1.84
C CYS D 35 -13.03 -42.19 -1.49
N PHE D 36 -13.51 -42.80 -0.40
CA PHE D 36 -14.80 -42.47 0.18
C PHE D 36 -14.56 -41.54 1.36
N PHE D 37 -15.14 -40.34 1.30
CA PHE D 37 -15.02 -39.42 2.44
C PHE D 37 -16.32 -39.35 3.24
N LEU D 38 -16.25 -39.88 4.47
CA LEU D 38 -17.32 -39.75 5.44
C LEU D 38 -17.44 -38.27 5.80
N PRO D 39 -18.58 -37.85 6.39
CA PRO D 39 -18.85 -36.43 6.64
C PRO D 39 -17.68 -35.65 7.26
N LYS D 40 -17.01 -36.26 8.20
CA LYS D 40 -15.88 -35.67 8.88
C LYS D 40 -14.67 -35.41 8.01
N GLY D 41 -14.40 -36.31 7.09
CA GLY D 41 -13.34 -36.13 6.12
C GLY D 41 -13.74 -35.14 5.04
N ALA D 42 -14.99 -35.24 4.60
CA ALA D 42 -15.54 -34.32 3.62
C ALA D 42 -15.42 -32.89 4.13
N TYR D 43 -15.60 -32.71 5.44
CA TYR D 43 -15.41 -31.41 6.07
C TYR D 43 -14.00 -30.88 5.84
N ILE D 44 -13.00 -31.74 6.01
CA ILE D 44 -11.61 -31.35 5.84
C ILE D 44 -11.31 -30.99 4.38
N TYR D 45 -11.81 -31.84 3.48
CA TYR D 45 -11.70 -31.62 2.05
C TYR D 45 -12.21 -30.22 1.68
N ASN D 46 -13.45 -29.96 2.05
CA ASN D 46 -14.11 -28.70 1.75
C ASN D 46 -13.47 -27.50 2.44
N ALA D 47 -12.96 -27.71 3.65
CA ALA D 47 -12.25 -26.66 4.38
C ALA D 47 -10.99 -26.24 3.63
N LEU D 48 -10.25 -27.23 3.13
CA LEU D 48 -9.07 -26.96 2.32
C LEU D 48 -9.42 -26.19 1.05
N ILE D 49 -10.41 -26.69 0.32
CA ILE D 49 -10.86 -26.01 -0.90
C ILE D 49 -11.25 -24.55 -0.62
N GLU D 50 -12.00 -24.34 0.45
CA GLU D 50 -12.43 -23.00 0.84
C GLU D 50 -11.25 -22.11 1.23
N PHE D 51 -10.23 -22.71 1.85
CA PHE D 51 -8.99 -22.01 2.18
C PHE D 51 -8.36 -21.46 0.90
N ILE D 52 -8.12 -22.37 -0.05
CA ILE D 52 -7.53 -21.99 -1.33
C ILE D 52 -8.36 -20.92 -2.06
N ARG D 53 -9.68 -21.04 -1.99
CA ARG D 53 -10.57 -20.06 -2.63
C ARG D 53 -10.48 -18.68 -1.98
N SER D 54 -10.48 -18.68 -0.65
CA SER D 54 -10.38 -17.46 0.13
C SER D 54 -9.10 -16.74 -0.24
N GLU D 55 -8.02 -17.50 -0.46
CA GLU D 55 -6.78 -16.88 -0.90
C GLU D 55 -6.83 -16.46 -2.39
N TYR D 56 -7.60 -17.18 -3.19
CA TYR D 56 -7.77 -16.85 -4.60
C TYR D 56 -8.42 -15.48 -4.79
N ARG D 57 -9.46 -15.22 -4.02
CA ARG D 57 -10.20 -13.96 -4.11
C ARG D 57 -9.31 -12.74 -3.84
N LYS D 58 -8.30 -12.94 -2.99
CA LYS D 58 -7.37 -11.88 -2.65
C LYS D 58 -6.31 -11.68 -3.74
N ARG D 59 -5.97 -12.79 -4.42
CA ARG D 59 -4.84 -12.80 -5.35
C ARG D 59 -5.15 -12.63 -6.84
N GLY D 60 -6.42 -12.42 -7.17
CA GLY D 60 -6.81 -12.17 -8.54
C GLY D 60 -6.96 -13.43 -9.37
N PHE D 61 -7.36 -14.52 -8.70
CA PHE D 61 -7.61 -15.78 -9.38
C PHE D 61 -9.10 -15.95 -9.62
N GLN D 62 -9.45 -16.42 -10.83
CA GLN D 62 -10.84 -16.61 -11.19
C GLN D 62 -11.16 -18.08 -11.45
N GLU D 63 -12.07 -18.62 -10.64
CA GLU D 63 -12.42 -20.03 -10.72
C GLU D 63 -13.36 -20.30 -11.89
N VAL D 64 -13.19 -21.46 -12.51
CA VAL D 64 -14.05 -21.89 -13.60
C VAL D 64 -14.43 -23.36 -13.43
N VAL D 65 -15.53 -23.76 -14.05
CA VAL D 65 -15.96 -25.16 -14.05
C VAL D 65 -15.82 -25.73 -15.45
N THR D 66 -15.18 -26.89 -15.57
CA THR D 66 -14.86 -27.47 -16.87
C THR D 66 -15.30 -28.93 -16.99
N PRO D 67 -15.57 -29.38 -18.23
CA PRO D 67 -15.97 -30.77 -18.52
C PRO D 67 -14.94 -31.79 -18.05
N ASN D 68 -15.41 -32.96 -17.62
CA ASN D 68 -14.52 -34.04 -17.17
C ASN D 68 -14.12 -35.01 -18.28
N ILE D 69 -14.83 -34.96 -19.41
CA ILE D 69 -14.49 -35.82 -20.55
C ILE D 69 -14.36 -35.01 -21.84
N PHE D 70 -13.42 -35.44 -22.69
CA PHE D 70 -13.19 -34.74 -23.95
C PHE D 70 -12.95 -35.70 -25.11
N ASN D 71 -13.22 -35.21 -26.31
CA ASN D 71 -12.91 -35.94 -27.53
C ASN D 71 -11.40 -36.15 -27.64
N SER D 72 -11.01 -37.27 -28.24
CA SER D 72 -9.59 -37.61 -28.40
C SER D 72 -8.80 -36.57 -29.19
N ARG D 73 -9.49 -35.86 -30.08
CA ARG D 73 -8.87 -34.81 -30.88
C ARG D 73 -8.20 -33.75 -29.99
N LEU D 74 -8.86 -33.42 -28.88
CA LEU D 74 -8.31 -32.48 -27.91
C LEU D 74 -7.00 -33.00 -27.33
N TRP D 75 -6.98 -34.28 -26.97
CA TRP D 75 -5.80 -34.88 -26.35
C TRP D 75 -4.67 -35.10 -27.35
N MET D 76 -5.01 -35.17 -28.63
CA MET D 76 -4.02 -35.22 -29.69
C MET D 76 -3.43 -33.83 -29.87
N THR D 77 -4.29 -32.82 -29.75
CA THR D 77 -3.85 -31.42 -29.84
C THR D 77 -2.93 -31.06 -28.68
N SER D 78 -3.26 -31.50 -27.47
CA SER D 78 -2.49 -31.17 -26.28
C SER D 78 -1.18 -31.96 -26.21
N GLY D 79 -1.19 -33.16 -26.78
CA GLY D 79 -0.02 -34.03 -26.72
C GLY D 79 -0.18 -35.24 -25.82
N HIS D 80 -1.28 -35.28 -25.06
CA HIS D 80 -1.53 -36.36 -24.10
C HIS D 80 -1.70 -37.72 -24.79
N TRP D 81 -2.33 -37.73 -25.93
CA TRP D 81 -2.61 -38.99 -26.58
C TRP D 81 -1.30 -39.59 -26.89
N GLN D 82 -0.43 -38.76 -27.41
CA GLN D 82 0.93 -39.14 -27.71
C GLN D 82 1.80 -39.44 -26.49
N HIS D 83 1.62 -38.68 -25.43
CA HIS D 83 2.40 -38.87 -24.22
C HIS D 83 1.77 -39.61 -23.04
N TYR D 84 0.52 -39.31 -22.74
CA TYR D 84 -0.06 -39.75 -21.49
C TYR D 84 -0.93 -40.96 -21.63
N SER D 85 -0.90 -41.58 -22.79
CA SER D 85 -1.92 -42.51 -23.24
C SER D 85 -2.11 -43.69 -22.34
N GLU D 86 -1.01 -44.15 -21.79
CA GLU D 86 -0.99 -45.25 -20.87
C GLU D 86 -1.81 -44.86 -19.68
N ASN D 87 -1.77 -43.59 -19.33
CA ASN D 87 -2.36 -43.10 -18.11
C ASN D 87 -3.76 -42.59 -18.17
N MET D 88 -4.44 -42.77 -19.27
CA MET D 88 -5.80 -42.27 -19.45
C MET D 88 -6.87 -43.34 -19.62
N PHE D 89 -8.06 -43.05 -19.09
CA PHE D 89 -9.22 -43.91 -19.28
C PHE D 89 -10.00 -43.41 -20.50
N SER D 90 -10.06 -44.24 -21.54
CA SER D 90 -10.75 -43.86 -22.77
C SER D 90 -11.88 -44.82 -23.11
N PHE D 91 -12.86 -44.33 -23.86
CA PHE D 91 -14.01 -45.13 -24.26
C PHE D 91 -14.63 -44.60 -25.54
N GLU D 92 -15.36 -45.46 -26.24
CA GLU D 92 -15.96 -45.10 -27.52
C GLU D 92 -17.40 -44.60 -27.35
N VAL D 93 -17.68 -43.43 -27.91
CA VAL D 93 -19.04 -42.87 -27.88
C VAL D 93 -19.46 -42.46 -29.28
N GLU D 94 -20.51 -43.11 -29.80
CA GLU D 94 -20.95 -42.91 -31.18
C GLU D 94 -19.79 -43.03 -32.16
N LYS D 95 -19.00 -44.10 -31.97
CA LYS D 95 -17.84 -44.39 -32.81
C LYS D 95 -16.77 -43.30 -32.78
N GLU D 96 -16.72 -42.52 -31.70
CA GLU D 96 -15.66 -41.53 -31.52
C GLU D 96 -14.96 -41.74 -30.18
N LEU D 97 -13.66 -41.43 -30.14
CA LEU D 97 -12.87 -41.69 -28.95
C LEU D 97 -12.91 -40.56 -27.93
N PHE D 98 -13.21 -40.90 -26.68
CA PHE D 98 -13.29 -39.92 -25.61
C PHE D 98 -12.45 -40.36 -24.42
N ALA D 99 -12.07 -39.39 -23.58
CA ALA D 99 -11.29 -39.70 -22.39
C ALA D 99 -11.58 -38.76 -21.22
N LEU D 100 -11.50 -39.30 -20.01
CA LEU D 100 -11.55 -38.49 -18.80
C LEU D 100 -10.27 -37.66 -18.73
N LYS D 101 -10.42 -36.40 -18.35
CA LYS D 101 -9.27 -35.50 -18.27
C LYS D 101 -8.32 -35.86 -17.12
N PRO D 102 -7.07 -36.19 -17.49
CA PRO D 102 -6.02 -36.35 -16.47
C PRO D 102 -5.62 -34.98 -15.92
N MET D 103 -5.78 -33.94 -16.74
CA MET D 103 -5.40 -32.58 -16.37
C MET D 103 -6.42 -31.57 -16.92
N ASN D 104 -6.46 -30.37 -16.34
CA ASN D 104 -7.42 -29.35 -16.75
C ASN D 104 -6.93 -28.40 -17.84
N CYS D 105 -5.64 -28.46 -18.15
CA CYS D 105 -4.97 -27.49 -19.03
C CYS D 105 -5.63 -27.23 -20.41
N PRO D 106 -5.90 -28.30 -21.19
CA PRO D 106 -6.43 -28.06 -22.53
C PRO D 106 -7.78 -27.35 -22.55
N GLY D 107 -8.68 -27.75 -21.66
CA GLY D 107 -9.99 -27.11 -21.55
C GLY D 107 -9.83 -25.63 -21.25
N HIS D 108 -8.91 -25.32 -20.35
CA HIS D 108 -8.59 -23.94 -20.02
C HIS D 108 -8.06 -23.17 -21.22
N CYS D 109 -7.29 -23.85 -22.06
CA CYS D 109 -6.82 -23.24 -23.30
C CYS D 109 -8.02 -22.91 -24.20
N LEU D 110 -8.96 -23.84 -24.31
CA LEU D 110 -10.18 -23.60 -25.06
C LEU D 110 -10.92 -22.37 -24.52
N MET D 111 -10.95 -22.25 -23.19
CA MET D 111 -11.60 -21.10 -22.55
C MET D 111 -10.88 -19.78 -22.86
N PHE D 112 -9.55 -19.81 -22.86
CA PHE D 112 -8.77 -18.63 -23.22
C PHE D 112 -9.03 -18.24 -24.67
N ASP D 113 -9.24 -19.23 -25.51
CA ASP D 113 -9.41 -18.99 -26.95
C ASP D 113 -10.88 -18.77 -27.33
N HIS D 114 -11.78 -18.84 -26.34
CA HIS D 114 -13.20 -18.65 -26.60
C HIS D 114 -13.51 -17.30 -27.25
N ARG D 115 -12.89 -16.23 -26.75
CA ARG D 115 -13.03 -14.91 -27.35
C ARG D 115 -11.65 -14.31 -27.57
N PRO D 116 -11.55 -13.34 -28.49
CA PRO D 116 -10.28 -12.61 -28.64
C PRO D 116 -9.92 -11.87 -27.36
N ARG D 117 -8.66 -12.01 -26.94
CA ARG D 117 -8.19 -11.38 -25.71
C ARG D 117 -7.10 -10.40 -26.07
N SER D 118 -6.89 -9.41 -25.19
CA SER D 118 -5.87 -8.42 -25.42
C SER D 118 -4.92 -8.36 -24.23
N TRP D 119 -3.97 -7.45 -24.31
CA TRP D 119 -3.09 -7.17 -23.23
C TRP D 119 -4.06 -6.49 -22.37
N ARG D 120 -3.74 -6.39 -21.12
CA ARG D 120 -4.54 -5.58 -20.24
C ARG D 120 -5.63 -6.42 -19.69
N GLU D 121 -5.75 -7.61 -20.25
CA GLU D 121 -6.49 -8.69 -19.69
C GLU D 121 -5.51 -9.66 -19.11
N LEU D 122 -4.26 -9.26 -19.05
CA LEU D 122 -3.18 -10.10 -18.64
C LEU D 122 -2.54 -9.47 -17.46
N PRO D 123 -2.12 -10.26 -16.49
CA PRO D 123 -2.24 -11.73 -16.53
C PRO D 123 -3.67 -12.24 -16.27
N LEU D 124 -4.04 -13.33 -16.94
CA LEU D 124 -5.34 -13.96 -16.74
C LEU D 124 -5.15 -15.29 -16.02
N ARG D 125 -5.62 -15.37 -14.78
CA ARG D 125 -5.43 -16.54 -13.96
C ARG D 125 -6.72 -17.34 -13.81
N LEU D 126 -6.73 -18.55 -14.36
CA LEU D 126 -7.92 -19.39 -14.27
C LEU D 126 -7.70 -20.57 -13.33
N ALA D 127 -8.57 -20.71 -12.34
CA ALA D 127 -8.47 -21.77 -11.36
C ALA D 127 -9.56 -22.84 -11.55
N ASP D 128 -9.18 -24.11 -11.41
CA ASP D 128 -10.13 -25.20 -11.55
C ASP D 128 -9.91 -26.29 -10.50
N PHE D 129 -10.96 -26.63 -9.77
CA PHE D 129 -10.92 -27.66 -8.75
C PHE D 129 -11.40 -29.02 -9.27
N GLY D 130 -11.62 -29.11 -10.58
CA GLY D 130 -12.24 -30.27 -11.19
C GLY D 130 -11.57 -31.60 -10.90
N VAL D 131 -12.33 -32.68 -11.06
CA VAL D 131 -11.85 -34.02 -10.75
C VAL D 131 -10.97 -34.55 -11.88
N LEU D 132 -9.74 -34.88 -11.55
CA LEU D 132 -8.82 -35.50 -12.49
C LEU D 132 -8.74 -37.01 -12.27
N HIS D 133 -8.75 -37.76 -13.37
CA HIS D 133 -8.58 -39.20 -13.33
C HIS D 133 -7.29 -39.61 -14.04
N ARG D 134 -6.49 -40.44 -13.39
CA ARG D 134 -5.29 -40.97 -14.01
C ARG D 134 -5.19 -42.47 -13.78
N ASN D 135 -4.70 -43.19 -14.78
CA ASN D 135 -4.62 -44.63 -14.68
C ASN D 135 -3.27 -45.01 -14.10
N GLU D 136 -3.31 -45.52 -12.87
CA GLU D 136 -2.11 -45.93 -12.16
C GLU D 136 -2.29 -47.37 -11.73
N LEU D 137 -1.21 -48.15 -11.73
CA LEU D 137 -1.28 -49.58 -11.48
C LEU D 137 -1.90 -49.92 -10.11
N SER D 138 -2.56 -51.06 -10.04
CA SER D 138 -3.26 -51.49 -8.83
C SER D 138 -2.30 -51.80 -7.69
N GLY D 139 -1.17 -52.42 -8.03
CA GLY D 139 -0.15 -52.74 -7.04
C GLY D 139 0.51 -51.47 -6.51
N ALA D 140 0.42 -50.40 -7.29
CA ALA D 140 1.02 -49.12 -6.92
C ALA D 140 0.16 -48.32 -5.94
N LEU D 141 -1.13 -48.63 -5.91
CA LEU D 141 -2.08 -47.82 -5.14
C LEU D 141 -1.89 -47.94 -3.63
N THR D 142 -1.64 -46.82 -2.98
CA THR D 142 -1.57 -46.74 -1.53
C THR D 142 -2.29 -45.51 -1.00
N GLY D 143 -3.35 -45.72 -0.22
CA GLY D 143 -4.03 -44.63 0.46
C GLY D 143 -4.39 -43.43 -0.40
N LEU D 144 -4.20 -42.25 0.16
CA LEU D 144 -4.48 -40.99 -0.54
C LEU D 144 -3.25 -40.39 -1.21
N THR D 145 -2.09 -41.03 -1.03
CA THR D 145 -0.85 -40.52 -1.61
C THR D 145 -0.76 -40.87 -3.09
N ARG D 146 -1.11 -42.11 -3.42
CA ARG D 146 -1.12 -42.58 -4.80
C ARG D 146 -2.52 -43.00 -5.20
N VAL D 147 -3.14 -42.26 -6.11
CA VAL D 147 -4.56 -42.42 -6.38
C VAL D 147 -4.95 -42.41 -7.86
N ARG D 148 -6.12 -42.97 -8.15
CA ARG D 148 -6.69 -42.93 -9.49
C ARG D 148 -7.43 -41.64 -9.80
N ARG D 149 -8.17 -41.11 -8.83
CA ARG D 149 -8.84 -39.82 -9.00
C ARG D 149 -8.43 -38.87 -7.88
N PHE D 150 -8.38 -37.60 -8.20
CA PHE D 150 -8.02 -36.58 -7.22
C PHE D 150 -8.50 -35.21 -7.66
N GLN D 151 -8.59 -34.27 -6.72
CA GLN D 151 -8.87 -32.89 -7.10
C GLN D 151 -7.67 -32.00 -6.76
N GLN D 152 -6.98 -31.55 -7.80
CA GLN D 152 -5.89 -30.58 -7.70
C GLN D 152 -6.36 -29.20 -7.42
N ASP D 153 -5.59 -28.39 -6.76
CA ASP D 153 -5.85 -26.98 -6.77
C ASP D 153 -5.19 -26.35 -7.98
N ASP D 154 -5.63 -26.69 -9.17
CA ASP D 154 -5.05 -26.21 -10.41
C ASP D 154 -5.31 -24.78 -10.77
N ALA D 155 -4.31 -24.09 -11.25
CA ALA D 155 -4.53 -22.85 -11.89
C ALA D 155 -3.54 -22.66 -13.02
N HIS D 156 -3.95 -21.94 -14.02
CA HIS D 156 -3.10 -21.61 -15.16
C HIS D 156 -3.05 -20.09 -15.32
N ILE D 157 -1.82 -19.57 -15.43
CA ILE D 157 -1.63 -18.16 -15.63
C ILE D 157 -1.26 -17.86 -17.07
N PHE D 158 -2.03 -16.96 -17.70
CA PHE D 158 -1.73 -16.52 -19.04
C PHE D 158 -1.16 -15.11 -18.96
N CYS D 159 0.13 -14.97 -19.26
CA CYS D 159 0.75 -13.66 -19.16
C CYS D 159 1.69 -13.39 -20.33
N ALA D 160 2.06 -12.12 -20.49
CA ALA D 160 3.08 -11.75 -21.43
C ALA D 160 4.41 -12.13 -20.86
N MET D 161 5.42 -12.28 -21.72
CA MET D 161 6.77 -12.66 -21.23
C MET D 161 7.28 -11.67 -20.16
N GLU D 162 7.13 -10.37 -20.46
CA GLU D 162 7.59 -9.32 -19.56
C GLU D 162 6.89 -9.37 -18.19
N GLN D 163 5.80 -10.13 -18.12
CA GLN D 163 5.05 -10.30 -16.89
C GLN D 163 5.43 -11.53 -16.05
N ILE D 164 6.35 -12.37 -16.52
CA ILE D 164 6.65 -13.61 -15.79
C ILE D 164 7.16 -13.39 -14.36
N GLU D 165 8.21 -12.59 -14.23
CA GLU D 165 8.87 -12.34 -12.95
C GLU D 165 7.88 -12.04 -11.82
N ASP D 166 7.08 -11.02 -12.02
CA ASP D 166 6.11 -10.61 -11.04
C ASP D 166 5.09 -11.68 -10.73
N GLU D 167 4.66 -12.36 -11.75
CA GLU D 167 3.73 -13.48 -11.58
C GLU D 167 4.34 -14.64 -10.81
N ILE D 168 5.65 -14.83 -10.96
CA ILE D 168 6.35 -15.85 -10.20
C ILE D 168 6.50 -15.40 -8.75
N LYS D 169 6.85 -14.13 -8.56
CA LYS D 169 7.00 -13.57 -7.22
C LYS D 169 5.72 -13.80 -6.44
N GLY D 170 4.61 -13.35 -7.02
CA GLY D 170 3.29 -13.61 -6.47
C GLY D 170 3.07 -15.08 -6.15
N CYS D 171 3.41 -15.95 -7.10
CA CYS D 171 3.28 -17.38 -6.89
C CYS D 171 4.04 -17.79 -5.63
N LEU D 172 5.27 -17.33 -5.49
CA LEU D 172 6.09 -17.65 -4.34
C LEU D 172 5.50 -17.08 -3.05
N ASP D 173 4.81 -15.95 -3.17
CA ASP D 173 4.17 -15.35 -2.01
C ASP D 173 2.96 -16.18 -1.60
N PHE D 174 2.36 -16.87 -2.58
CA PHE D 174 1.17 -17.67 -2.34
C PHE D 174 1.54 -18.85 -1.44
N LEU D 175 2.50 -19.64 -1.89
CA LEU D 175 3.00 -20.80 -1.16
C LEU D 175 3.37 -20.38 0.26
N ARG D 176 4.24 -19.36 0.32
CA ARG D 176 4.75 -18.83 1.57
C ARG D 176 3.61 -18.54 2.53
N THR D 177 2.49 -18.03 2.00
CA THR D 177 1.33 -17.78 2.85
C THR D 177 0.67 -19.09 3.27
N VAL D 178 0.29 -19.90 2.28
CA VAL D 178 -0.49 -21.12 2.52
C VAL D 178 0.24 -22.04 3.50
N TYR D 179 1.48 -22.38 3.17
CA TYR D 179 2.29 -23.23 4.02
C TYR D 179 2.50 -22.62 5.41
N SER D 180 2.57 -21.29 5.48
CA SER D 180 2.76 -20.63 6.76
C SER D 180 1.55 -20.84 7.67
N VAL D 181 0.39 -21.11 7.05
CA VAL D 181 -0.81 -21.42 7.82
C VAL D 181 -0.75 -22.88 8.30
N PHE D 182 -0.11 -23.74 7.50
CA PHE D 182 0.05 -25.15 7.89
C PHE D 182 1.24 -25.33 8.83
N GLY D 183 2.10 -24.32 8.91
CA GLY D 183 3.29 -24.41 9.71
C GLY D 183 4.34 -25.28 9.05
N PHE D 184 4.46 -25.16 7.74
CA PHE D 184 5.40 -25.97 6.97
C PHE D 184 6.61 -25.17 6.52
N SER D 185 7.78 -25.80 6.61
CA SER D 185 8.99 -25.29 5.99
C SER D 185 9.10 -25.95 4.63
N PHE D 186 9.60 -25.21 3.65
CA PHE D 186 9.71 -25.73 2.30
C PHE D 186 11.08 -25.44 1.70
N LYS D 187 11.44 -26.16 0.66
CA LYS D 187 12.63 -25.90 -0.10
C LYS D 187 12.33 -25.88 -1.59
N LEU D 188 13.09 -25.11 -2.33
CA LEU D 188 12.81 -24.79 -3.72
C LEU D 188 13.93 -25.27 -4.63
N ASN D 189 13.58 -25.68 -5.84
CA ASN D 189 14.60 -25.96 -6.85
C ASN D 189 14.20 -25.55 -8.27
N LEU D 190 15.14 -24.95 -8.98
CA LEU D 190 14.93 -24.50 -10.34
C LEU D 190 15.45 -25.54 -11.33
N SER D 191 14.55 -26.13 -12.10
CA SER D 191 14.91 -27.03 -13.17
C SER D 191 14.85 -26.28 -14.51
N THR D 192 15.97 -26.28 -15.23
CA THR D 192 16.15 -25.44 -16.40
C THR D 192 16.24 -26.24 -17.71
N ARG D 193 16.53 -25.53 -18.80
CA ARG D 193 16.45 -26.11 -20.15
C ARG D 193 17.27 -27.39 -20.33
N PRO D 194 16.57 -28.48 -20.69
CA PRO D 194 17.15 -29.79 -21.01
C PRO D 194 17.83 -29.82 -22.37
N GLU D 195 18.64 -30.85 -22.62
CA GLU D 195 19.32 -31.03 -23.90
C GLU D 195 18.37 -30.93 -25.07
N LYS D 196 17.44 -31.87 -25.13
CA LYS D 196 16.43 -31.87 -26.17
C LYS D 196 15.26 -31.06 -25.64
N PHE D 197 15.05 -29.90 -26.25
CA PHE D 197 14.05 -28.95 -25.78
C PHE D 197 13.31 -28.35 -26.94
N LEU D 198 12.06 -27.96 -26.70
CA LEU D 198 11.23 -27.39 -27.75
C LEU D 198 11.15 -25.87 -27.60
N GLY D 199 11.17 -25.17 -28.74
CA GLY D 199 11.03 -23.73 -28.74
C GLY D 199 12.32 -22.97 -29.01
N ASP D 200 12.22 -21.66 -29.09
CA ASP D 200 13.38 -20.83 -29.32
C ASP D 200 14.13 -20.56 -28.02
N ILE D 201 15.45 -20.68 -28.07
CA ILE D 201 16.27 -20.59 -26.86
C ILE D 201 16.31 -19.18 -26.26
N GLU D 202 16.09 -18.17 -27.09
CA GLU D 202 16.04 -16.79 -26.61
C GLU D 202 14.90 -16.61 -25.62
N VAL D 203 13.77 -17.25 -25.93
CA VAL D 203 12.60 -17.25 -25.06
C VAL D 203 12.92 -17.95 -23.73
N TRP D 204 13.62 -19.08 -23.83
CA TRP D 204 14.06 -19.83 -22.66
C TRP D 204 14.93 -18.98 -21.74
N ASP D 205 15.91 -18.30 -22.31
CA ASP D 205 16.81 -17.43 -21.56
C ASP D 205 16.02 -16.29 -20.91
N GLN D 206 15.13 -15.69 -21.70
CA GLN D 206 14.28 -14.59 -21.24
C GLN D 206 13.42 -14.99 -20.04
N ALA D 207 12.92 -16.22 -20.06
CA ALA D 207 12.09 -16.72 -18.96
C ALA D 207 12.94 -17.07 -17.73
N GLU D 208 14.02 -17.81 -17.96
CA GLU D 208 14.88 -18.28 -16.88
C GLU D 208 15.55 -17.13 -16.12
N LYS D 209 15.85 -16.04 -16.81
CA LYS D 209 16.39 -14.87 -16.14
C LYS D 209 15.43 -14.35 -15.08
N GLN D 210 14.17 -14.17 -15.49
CA GLN D 210 13.13 -13.70 -14.57
C GLN D 210 12.89 -14.69 -13.44
N LEU D 211 12.96 -15.98 -13.76
CA LEU D 211 12.82 -17.02 -12.74
C LEU D 211 13.90 -16.89 -11.66
N GLU D 212 15.15 -16.80 -12.10
CA GLU D 212 16.28 -16.60 -11.18
C GLU D 212 16.11 -15.32 -10.36
N ASN D 213 15.65 -14.27 -11.02
CA ASN D 213 15.42 -12.99 -10.36
C ASN D 213 14.38 -13.09 -9.24
N SER D 214 13.27 -13.75 -9.54
CA SER D 214 12.20 -13.94 -8.56
C SER D 214 12.68 -14.81 -7.40
N LEU D 215 13.39 -15.88 -7.72
CA LEU D 215 13.92 -16.79 -6.72
C LEU D 215 14.89 -16.07 -5.78
N ASN D 216 15.76 -15.24 -6.35
CA ASN D 216 16.73 -14.47 -5.59
C ASN D 216 16.07 -13.36 -4.76
N GLU D 217 15.01 -12.78 -5.30
CA GLU D 217 14.30 -11.69 -4.65
C GLU D 217 13.50 -12.24 -3.48
N PHE D 218 13.06 -13.49 -3.62
CA PHE D 218 12.28 -14.17 -2.59
C PHE D 218 13.10 -14.35 -1.33
N GLY D 219 14.40 -14.61 -1.51
CA GLY D 219 15.33 -14.64 -0.39
C GLY D 219 15.43 -15.95 0.37
N GLU D 220 14.95 -17.03 -0.24
CA GLU D 220 15.10 -18.35 0.36
C GLU D 220 16.14 -19.15 -0.42
N LYS D 221 16.90 -19.99 0.29
CA LYS D 221 17.90 -20.84 -0.34
C LYS D 221 17.24 -21.72 -1.41
N TRP D 222 17.77 -21.67 -2.63
CA TRP D 222 17.23 -22.49 -3.70
C TRP D 222 18.32 -23.20 -4.49
N GLU D 223 18.01 -24.41 -4.94
CA GLU D 223 18.95 -25.25 -5.66
C GLU D 223 18.71 -25.17 -7.16
N LEU D 224 19.80 -25.10 -7.93
CA LEU D 224 19.69 -25.09 -9.38
C LEU D 224 19.94 -26.48 -9.95
N ASN D 225 18.92 -27.09 -10.53
CA ASN D 225 19.11 -28.34 -11.25
C ASN D 225 19.11 -28.03 -12.75
N SER D 226 20.29 -28.10 -13.36
CA SER D 226 20.44 -27.71 -14.76
C SER D 226 20.11 -28.86 -15.70
N GLY D 227 19.29 -28.57 -16.70
CA GLY D 227 18.87 -29.56 -17.68
C GLY D 227 17.85 -30.55 -17.16
N ASP D 228 17.33 -30.30 -15.96
CA ASP D 228 16.34 -31.19 -15.35
C ASP D 228 14.90 -30.75 -15.62
N GLY D 229 14.75 -29.66 -16.38
CA GLY D 229 13.43 -29.15 -16.71
C GLY D 229 12.75 -29.92 -17.83
N ALA D 230 11.47 -29.65 -18.02
CA ALA D 230 10.70 -30.29 -19.09
C ALA D 230 11.04 -29.68 -20.45
N PHE D 231 10.80 -30.44 -21.51
CA PHE D 231 11.08 -29.99 -22.87
C PHE D 231 10.19 -28.83 -23.29
N TYR D 232 9.04 -28.68 -22.64
CA TYR D 232 8.08 -27.64 -22.99
C TYR D 232 8.21 -26.36 -22.15
N GLY D 233 9.09 -26.37 -21.15
CA GLY D 233 9.35 -25.20 -20.34
C GLY D 233 10.15 -25.44 -19.08
N PRO D 234 10.72 -24.37 -18.51
CA PRO D 234 11.46 -24.41 -17.23
C PRO D 234 10.50 -24.50 -16.06
N LYS D 235 10.97 -24.96 -14.90
CA LYS D 235 10.06 -25.14 -13.77
C LYS D 235 10.70 -24.88 -12.40
N ILE D 236 9.85 -24.56 -11.43
CA ILE D 236 10.26 -24.46 -10.03
C ILE D 236 9.49 -25.48 -9.21
N ASP D 237 10.22 -26.31 -8.47
CA ASP D 237 9.59 -27.34 -7.65
C ASP D 237 9.72 -27.01 -6.16
N ILE D 238 8.70 -27.38 -5.39
CA ILE D 238 8.63 -27.05 -3.97
C ILE D 238 8.30 -28.28 -3.11
N GLN D 239 9.19 -28.58 -2.16
CA GLN D 239 8.98 -29.68 -1.23
C GLN D 239 8.69 -29.14 0.16
N ILE D 240 7.65 -29.66 0.81
CA ILE D 240 7.32 -29.24 2.17
C ILE D 240 7.88 -30.21 3.22
N LYS D 241 8.23 -29.69 4.36
CA LYS D 241 8.72 -30.51 5.43
C LYS D 241 7.73 -30.64 6.54
N ASP D 242 7.36 -31.86 6.86
CA ASP D 242 6.44 -32.16 7.94
C ASP D 242 7.15 -32.09 9.29
N ALA D 243 6.41 -32.15 10.38
CA ALA D 243 6.95 -31.96 11.73
C ALA D 243 8.04 -32.98 12.06
N ILE D 244 7.94 -34.18 11.49
CA ILE D 244 8.92 -35.24 11.72
C ILE D 244 10.21 -34.92 10.98
N GLY D 245 10.12 -34.08 9.95
CA GLY D 245 11.27 -33.68 9.17
C GLY D 245 11.35 -34.33 7.80
N ARG D 246 10.29 -35.05 7.43
CA ARG D 246 10.23 -35.69 6.12
C ARG D 246 9.75 -34.73 5.03
N TYR D 247 10.25 -34.93 3.80
CA TYR D 247 9.90 -34.06 2.70
C TYR D 247 8.87 -34.63 1.74
N HIS D 248 8.00 -33.77 1.24
CA HIS D 248 6.95 -34.16 0.32
C HIS D 248 6.92 -33.17 -0.85
N GLN D 249 7.12 -33.67 -2.05
CA GLN D 249 7.02 -32.83 -3.24
C GLN D 249 5.54 -32.47 -3.35
N CYS D 250 5.24 -31.17 -3.34
CA CYS D 250 3.84 -30.77 -3.34
C CYS D 250 3.51 -29.72 -4.40
N ALA D 251 4.13 -28.56 -4.26
CA ALA D 251 3.83 -27.42 -5.11
C ALA D 251 4.72 -27.37 -6.34
N THR D 252 4.16 -26.92 -7.45
CA THR D 252 4.98 -26.66 -8.63
C THR D 252 4.53 -25.44 -9.43
N ILE D 253 5.52 -24.81 -10.05
CA ILE D 253 5.35 -23.69 -10.97
C ILE D 253 6.08 -24.06 -12.26
N GLN D 254 5.32 -24.26 -13.32
CA GLN D 254 5.84 -24.86 -14.55
C GLN D 254 5.48 -24.02 -15.78
N LEU D 255 6.49 -23.52 -16.48
CA LEU D 255 6.22 -22.73 -17.69
C LEU D 255 5.97 -23.63 -18.89
N ASP D 256 5.06 -23.20 -19.77
CA ASP D 256 4.70 -23.92 -20.97
C ASP D 256 4.67 -22.94 -22.13
N PHE D 257 5.62 -23.11 -23.06
CA PHE D 257 5.63 -22.40 -24.33
C PHE D 257 4.97 -23.22 -25.43
N GLN D 258 4.78 -24.50 -25.17
CA GLN D 258 4.31 -25.42 -26.19
C GLN D 258 2.80 -25.31 -26.38
N LEU D 259 2.10 -25.32 -25.26
CA LEU D 259 0.64 -25.28 -25.21
C LEU D 259 0.01 -24.11 -25.98
N PRO D 260 0.57 -22.88 -25.87
CA PRO D 260 0.00 -21.81 -26.69
C PRO D 260 0.16 -22.02 -28.21
N ILE D 261 1.23 -22.70 -28.63
CA ILE D 261 1.45 -22.99 -30.04
C ILE D 261 0.42 -23.99 -30.57
N ARG D 262 0.18 -25.04 -29.79
CA ARG D 262 -0.78 -26.08 -30.15
C ARG D 262 -2.19 -25.53 -30.35
N PHE D 263 -2.68 -24.76 -29.38
CA PHE D 263 -4.03 -24.24 -29.42
C PHE D 263 -4.11 -22.89 -30.13
N ASN D 264 -2.98 -22.42 -30.64
CA ASN D 264 -2.92 -21.17 -31.39
C ASN D 264 -3.47 -20.00 -30.60
N LEU D 265 -3.06 -19.88 -29.34
CA LEU D 265 -3.50 -18.80 -28.49
C LEU D 265 -2.77 -17.52 -28.85
N THR D 266 -3.51 -16.41 -28.88
CA THR D 266 -2.92 -15.12 -29.23
C THR D 266 -3.55 -13.99 -28.41
N TYR D 267 -2.82 -12.89 -28.28
CA TYR D 267 -3.37 -11.69 -27.66
C TYR D 267 -2.87 -10.45 -28.38
N VAL D 268 -3.58 -9.34 -28.20
CA VAL D 268 -3.23 -8.08 -28.83
C VAL D 268 -2.42 -7.24 -27.84
N SER D 269 -1.15 -6.99 -28.15
CA SER D 269 -0.26 -6.28 -27.24
C SER D 269 -0.58 -4.78 -27.19
N HIS D 270 0.17 -4.05 -26.37
CA HIS D 270 -0.07 -2.63 -26.15
C HIS D 270 0.22 -1.80 -27.40
N ASP D 271 1.27 -2.18 -28.13
CA ASP D 271 1.60 -1.52 -29.40
C ASP D 271 0.56 -1.85 -30.46
N GLY D 272 -0.17 -2.94 -30.25
CA GLY D 272 -1.18 -3.38 -31.19
C GLY D 272 -0.77 -4.58 -32.03
N ASP D 273 0.34 -5.23 -31.66
CA ASP D 273 0.77 -6.45 -32.35
C ASP D 273 -0.33 -7.51 -32.33
N ASP D 274 -0.55 -8.13 -33.47
CA ASP D 274 -1.66 -9.07 -33.67
C ASP D 274 -1.39 -10.48 -33.14
N LYS D 275 -0.17 -10.98 -33.37
CA LYS D 275 0.13 -12.42 -33.26
C LYS D 275 0.75 -12.92 -31.95
N LYS D 276 0.92 -12.05 -30.95
CA LYS D 276 1.66 -12.41 -29.73
C LYS D 276 1.09 -13.62 -28.97
N ARG D 277 1.95 -14.60 -28.71
CA ARG D 277 1.58 -15.76 -27.90
C ARG D 277 1.64 -15.42 -26.43
N PRO D 278 0.80 -16.07 -25.62
CA PRO D 278 0.99 -15.92 -24.17
C PRO D 278 1.99 -16.96 -23.69
N VAL D 279 2.35 -16.90 -22.40
CA VAL D 279 3.13 -17.95 -21.78
C VAL D 279 2.20 -18.61 -20.79
N ILE D 280 2.15 -19.95 -20.79
CA ILE D 280 1.26 -20.59 -19.84
C ILE D 280 2.01 -20.98 -18.57
N VAL D 281 1.44 -20.69 -17.41
CA VAL D 281 2.05 -21.15 -16.16
C VAL D 281 1.12 -22.15 -15.48
N HIS D 282 1.53 -23.42 -15.52
CA HIS D 282 0.86 -24.47 -14.76
C HIS D 282 1.27 -24.27 -13.32
N ARG D 283 0.30 -24.18 -12.43
CA ARG D 283 0.60 -23.82 -11.06
C ARG D 283 -0.28 -24.57 -10.06
N ALA D 284 0.37 -25.15 -9.06
CA ALA D 284 -0.37 -25.84 -7.98
C ALA D 284 0.38 -25.79 -6.65
N ILE D 285 -0.38 -25.79 -5.56
CA ILE D 285 0.18 -25.64 -4.21
C ILE D 285 -0.04 -26.89 -3.35
N LEU D 286 -1.29 -27.22 -3.10
CA LEU D 286 -1.64 -28.41 -2.32
C LEU D 286 -1.30 -29.70 -3.05
N GLY D 287 -0.92 -29.60 -4.33
CA GLY D 287 -0.90 -30.78 -5.17
C GLY D 287 -2.36 -31.17 -5.33
N SER D 288 -2.72 -32.37 -4.89
CA SER D 288 -4.12 -32.75 -4.82
C SER D 288 -4.62 -32.59 -3.39
N VAL D 289 -5.90 -32.24 -3.24
CA VAL D 289 -6.55 -32.16 -1.94
C VAL D 289 -6.36 -33.47 -1.16
N GLU D 290 -6.49 -34.59 -1.87
CA GLU D 290 -6.30 -35.92 -1.30
C GLU D 290 -4.93 -36.07 -0.64
N ARG D 291 -3.87 -35.84 -1.42
CA ARG D 291 -2.50 -35.96 -0.96
C ARG D 291 -2.25 -35.07 0.25
N MET D 292 -2.76 -33.84 0.18
CA MET D 292 -2.62 -32.89 1.29
C MET D 292 -3.29 -33.41 2.55
N ILE D 293 -4.46 -34.03 2.39
CA ILE D 293 -5.17 -34.63 3.52
C ILE D 293 -4.39 -35.79 4.12
N ALA D 294 -3.80 -36.64 3.29
CA ALA D 294 -2.95 -37.72 3.78
C ALA D 294 -1.80 -37.16 4.61
N ILE D 295 -1.04 -36.24 4.01
CA ILE D 295 0.11 -35.62 4.65
C ILE D 295 -0.25 -34.92 5.98
N LEU D 296 -1.34 -34.17 5.99
CA LEU D 296 -1.80 -33.47 7.19
C LEU D 296 -2.27 -34.44 8.26
N THR D 297 -2.91 -35.54 7.83
CA THR D 297 -3.37 -36.57 8.73
C THR D 297 -2.18 -37.15 9.46
N GLU D 298 -1.14 -37.48 8.76
CA GLU D 298 0.09 -37.91 9.39
C GLU D 298 0.79 -36.86 10.22
N ASN D 299 0.77 -35.63 9.77
CA ASN D 299 1.55 -34.55 10.38
C ASN D 299 0.96 -34.06 11.72
N TYR D 300 -0.35 -33.92 11.77
CA TYR D 300 -1.01 -33.44 12.98
C TYR D 300 -1.21 -34.57 14.00
N GLY D 301 -1.08 -35.81 13.54
CA GLY D 301 -1.25 -36.96 14.39
C GLY D 301 -2.66 -37.09 14.92
N GLY D 302 -3.64 -36.84 14.06
CA GLY D 302 -5.03 -36.90 14.46
C GLY D 302 -5.47 -35.69 15.26
N LYS D 303 -4.52 -34.82 15.63
CA LYS D 303 -4.85 -33.64 16.41
C LYS D 303 -4.96 -32.45 15.47
N TRP D 304 -6.19 -32.03 15.20
CA TRP D 304 -6.45 -31.08 14.14
C TRP D 304 -6.49 -29.64 14.61
N PRO D 305 -5.90 -28.74 13.82
CA PRO D 305 -6.07 -27.31 14.11
C PRO D 305 -7.56 -27.00 14.04
N PHE D 306 -8.02 -26.12 14.91
CA PHE D 306 -9.43 -25.83 15.11
C PHE D 306 -10.21 -25.58 13.81
N TRP D 307 -9.63 -24.83 12.89
CA TRP D 307 -10.29 -24.46 11.65
C TRP D 307 -10.48 -25.64 10.70
N LEU D 308 -9.59 -26.62 10.80
CA LEU D 308 -9.64 -27.82 9.96
C LEU D 308 -10.37 -28.97 10.65
N SER D 309 -10.74 -28.76 11.90
CA SER D 309 -11.17 -29.87 12.76
C SER D 309 -12.60 -30.33 12.52
N PRO D 310 -12.77 -31.63 12.27
CA PRO D 310 -14.09 -32.25 12.14
C PRO D 310 -14.84 -32.21 13.46
N ARG D 311 -14.12 -32.34 14.57
CA ARG D 311 -14.75 -32.18 15.88
C ARG D 311 -14.17 -30.94 16.55
N GLN D 312 -14.92 -29.85 16.48
CA GLN D 312 -14.55 -28.58 17.09
C GLN D 312 -15.00 -28.40 18.53
N VAL D 313 -16.23 -28.81 18.80
CA VAL D 313 -16.89 -28.53 20.07
C VAL D 313 -17.64 -29.75 20.59
N MET D 314 -17.46 -30.04 21.87
CA MET D 314 -18.20 -31.12 22.54
C MET D 314 -18.90 -30.51 23.75
N VAL D 315 -20.22 -30.50 23.76
CA VAL D 315 -20.93 -30.01 24.94
C VAL D 315 -21.32 -31.15 25.88
N VAL D 316 -21.01 -30.97 27.16
CA VAL D 316 -21.37 -31.96 28.16
C VAL D 316 -22.15 -31.31 29.30
N PRO D 317 -23.25 -31.96 29.73
CA PRO D 317 -24.00 -31.63 30.94
C PRO D 317 -23.35 -32.25 32.17
N VAL D 318 -23.56 -31.64 33.34
CA VAL D 318 -23.13 -32.26 34.58
C VAL D 318 -24.15 -33.33 34.97
N GLY D 319 -25.42 -33.04 34.73
CA GLY D 319 -26.51 -33.93 35.06
C GLY D 319 -27.73 -33.64 34.21
N PRO D 320 -28.74 -34.53 34.25
CA PRO D 320 -29.96 -34.48 33.44
C PRO D 320 -30.69 -33.14 33.50
N THR D 321 -30.68 -32.50 34.67
CA THR D 321 -31.31 -31.19 34.84
C THR D 321 -30.69 -30.13 33.92
N CYS D 322 -29.44 -30.34 33.53
CA CYS D 322 -28.78 -29.45 32.57
C CYS D 322 -28.78 -29.95 31.12
N ASP D 323 -29.44 -31.08 30.86
CA ASP D 323 -29.50 -31.67 29.52
C ASP D 323 -30.12 -30.74 28.48
N GLU D 324 -31.04 -29.88 28.91
CA GLU D 324 -31.77 -28.98 28.02
C GLU D 324 -30.86 -27.84 27.56
N TYR D 325 -30.41 -27.04 28.51
CA TYR D 325 -29.47 -25.94 28.29
C TYR D 325 -28.31 -26.40 27.42
N ALA D 326 -27.71 -27.53 27.80
CA ALA D 326 -26.61 -28.13 27.05
C ALA D 326 -26.90 -28.26 25.57
N GLN D 327 -28.10 -28.76 25.24
CA GLN D 327 -28.50 -28.91 23.85
C GLN D 327 -28.63 -27.54 23.22
N LYS D 328 -29.29 -26.63 23.94
CA LYS D 328 -29.49 -25.26 23.45
C LYS D 328 -28.15 -24.68 23.04
N VAL D 329 -27.22 -24.68 23.98
CA VAL D 329 -25.86 -24.23 23.74
C VAL D 329 -25.28 -24.87 22.48
N ARG D 330 -25.41 -26.18 22.38
CA ARG D 330 -24.90 -26.92 21.22
C ARG D 330 -25.45 -26.28 19.97
N GLN D 331 -26.78 -26.13 19.95
CA GLN D 331 -27.46 -25.57 18.79
C GLN D 331 -26.87 -24.21 18.47
N GLN D 332 -26.64 -23.41 19.51
CA GLN D 332 -26.14 -22.06 19.33
C GLN D 332 -24.75 -22.05 18.70
N PHE D 333 -23.94 -23.06 19.04
CA PHE D 333 -22.62 -23.17 18.45
C PHE D 333 -22.71 -23.79 17.06
N HIS D 334 -23.78 -24.56 16.85
CA HIS D 334 -23.98 -25.23 15.58
C HIS D 334 -24.45 -24.24 14.52
N ASP D 335 -25.30 -23.30 14.93
CA ASP D 335 -25.81 -22.26 14.04
C ASP D 335 -24.74 -21.22 13.70
N ALA D 336 -23.64 -21.26 14.44
CA ALA D 336 -22.50 -20.37 14.20
C ALA D 336 -21.53 -21.01 13.21
N LYS D 337 -21.96 -22.13 12.63
CA LYS D 337 -21.23 -22.86 11.59
C LYS D 337 -20.15 -23.82 12.12
N PHE D 338 -19.99 -23.86 13.44
CA PHE D 338 -19.05 -24.80 14.05
C PHE D 338 -19.55 -26.23 14.00
N MET D 339 -18.63 -27.18 14.10
CA MET D 339 -19.00 -28.58 14.18
C MET D 339 -19.13 -28.89 15.67
N ALA D 340 -20.36 -29.09 16.13
CA ALA D 340 -20.61 -29.22 17.56
C ALA D 340 -21.42 -30.46 17.88
N ASP D 341 -20.84 -31.33 18.70
CA ASP D 341 -21.53 -32.53 19.13
C ASP D 341 -21.84 -32.40 20.62
N ILE D 342 -22.53 -33.39 21.16
CA ILE D 342 -23.02 -33.34 22.52
C ILE D 342 -22.95 -34.72 23.14
N ASP D 343 -22.71 -34.81 24.44
CA ASP D 343 -22.66 -36.13 25.09
C ASP D 343 -23.75 -36.21 26.17
N LEU D 344 -24.81 -36.96 25.90
CA LEU D 344 -25.96 -37.06 26.80
C LEU D 344 -26.06 -38.31 27.69
N ASP D 345 -25.14 -39.26 27.54
CA ASP D 345 -25.28 -40.55 28.22
C ASP D 345 -25.37 -40.37 29.74
N PRO D 346 -26.54 -40.74 30.31
CA PRO D 346 -26.77 -40.60 31.75
C PRO D 346 -25.91 -41.57 32.56
N GLY D 347 -25.40 -42.60 31.89
CA GLY D 347 -24.62 -43.63 32.55
C GLY D 347 -23.12 -43.37 32.58
N CYS D 348 -22.69 -42.26 32.01
CA CYS D 348 -21.27 -41.92 32.04
C CYS D 348 -21.02 -40.62 32.81
N THR D 349 -19.96 -40.62 33.61
CA THR D 349 -19.62 -39.47 34.45
C THR D 349 -19.04 -38.31 33.65
N LEU D 350 -19.09 -37.12 34.25
CA LEU D 350 -18.55 -35.90 33.66
C LEU D 350 -17.13 -36.07 33.12
N ASN D 351 -16.19 -36.30 34.02
CA ASN D 351 -14.77 -36.39 33.67
C ASN D 351 -14.44 -37.52 32.71
N LYS D 352 -15.25 -38.57 32.72
CA LYS D 352 -15.09 -39.65 31.74
C LYS D 352 -15.44 -39.14 30.33
N LYS D 353 -16.51 -38.36 30.24
CA LYS D 353 -16.93 -37.75 28.98
C LYS D 353 -15.90 -36.75 28.48
N ILE D 354 -15.44 -35.88 29.39
CA ILE D 354 -14.41 -34.89 29.09
C ILE D 354 -13.15 -35.58 28.56
N ARG D 355 -12.74 -36.64 29.27
CA ARG D 355 -11.57 -37.43 28.88
C ARG D 355 -11.75 -38.06 27.50
N ASN D 356 -12.89 -38.72 27.29
CA ASN D 356 -13.21 -39.34 26.00
C ASN D 356 -13.23 -38.32 24.87
N ALA D 357 -13.66 -37.10 25.18
CA ALA D 357 -13.73 -36.03 24.21
C ALA D 357 -12.33 -35.56 23.85
N GLN D 358 -11.46 -35.53 24.86
CA GLN D 358 -10.06 -35.15 24.64
C GLN D 358 -9.31 -36.24 23.88
N LEU D 359 -9.76 -37.48 24.01
CA LEU D 359 -9.19 -38.60 23.25
C LEU D 359 -9.72 -38.62 21.82
N ALA D 360 -10.95 -38.14 21.65
CA ALA D 360 -11.57 -38.04 20.34
C ALA D 360 -11.06 -36.78 19.65
N GLN D 361 -10.19 -36.06 20.36
CA GLN D 361 -9.49 -34.89 19.84
C GLN D 361 -10.39 -33.69 19.55
N TYR D 362 -11.40 -33.48 20.38
CA TYR D 362 -12.22 -32.27 20.28
C TYR D 362 -11.43 -31.07 20.79
N ASN D 363 -11.32 -30.03 19.95
CA ASN D 363 -10.58 -28.83 20.29
C ASN D 363 -11.13 -28.16 21.54
N PHE D 364 -12.45 -28.09 21.64
CA PHE D 364 -13.08 -27.43 22.77
C PHE D 364 -14.14 -28.31 23.42
N ILE D 365 -14.13 -28.33 24.74
CA ILE D 365 -15.14 -29.02 25.52
C ILE D 365 -15.87 -28.01 26.41
N LEU D 366 -17.16 -27.79 26.10
CA LEU D 366 -17.98 -26.87 26.87
C LEU D 366 -18.76 -27.64 27.92
N VAL D 367 -18.42 -27.41 29.19
CA VAL D 367 -19.11 -28.08 30.29
C VAL D 367 -20.16 -27.14 30.87
N VAL D 368 -21.36 -27.67 31.09
CA VAL D 368 -22.47 -26.84 31.57
C VAL D 368 -23.16 -27.41 32.81
N GLY D 369 -23.06 -26.66 33.91
CA GLY D 369 -23.67 -27.04 35.17
C GLY D 369 -24.85 -26.16 35.53
N GLU D 370 -25.26 -26.22 36.79
CA GLU D 370 -26.32 -25.36 37.30
C GLU D 370 -25.88 -23.91 37.26
N LYS D 371 -24.63 -23.67 37.66
CA LYS D 371 -24.04 -22.33 37.63
C LYS D 371 -23.98 -21.79 36.21
N GLU D 372 -23.60 -22.66 35.27
CA GLU D 372 -23.51 -22.27 33.86
C GLU D 372 -24.90 -21.98 33.29
N LYS D 373 -25.87 -22.81 33.65
CA LYS D 373 -27.24 -22.65 33.18
C LYS D 373 -27.85 -21.35 33.70
N ILE D 374 -27.59 -21.05 34.97
CA ILE D 374 -28.12 -19.85 35.61
C ILE D 374 -27.43 -18.58 35.11
N SER D 375 -26.12 -18.65 34.92
CA SER D 375 -25.34 -17.49 34.49
C SER D 375 -25.46 -17.23 32.99
N GLY D 376 -25.98 -18.22 32.26
CA GLY D 376 -26.04 -18.13 30.81
C GLY D 376 -24.64 -18.22 30.25
N THR D 377 -23.86 -19.14 30.80
CA THR D 377 -22.45 -19.28 30.45
C THR D 377 -22.08 -20.72 30.15
N VAL D 378 -20.81 -20.92 29.81
CA VAL D 378 -20.25 -22.26 29.66
C VAL D 378 -18.87 -22.28 30.32
N ASN D 379 -18.47 -23.45 30.80
CA ASN D 379 -17.12 -23.62 31.33
C ASN D 379 -16.23 -24.22 30.25
N ILE D 380 -15.27 -23.44 29.78
CA ILE D 380 -14.41 -23.86 28.68
C ILE D 380 -13.23 -24.70 29.16
N ARG D 381 -13.20 -25.93 28.66
CA ARG D 381 -12.10 -26.87 28.84
C ARG D 381 -11.56 -27.09 27.44
N THR D 382 -10.29 -27.50 27.34
CA THR D 382 -9.69 -27.71 26.03
C THR D 382 -9.19 -29.14 25.87
N ARG D 383 -8.91 -29.52 24.64
CA ARG D 383 -8.36 -30.82 24.29
C ARG D 383 -7.12 -31.20 25.10
N ASP D 384 -6.37 -30.21 25.52
CA ASP D 384 -5.14 -30.43 26.20
C ASP D 384 -5.32 -30.38 27.69
N ASN D 385 -6.58 -30.31 28.10
CA ASN D 385 -6.96 -30.33 29.52
C ASN D 385 -6.48 -29.09 30.27
N LYS D 386 -6.47 -27.96 29.57
CA LYS D 386 -6.28 -26.67 30.21
C LYS D 386 -7.67 -26.10 30.48
N VAL D 387 -7.83 -25.39 31.56
CA VAL D 387 -9.14 -24.87 31.82
C VAL D 387 -9.12 -23.38 31.61
N HIS D 388 -9.95 -22.88 30.73
CA HIS D 388 -10.00 -21.45 30.52
C HIS D 388 -11.13 -20.82 31.27
N GLY D 389 -11.93 -21.62 31.95
CA GLY D 389 -12.95 -21.06 32.79
C GLY D 389 -14.30 -20.66 32.25
N GLU D 390 -15.09 -20.16 33.18
CA GLU D 390 -16.47 -19.77 33.00
C GLU D 390 -16.50 -18.65 32.01
N ARG D 391 -17.41 -18.68 31.06
CA ARG D 391 -17.49 -17.58 30.13
C ARG D 391 -18.83 -17.43 29.51
N THR D 392 -19.10 -16.25 29.00
CA THR D 392 -20.38 -16.14 28.29
C THR D 392 -20.30 -16.95 27.01
N ILE D 393 -21.46 -17.41 26.56
CA ILE D 393 -21.56 -18.12 25.29
C ILE D 393 -21.19 -17.19 24.14
N SER D 394 -21.70 -15.95 24.20
CA SER D 394 -21.51 -14.97 23.14
C SER D 394 -20.03 -14.71 22.87
N GLU D 395 -19.31 -14.33 23.92
CA GLU D 395 -17.88 -14.06 23.85
C GLU D 395 -17.10 -15.27 23.31
N THR D 396 -17.42 -16.45 23.85
CA THR D 396 -16.80 -17.70 23.42
C THR D 396 -16.97 -17.91 21.91
N ILE D 397 -18.17 -17.70 21.41
CA ILE D 397 -18.46 -17.83 19.99
C ILE D 397 -17.69 -16.80 19.16
N GLU D 398 -17.69 -15.54 19.59
CA GLU D 398 -16.94 -14.50 18.91
C GLU D 398 -15.47 -14.87 18.75
N ARG D 399 -14.85 -15.26 19.86
CA ARG D 399 -13.44 -15.67 19.86
C ARG D 399 -13.19 -16.89 18.98
N LEU D 400 -14.05 -17.90 19.09
CA LEU D 400 -13.93 -19.10 18.25
C LEU D 400 -14.03 -18.77 16.76
N GLN D 401 -14.89 -17.83 16.42
CA GLN D 401 -15.05 -17.37 15.05
C GLN D 401 -13.78 -16.67 14.59
N GLN D 402 -13.20 -15.87 15.47
CA GLN D 402 -11.91 -15.23 15.19
C GLN D 402 -10.85 -16.28 14.90
N LEU D 403 -10.78 -17.31 15.75
CA LEU D 403 -9.80 -18.37 15.63
C LEU D 403 -10.02 -19.22 14.38
N LYS D 404 -11.26 -19.34 13.97
CA LYS D 404 -11.57 -19.95 12.69
C LYS D 404 -11.15 -19.14 11.47
N GLU D 405 -11.36 -17.84 11.53
CA GLU D 405 -11.03 -16.96 10.42
C GLU D 405 -9.53 -16.87 10.15
N PHE D 406 -8.75 -16.59 11.19
CA PHE D 406 -7.30 -16.47 11.06
C PHE D 406 -6.62 -17.82 10.85
N ARG D 407 -7.40 -18.89 11.02
CA ARG D 407 -6.89 -20.27 10.94
C ARG D 407 -5.74 -20.47 11.93
N SER D 408 -6.01 -20.15 13.19
CA SER D 408 -5.03 -20.25 14.26
C SER D 408 -4.47 -21.66 14.43
N LYS D 409 -3.15 -21.74 14.50
CA LYS D 409 -2.42 -22.98 14.74
C LYS D 409 -2.57 -23.60 16.12
N GLN D 410 -2.56 -22.79 17.17
CA GLN D 410 -3.01 -23.19 18.48
C GLN D 410 -4.19 -22.31 18.84
N ALA D 411 -5.39 -22.86 18.71
CA ALA D 411 -6.60 -22.14 19.07
C ALA D 411 -6.88 -22.28 20.56
N GLU D 412 -6.52 -23.44 21.10
CA GLU D 412 -6.77 -23.75 22.50
C GLU D 412 -5.82 -22.99 23.41
N GLU D 413 -4.60 -22.76 22.93
CA GLU D 413 -3.62 -21.98 23.69
C GLU D 413 -3.81 -20.46 23.54
N GLU D 414 -4.26 -20.04 22.37
CA GLU D 414 -4.45 -18.63 22.03
C GLU D 414 -5.80 -18.08 22.43
N PHE D 415 -6.69 -18.96 22.80
CA PHE D 415 -8.06 -18.57 23.13
C PHE D 415 -8.14 -17.44 24.16
C1 2CR E . -1.26 37.73 5.17
C2 2CR E . -1.57 36.65 6.14
C3 2CR E . -1.11 35.38 5.51
C4 2CR E . -0.94 35.62 4.03
C5 2CR E . -1.05 37.10 3.82
C6 2CR E . -2.34 38.74 4.98
C7 2CR E . -1.69 39.40 3.80
C8 2CR E . -1.71 40.88 3.81
C9 2CR E . -0.64 41.66 3.84
C10 2CR E . -1.09 43.03 3.82
C11 2CR E . -0.52 44.23 3.86
C12 2CR E . 0.69 44.51 3.97
C13 2CR E . -1.50 45.35 3.77
C14 2CR E . -1.41 46.11 5.06
C15 2CR E . -2.42 47.21 5.10
C16 2CR E . -1.56 45.20 6.26
C17 2CR E . -1.83 46.04 7.48
C18 2CR E . -0.56 46.73 7.89
C19 2CR E . -2.30 45.19 8.64
C20 2CR E . -3.59 44.47 8.33
C21 2CR E . -4.76 45.33 8.69
C22 2CR E . -3.56 43.20 9.14
C23 2CR E . -4.86 42.44 9.11
C24 2CR E . -5.06 41.93 10.51
C25 2CR E . -4.84 41.25 8.19
C26 2CR E . -3.46 40.83 7.85
C27 2CR E . -3.51 39.96 6.66
O28 2CR E . -4.54 39.61 6.18
O29 2CR E . -2.29 39.54 6.11
C30 2CR E . -0.77 36.86 7.36
O31 2CR E . 0.43 37.05 7.28
O32 2CR E . -1.40 36.82 8.41
O33 2CR E . -1.22 46.18 2.67
O34 2CR E . -5.45 41.57 6.97
N35 2CR E . 1.77 44.86 4.08
ZN ZN F . 2.25 39.56 2.05
C1 2CR G . 32.54 32.82 17.75
C2 2CR G . 32.94 33.80 16.70
C3 2CR G . 32.87 33.09 15.39
C4 2CR G . 32.62 31.64 15.67
C5 2CR G . 32.68 31.45 17.16
C6 2CR G . 33.36 32.85 18.99
C7 2CR G . 32.83 31.59 19.62
C8 2CR G . 32.53 31.73 21.07
C9 2CR G . 31.36 31.62 21.67
C10 2CR G . 31.47 31.80 23.09
C11 2CR G . 30.62 31.78 24.11
C12 2CR G . 29.37 31.62 24.11
C13 2CR G . 31.36 32.00 25.38
C14 2CR G . 30.95 33.31 26.00
C15 2CR G . 31.72 33.49 27.28
C16 2CR G . 31.22 34.46 25.06
C17 2CR G . 30.84 35.74 25.76
C18 2CR G . 29.36 35.79 25.95
C19 2CR G . 31.30 36.93 24.96
C20 2CR G . 32.74 36.83 24.50
C21 2CR G . 33.68 37.48 25.47
C22 2CR G . 32.80 37.53 23.17
C23 2CR G . 34.19 37.71 22.65
C24 2CR G . 34.16 38.95 21.79
C25 2CR G . 34.68 36.57 21.81
C26 2CR G . 33.55 35.98 21.02
C27 2CR G . 33.96 34.81 20.21
O28 2CR G . 35.08 34.60 19.91
O29 2CR G . 32.95 33.92 19.78
C30 2CR G . 31.89 34.81 16.68
O31 2CR G . 32.20 35.99 16.61
O32 2CR G . 30.73 34.44 16.76
O33 2CR G . 31.10 30.96 26.29
O34 2CR G . 35.12 35.58 22.70
N35 2CR G . 28.22 31.50 24.21
ZN ZN H . 29.39 29.04 19.06
C1 2CR I . -33.33 -40.11 -9.11
C2 2CR I . -33.54 -39.19 -10.28
C3 2CR I . -33.39 -37.80 -9.73
C4 2CR I . -33.64 -37.89 -8.24
C5 2CR I . -33.66 -39.34 -7.88
C6 2CR I . -34.17 -41.34 -9.12
C7 2CR I . -33.70 -42.02 -7.85
C8 2CR I . -33.66 -43.51 -7.97
C9 2CR I . -32.59 -44.24 -7.73
C10 2CR I . -32.82 -45.65 -7.88
C11 2CR I . -32.01 -46.71 -7.88
C12 2CR I . -30.76 -46.71 -7.74
C13 2CR I . -32.76 -47.98 -8.06
C14 2CR I . -32.36 -48.67 -9.32
C15 2CR I . -32.95 -50.06 -9.35
C16 2CR I . -32.83 -47.88 -10.51
C17 2CR I . -32.35 -48.50 -11.80
C18 2CR I . -30.89 -48.81 -11.71
C19 2CR I . -32.60 -47.52 -12.91
C20 2CR I . -34.02 -47.03 -12.89
C21 2CR I . -34.89 -48.00 -13.65
C22 2CR I . -34.05 -45.70 -13.58
C23 2CR I . -35.45 -45.16 -13.74
C24 2CR I . -35.55 -44.45 -15.07
C25 2CR I . -35.79 -44.17 -12.67
C26 2CR I . -34.53 -43.62 -12.06
C27 2CR I . -34.84 -42.64 -10.99
O28 2CR I . -35.96 -42.29 -10.78
O29 2CR I . -33.79 -42.11 -10.21
C30 2CR I . -32.54 -39.42 -11.33
O31 2CR I . -32.90 -39.41 -12.51
O32 2CR I . -31.38 -39.64 -11.01
O33 2CR I . -32.51 -48.84 -6.98
O34 2CR I . -36.49 -44.86 -11.69
N35 2CR I . -29.62 -46.75 -7.61
ZN ZN J . -30.43 -41.57 -5.37
C1 2CR K . 1.49 -30.66 -13.82
C2 2CR K . 1.63 -31.61 -12.67
C3 2CR K . 1.23 -30.84 -11.45
C4 2CR K . 0.77 -29.48 -11.91
C5 2CR K . 1.33 -29.27 -13.28
C6 2CR K . 2.56 -30.63 -14.86
C7 2CR K . 1.94 -29.52 -15.68
C8 2CR K . 2.12 -29.64 -17.16
C9 2CR K . 1.19 -29.44 -18.06
C10 2CR K . 1.70 -29.60 -19.40
C11 2CR K . 1.13 -29.75 -20.58
C12 2CR K . -0.10 -29.80 -20.81
C13 2CR K . 2.10 -29.84 -21.69
C14 2CR K . 2.04 -31.20 -22.32
C15 2CR K . 3.33 -31.50 -23.01
C16 2CR K . 1.79 -32.26 -21.27
C17 2CR K . 2.28 -33.57 -21.77
C18 2CR K . 1.28 -34.17 -22.72
C19 2CR K . 2.44 -34.53 -20.63
C20 2CR K . 3.76 -34.40 -19.93
C21 2CR K . 4.86 -34.86 -20.84
C22 2CR K . 3.70 -35.30 -18.72
C23 2CR K . 4.98 -35.31 -17.93
C24 2CR K . 4.97 -36.56 -17.09
C25 2CR K . 5.13 -34.09 -17.06
C26 2CR K . 3.82 -33.83 -16.35
C27 2CR K . 3.81 -32.50 -15.70
O28 2CR K . 4.81 -32.00 -15.32
O29 2CR K . 2.57 -31.85 -15.52
C30 2CR K . 0.77 -32.81 -12.85
O31 2CR K . 1.33 -33.90 -12.90
O32 2CR K . -0.46 -32.72 -12.92
O33 2CR K . 1.83 -28.84 -22.66
O34 2CR K . 5.46 -33.01 -17.89
N35 2CR K . -1.22 -29.85 -21.09
ZN ZN L . -1.62 -27.49 -15.92
#